data_9I5L
#
_entry.id   9I5L
#
_cell.length_a   1.00
_cell.length_b   1.00
_cell.length_c   1.00
_cell.angle_alpha   90.00
_cell.angle_beta   90.00
_cell.angle_gamma   90.00
#
_symmetry.space_group_name_H-M   'P 1'
#
loop_
_entity.id
_entity.type
_entity.pdbx_description
1 polymer 'Dolichyl-phosphate-mannose--protein mannosyltransferase'
2 non-polymer 'dolichol-phosphate-mannose (n=2)'
3 non-polymer 'dolichol-phosphate (n=4)'
#
_entity_poly.entity_id   1
_entity_poly.type   'polypeptide(L)'
_entity_poly.pdbx_seq_one_letter_code
;MSGSPAPQGALRQRIVASTPKKTKESKDGAASDAELDKLVKEAAAAKAPAGSERDYKIAFAIITALAFLTRFWGISHPDQ
VVFDEVHFGKFASYYLQRTYFFDVHPPLGKLLFAFMGWLVGYDGHFHFDNIGDPYVINKVPYVAFRALPAILGSLTVSVV
FLIMWESGYSLPACILASGLVLLDNAHIGQTRLILLDATLVFAMACSLLCYIKFYKLRHEPFSRKWWKWLILTGFALSCD
ISTKYVGLFAFITIGSAVCIDLWDLLNINRPKGALTLPQFGKHFAARAFGLIFMPFMFYLFWFQVHFSILTRSGPGDDFM
TPEFQETLSDNIMLANAVTIDYWDTITIKHKETKAYLHSHPDRYPLRYDDGRVSSQGQQVTGYPFNDTNNWWQILPAGPF
EEPKLGRHVKHRDLVRLRHVGTDTYLLSHDVASPYYPTNQEFTTVSFNEAYGDRAADTLFEVRIEHGKPGQEFKSISSHF
KLIHNPSKVAMWTHPTPLPDWGHRQQEINGNKQIAPSSNVWLVEDIVSLPADHKRREKPERKVKTLPFLRKWFELQRSMF
WHNNQLTASHPYASLPYQWPFLLRGVSFWTNSETRQQIYFLGNPVGWWIASSVLAIYVGIVLADQFSLRRGIDALDHRTR
SRLYNSTGFFFLAWATHYFPFFVMGRQLFLHHYLPAHLASTLVTGALVEFIFSPEAPEHEIAAQQAKSSSSGKRGGVAMK
RHITARERFAGQSLMGSWIATAVILALVAWSWWFFLPLTYGYPGMSVQQVLRRKWLGYDLHFAKLEVLFQGPGSHHHHHH
HHHH
;
_entity_poly.pdbx_strand_id   A,B
#
# COMPACT_ATOMS: atom_id res chain seq x y z
N PRO A 49 50.21 0.26 12.22
CA PRO A 49 50.20 -0.79 13.24
C PRO A 49 50.77 -2.12 12.74
N ALA A 50 50.13 -3.22 13.09
CA ALA A 50 50.59 -4.54 12.68
C ALA A 50 49.39 -5.46 12.56
N GLY A 51 49.67 -6.74 12.26
CA GLY A 51 48.63 -7.74 12.13
C GLY A 51 49.02 -9.08 12.71
N SER A 52 48.18 -9.62 13.59
CA SER A 52 48.43 -10.89 14.25
C SER A 52 47.14 -11.33 14.93
N GLU A 53 47.11 -12.60 15.36
CA GLU A 53 45.91 -13.13 16.00
C GLU A 53 45.63 -12.41 17.31
N ARG A 54 46.68 -12.04 18.04
CA ARG A 54 46.49 -11.27 19.26
C ARG A 54 45.85 -9.92 18.97
N ASP A 55 46.29 -9.25 17.90
CA ASP A 55 45.67 -7.98 17.52
C ASP A 55 44.22 -8.18 17.10
N TYR A 56 43.93 -9.27 16.39
CA TYR A 56 42.56 -9.58 16.03
C TYR A 56 41.69 -9.74 17.29
N LYS A 57 42.20 -10.48 18.28
CA LYS A 57 41.44 -10.71 19.50
C LYS A 57 41.23 -9.42 20.27
N ILE A 58 42.27 -8.58 20.34
CA ILE A 58 42.15 -7.30 21.04
C ILE A 58 41.09 -6.43 20.38
N ALA A 59 41.14 -6.34 19.05
CA ALA A 59 40.16 -5.54 18.31
C ALA A 59 38.76 -6.09 18.51
N PHE A 60 38.61 -7.41 18.49
CA PHE A 60 37.29 -8.01 18.70
C PHE A 60 36.76 -7.72 20.08
N ALA A 61 37.60 -7.82 21.11
CA ALA A 61 37.16 -7.52 22.46
C ALA A 61 36.75 -6.06 22.61
N ILE A 62 37.55 -5.15 22.05
CA ILE A 62 37.22 -3.73 22.15
C ILE A 62 35.92 -3.43 21.41
N ILE A 63 35.75 -4.02 20.21
CA ILE A 63 34.53 -3.78 19.45
C ILE A 63 33.32 -4.29 20.20
N THR A 64 33.41 -5.48 20.79
CA THR A 64 32.29 -6.01 21.56
C THR A 64 31.98 -5.15 22.77
N ALA A 65 33.02 -4.68 23.47
CA ALA A 65 32.80 -3.82 24.64
C ALA A 65 32.11 -2.52 24.26
N LEU A 66 32.57 -1.89 23.17
CA LEU A 66 31.93 -0.65 22.74
C LEU A 66 30.52 -0.91 22.21
N ALA A 67 30.26 -2.07 21.61
CA ALA A 67 28.90 -2.40 21.21
C ALA A 67 27.97 -2.49 22.40
N PHE A 68 28.40 -3.22 23.43
CA PHE A 68 27.58 -3.33 24.64
C PHE A 68 27.42 -1.97 25.32
N LEU A 69 28.43 -1.11 25.25
CA LEU A 69 28.30 0.22 25.80
C LEU A 69 27.27 1.06 25.05
N THR A 70 27.37 1.09 23.73
CA THR A 70 26.49 1.97 22.95
C THR A 70 25.05 1.48 22.95
N ARG A 71 24.83 0.16 22.91
CA ARG A 71 23.46 -0.34 22.88
C ARG A 71 22.77 -0.18 24.22
N PHE A 72 23.51 -0.24 25.33
CA PHE A 72 22.92 -0.22 26.66
C PHE A 72 22.92 1.15 27.31
N TRP A 73 23.68 2.11 26.79
CA TRP A 73 23.79 3.42 27.42
C TRP A 73 22.45 4.15 27.34
N GLY A 74 21.89 4.51 28.48
CA GLY A 74 20.64 5.23 28.51
C GLY A 74 19.48 4.44 27.92
N ILE A 75 19.43 3.14 28.21
CA ILE A 75 18.40 2.28 27.63
C ILE A 75 17.03 2.58 28.23
N SER A 76 16.97 3.11 29.44
CA SER A 76 15.71 3.33 30.14
C SER A 76 15.24 4.78 30.05
N HIS A 77 15.90 5.62 29.27
CA HIS A 77 15.53 7.03 29.23
C HIS A 77 14.12 7.29 28.72
N PRO A 78 13.68 6.74 27.58
CA PRO A 78 12.34 7.09 27.09
C PRO A 78 11.26 6.73 28.08
N ASP A 79 11.48 5.72 28.92
CA ASP A 79 10.65 5.30 30.06
C ASP A 79 9.18 5.55 29.81
N GLN A 80 8.71 5.13 28.65
CA GLN A 80 7.34 5.34 28.20
C GLN A 80 7.12 4.42 27.01
N VAL A 81 5.86 4.08 26.77
CA VAL A 81 5.55 3.20 25.65
C VAL A 81 5.72 3.98 24.35
N VAL A 82 6.39 3.35 23.38
CA VAL A 82 6.91 4.07 22.22
C VAL A 82 6.30 3.40 20.99
N PHE A 83 6.70 3.84 19.80
CA PHE A 83 6.07 3.60 18.50
C PHE A 83 5.37 2.25 18.34
N ASP A 84 6.08 1.13 18.50
CA ASP A 84 5.43 -0.18 18.41
C ASP A 84 5.72 -1.05 19.62
N GLU A 85 6.15 -0.47 20.74
CA GLU A 85 6.25 -1.26 21.95
C GLU A 85 4.88 -1.72 22.43
N VAL A 86 3.81 -1.06 21.96
CA VAL A 86 2.47 -1.38 22.43
C VAL A 86 2.13 -2.83 22.13
N HIS A 87 2.12 -3.19 20.86
CA HIS A 87 1.65 -4.51 20.44
C HIS A 87 2.53 -5.62 21.00
N PHE A 88 3.84 -5.47 20.87
CA PHE A 88 4.73 -6.55 21.29
C PHE A 88 4.75 -6.69 22.81
N GLY A 89 4.66 -5.59 23.55
CA GLY A 89 4.52 -5.69 24.98
C GLY A 89 3.21 -6.34 25.38
N LYS A 90 2.12 -6.00 24.70
CA LYS A 90 0.85 -6.65 24.93
C LYS A 90 0.96 -8.15 24.77
N PHE A 91 1.60 -8.59 23.68
CA PHE A 91 1.67 -10.02 23.40
C PHE A 91 2.61 -10.73 24.37
N ALA A 92 3.72 -10.09 24.74
CA ALA A 92 4.58 -10.69 25.75
C ALA A 92 3.86 -10.86 27.08
N SER A 93 3.07 -9.85 27.46
CA SER A 93 2.30 -9.97 28.69
C SER A 93 1.26 -11.07 28.57
N TYR A 94 0.58 -11.17 27.43
CA TYR A 94 -0.42 -12.21 27.27
C TYR A 94 0.23 -13.59 27.36
N TYR A 95 1.46 -13.72 26.85
CA TYR A 95 2.21 -14.95 27.06
C TYR A 95 2.41 -15.21 28.54
N LEU A 96 2.60 -14.15 29.32
CA LEU A 96 2.90 -14.36 30.74
C LEU A 96 1.67 -14.82 31.52
N GLN A 97 0.49 -14.33 31.17
CA GLN A 97 -0.74 -14.76 31.82
C GLN A 97 -1.41 -15.93 31.11
N ARG A 98 -0.78 -16.48 30.08
CA ARG A 98 -1.22 -17.68 29.38
C ARG A 98 -2.57 -17.51 28.69
N THR A 99 -3.03 -16.27 28.55
CA THR A 99 -4.29 -16.00 27.86
C THR A 99 -4.06 -15.98 26.36
N TYR A 100 -4.94 -16.65 25.62
CA TYR A 100 -4.76 -16.76 24.19
C TYR A 100 -4.97 -15.42 23.50
N PHE A 101 -4.21 -15.20 22.44
CA PHE A 101 -4.37 -14.00 21.63
C PHE A 101 -4.02 -14.35 20.18
N PHE A 102 -4.17 -13.37 19.30
CA PHE A 102 -3.93 -13.55 17.88
C PHE A 102 -2.99 -12.47 17.38
N ASP A 103 -2.00 -12.86 16.59
CA ASP A 103 -1.07 -11.93 15.98
C ASP A 103 -0.74 -12.42 14.58
N VAL A 104 -0.29 -11.49 13.74
CA VAL A 104 0.08 -11.84 12.37
C VAL A 104 1.54 -12.24 12.25
N HIS A 105 2.34 -12.02 13.26
CA HIS A 105 3.76 -12.36 13.20
C HIS A 105 4.02 -13.74 13.79
N PRO A 106 5.07 -14.40 13.33
CA PRO A 106 5.46 -15.66 13.94
C PRO A 106 5.89 -15.43 15.39
N PRO A 107 5.73 -16.43 16.24
CA PRO A 107 5.74 -16.15 17.68
C PRO A 107 7.10 -15.94 18.33
N LEU A 108 8.20 -16.34 17.67
CA LEU A 108 9.46 -16.51 18.39
C LEU A 108 9.91 -15.23 19.09
N GLY A 109 9.77 -14.07 18.43
CA GLY A 109 10.18 -12.83 19.06
C GLY A 109 9.43 -12.55 20.34
N LYS A 110 8.11 -12.71 20.32
CA LYS A 110 7.33 -12.49 21.53
C LYS A 110 7.61 -13.56 22.58
N LEU A 111 7.94 -14.80 22.15
CA LEU A 111 8.42 -15.79 23.11
C LEU A 111 9.70 -15.32 23.80
N LEU A 112 10.62 -14.73 23.06
CA LEU A 112 11.85 -14.25 23.69
C LEU A 112 11.56 -13.13 24.67
N PHE A 113 10.69 -12.20 24.29
CA PHE A 113 10.32 -11.13 25.22
C PHE A 113 9.65 -11.68 26.47
N ALA A 114 8.75 -12.63 26.30
CA ALA A 114 8.08 -13.24 27.45
C ALA A 114 9.05 -14.02 28.31
N PHE A 115 10.05 -14.67 27.72
CA PHE A 115 11.06 -15.34 28.50
C PHE A 115 11.88 -14.34 29.32
N MET A 116 12.26 -13.21 28.72
CA MET A 116 12.97 -12.19 29.47
C MET A 116 12.13 -11.67 30.62
N GLY A 117 10.84 -11.43 30.38
CA GLY A 117 9.96 -10.99 31.45
C GLY A 117 9.80 -12.03 32.54
N TRP A 118 9.67 -13.30 32.15
CA TRP A 118 9.48 -14.36 33.12
C TRP A 118 10.74 -14.59 33.95
N LEU A 119 11.91 -14.34 33.37
CA LEU A 119 13.16 -14.52 34.10
C LEU A 119 13.22 -13.62 35.32
N VAL A 120 12.79 -12.36 35.17
CA VAL A 120 12.73 -11.45 36.30
C VAL A 120 11.70 -11.89 37.33
N GLY A 121 10.61 -12.48 36.86
CA GLY A 121 9.53 -12.88 37.75
C GLY A 121 8.26 -12.09 37.57
N TYR A 122 8.27 -11.08 36.70
CA TYR A 122 7.09 -10.28 36.47
C TYR A 122 5.99 -11.08 35.78
N ASP A 123 4.80 -11.06 36.37
CA ASP A 123 3.59 -11.53 35.70
C ASP A 123 2.61 -10.38 35.50
N GLY A 124 2.20 -9.71 36.58
CA GLY A 124 1.41 -8.50 36.53
C GLY A 124 0.15 -8.56 35.71
N HIS A 125 -0.45 -7.39 35.46
CA HIS A 125 -1.59 -7.28 34.56
C HIS A 125 -1.51 -6.01 33.73
N PHE A 126 -0.31 -5.50 33.48
CA PHE A 126 -0.15 -4.25 32.75
C PHE A 126 0.00 -4.54 31.25
N HIS A 127 -1.10 -4.96 30.66
CA HIS A 127 -1.17 -5.09 29.22
C HIS A 127 -1.28 -3.70 28.63
N PHE A 128 -0.34 -3.36 27.75
CA PHE A 128 -0.22 -1.98 27.27
C PHE A 128 -1.45 -1.57 26.46
N ASP A 129 -1.77 -0.30 26.52
CA ASP A 129 -3.00 0.12 25.85
C ASP A 129 -2.81 1.29 24.90
N ASN A 130 -1.95 2.26 25.22
CA ASN A 130 -1.79 3.43 24.38
C ASN A 130 -0.33 3.84 24.35
N ILE A 131 0.06 4.51 23.27
CA ILE A 131 1.39 5.09 23.19
C ILE A 131 1.45 6.30 24.11
N GLY A 132 2.43 6.31 25.02
CA GLY A 132 2.62 7.45 25.87
C GLY A 132 2.12 7.27 27.29
N ASP A 133 2.38 6.13 27.89
CA ASP A 133 2.05 5.97 29.30
C ASP A 133 3.29 5.51 30.04
N PRO A 134 3.45 5.92 31.30
CA PRO A 134 4.71 5.66 32.01
C PRO A 134 4.81 4.22 32.49
N TYR A 135 5.94 3.60 32.21
CA TYR A 135 6.19 2.25 32.70
C TYR A 135 6.46 2.25 34.19
N VAL A 136 7.20 3.25 34.68
CA VAL A 136 7.72 3.22 36.04
C VAL A 136 6.61 3.35 37.07
N ILE A 137 5.48 3.95 36.72
CA ILE A 137 4.41 4.17 37.68
C ILE A 137 3.44 2.99 37.60
N ASN A 138 3.87 1.92 36.94
CA ASN A 138 3.02 0.76 36.76
C ASN A 138 3.70 -0.54 37.18
N LYS A 139 4.86 -0.46 37.83
CA LYS A 139 5.53 -1.63 38.41
C LYS A 139 5.83 -2.68 37.35
N VAL A 140 6.24 -2.24 36.16
CA VAL A 140 6.57 -3.13 35.05
C VAL A 140 8.06 -3.02 34.74
N PRO A 141 8.76 -4.13 34.50
CA PRO A 141 10.18 -4.08 34.12
C PRO A 141 10.43 -3.92 32.62
N TYR A 142 10.28 -2.70 32.13
CA TYR A 142 10.53 -2.44 30.73
C TYR A 142 12.01 -2.53 30.38
N VAL A 143 12.89 -2.26 31.35
CA VAL A 143 14.31 -2.37 31.09
C VAL A 143 14.69 -3.82 30.82
N ALA A 144 14.08 -4.75 31.54
CA ALA A 144 14.33 -6.17 31.28
C ALA A 144 13.85 -6.55 29.88
N PHE A 145 12.70 -6.01 29.47
CA PHE A 145 12.21 -6.27 28.12
C PHE A 145 13.16 -5.72 27.07
N ARG A 146 13.68 -4.52 27.30
CA ARG A 146 14.54 -3.86 26.33
C ARG A 146 15.98 -4.36 26.35
N ALA A 147 16.38 -5.11 27.38
CA ALA A 147 17.75 -5.62 27.43
C ALA A 147 17.98 -6.71 26.41
N LEU A 148 16.95 -7.47 26.05
CA LEU A 148 17.15 -8.53 25.06
C LEU A 148 17.53 -7.99 23.68
N PRO A 149 16.81 -7.03 23.09
CA PRO A 149 17.26 -6.50 21.80
C PRO A 149 18.62 -5.83 21.88
N ALA A 150 18.96 -5.20 23.01
CA ALA A 150 20.28 -4.61 23.16
C ALA A 150 21.37 -5.67 23.15
N ILE A 151 21.14 -6.78 23.86
CA ILE A 151 22.09 -7.88 23.83
C ILE A 151 22.24 -8.43 22.42
N LEU A 152 21.12 -8.57 21.71
CA LEU A 152 21.18 -9.08 20.34
C LEU A 152 21.89 -8.10 19.40
N GLY A 153 21.74 -6.79 19.60
CA GLY A 153 22.47 -5.85 18.77
C GLY A 153 23.97 -5.87 19.02
N SER A 154 24.36 -5.96 20.29
CA SER A 154 25.78 -6.09 20.60
C SER A 154 26.35 -7.36 20.00
N LEU A 155 25.62 -8.46 20.11
CA LEU A 155 26.05 -9.71 19.49
C LEU A 155 26.04 -9.61 17.98
N THR A 156 25.19 -8.77 17.41
CA THR A 156 25.20 -8.55 15.97
C THR A 156 26.51 -7.89 15.53
N VAL A 157 26.95 -6.87 16.27
CA VAL A 157 28.23 -6.25 15.94
C VAL A 157 29.37 -7.27 16.07
N SER A 158 29.34 -8.07 17.13
CA SER A 158 30.37 -9.10 17.30
C SER A 158 30.33 -10.11 16.16
N VAL A 159 29.13 -10.50 15.72
CA VAL A 159 29.00 -11.46 14.64
C VAL A 159 29.46 -10.87 13.32
N VAL A 160 29.28 -9.57 13.11
CA VAL A 160 29.83 -8.95 11.90
C VAL A 160 31.35 -9.03 11.90
N PHE A 161 31.97 -8.72 13.04
CA PHE A 161 33.41 -8.87 13.14
C PHE A 161 33.83 -10.31 12.88
N LEU A 162 33.06 -11.27 13.42
CA LEU A 162 33.38 -12.67 13.22
C LEU A 162 33.24 -13.08 11.76
N ILE A 163 32.24 -12.56 11.06
CA ILE A 163 32.06 -12.89 9.64
C ILE A 163 33.26 -12.39 8.85
N MET A 164 33.69 -11.16 9.11
CA MET A 164 34.83 -10.62 8.38
C MET A 164 36.12 -11.35 8.74
N TRP A 165 36.25 -11.76 10.01
CA TRP A 165 37.44 -12.47 10.44
C TRP A 165 37.50 -13.86 9.83
N GLU A 166 36.38 -14.57 9.79
CA GLU A 166 36.38 -15.95 9.31
C GLU A 166 36.58 -16.00 7.80
N SER A 167 36.10 -14.99 7.08
CA SER A 167 36.23 -14.97 5.63
C SER A 167 37.68 -14.82 5.20
N GLY A 168 38.56 -14.33 6.06
CA GLY A 168 39.96 -14.21 5.74
C GLY A 168 40.44 -12.80 5.46
N TYR A 169 39.64 -11.78 5.71
CA TYR A 169 40.07 -10.43 5.43
C TYR A 169 41.09 -9.97 6.47
N SER A 170 41.71 -8.84 6.19
CA SER A 170 42.69 -8.28 7.11
C SER A 170 41.99 -7.54 8.25
N LEU A 171 42.78 -7.19 9.26
CA LEU A 171 42.23 -6.51 10.43
C LEU A 171 41.51 -5.21 10.08
N PRO A 172 42.06 -4.30 9.27
CA PRO A 172 41.33 -3.06 8.99
C PRO A 172 39.97 -3.28 8.34
N ALA A 173 39.81 -4.32 7.52
CA ALA A 173 38.51 -4.57 6.91
C ALA A 173 37.48 -5.04 7.93
N CYS A 174 37.88 -5.97 8.80
CA CYS A 174 36.97 -6.42 9.85
C CYS A 174 36.58 -5.28 10.77
N ILE A 175 37.57 -4.46 11.15
CA ILE A 175 37.31 -3.33 12.00
C ILE A 175 36.37 -2.35 11.33
N LEU A 176 36.56 -2.10 10.03
CA LEU A 176 35.69 -1.17 9.33
C LEU A 176 34.26 -1.67 9.27
N ALA A 177 34.05 -2.95 8.94
CA ALA A 177 32.68 -3.45 8.87
C ALA A 177 32.02 -3.41 10.24
N SER A 178 32.74 -3.88 11.27
CA SER A 178 32.19 -3.89 12.61
C SER A 178 31.95 -2.49 13.15
N GLY A 179 32.75 -1.51 12.75
CA GLY A 179 32.56 -0.14 13.18
C GLY A 179 31.43 0.54 12.48
N LEU A 180 31.24 0.24 11.19
CA LEU A 180 30.09 0.78 10.48
C LEU A 180 28.80 0.27 11.08
N VAL A 181 28.77 -1.02 11.46
CA VAL A 181 27.60 -1.53 12.17
C VAL A 181 27.53 -0.93 13.58
N LEU A 182 28.67 -0.71 14.21
CA LEU A 182 28.72 -0.21 15.58
C LEU A 182 28.24 1.24 15.65
N LEU A 183 28.76 2.09 14.78
CA LEU A 183 28.46 3.52 14.83
C LEU A 183 27.23 3.88 14.02
N ASP A 184 26.32 2.93 13.80
CA ASP A 184 25.10 3.19 13.05
C ASP A 184 23.95 3.55 13.98
N ASN A 185 23.33 4.69 13.71
CA ASN A 185 22.23 5.15 14.56
C ASN A 185 20.98 4.31 14.38
N ALA A 186 20.74 3.76 13.19
CA ALA A 186 19.53 2.97 12.99
C ALA A 186 19.60 1.65 13.73
N HIS A 187 20.73 0.97 13.67
CA HIS A 187 20.87 -0.28 14.40
C HIS A 187 20.78 -0.05 15.89
N ILE A 188 21.37 1.04 16.39
CA ILE A 188 21.28 1.37 17.80
C ILE A 188 19.83 1.66 18.18
N GLY A 189 19.13 2.43 17.36
CA GLY A 189 17.75 2.79 17.67
C GLY A 189 16.77 1.64 17.55
N GLN A 190 17.11 0.61 16.78
CA GLN A 190 16.22 -0.53 16.67
C GLN A 190 16.40 -1.50 17.83
N THR A 191 17.63 -1.63 18.34
CA THR A 191 17.92 -2.52 19.46
C THR A 191 17.69 -1.85 20.80
N ARG A 192 16.86 -0.81 20.84
CA ARG A 192 16.60 -0.03 22.03
C ARG A 192 15.22 -0.28 22.62
N LEU A 193 14.27 -0.74 21.82
CA LEU A 193 12.88 -0.78 22.21
C LEU A 193 12.40 -2.23 22.29
N ILE A 194 11.11 -2.39 22.54
CA ILE A 194 10.48 -3.72 22.46
C ILE A 194 10.05 -3.90 21.01
N LEU A 195 11.01 -4.31 20.19
CA LEU A 195 10.78 -4.49 18.76
C LEU A 195 11.56 -5.72 18.32
N LEU A 196 10.94 -6.54 17.47
CA LEU A 196 11.53 -7.82 17.09
C LEU A 196 12.34 -7.74 15.80
N ASP A 197 12.77 -6.54 15.40
CA ASP A 197 13.64 -6.43 14.24
C ASP A 197 15.10 -6.71 14.58
N ALA A 198 15.52 -6.42 15.81
CA ALA A 198 16.88 -6.74 16.22
C ALA A 198 17.12 -8.24 16.19
N THR A 199 16.14 -9.03 16.61
CA THR A 199 16.26 -10.48 16.52
C THR A 199 16.40 -10.92 15.07
N LEU A 200 15.66 -10.28 14.17
CA LEU A 200 15.75 -10.60 12.75
C LEU A 200 17.14 -10.33 12.21
N VAL A 201 17.70 -9.16 12.53
CA VAL A 201 19.04 -8.80 12.04
C VAL A 201 20.09 -9.74 12.62
N PHE A 202 20.00 -10.04 13.91
CA PHE A 202 20.96 -10.94 14.53
C PHE A 202 20.88 -12.33 13.91
N ALA A 203 19.68 -12.81 13.64
CA ALA A 203 19.54 -14.13 13.04
C ALA A 203 20.07 -14.15 11.61
N MET A 204 19.87 -13.09 10.84
CA MET A 204 20.44 -13.06 9.50
C MET A 204 21.96 -13.08 9.54
N ALA A 205 22.56 -12.28 10.42
CA ALA A 205 24.01 -12.27 10.54
C ALA A 205 24.53 -13.63 10.99
N CYS A 206 23.82 -14.28 11.91
CA CYS A 206 24.23 -15.59 12.36
C CYS A 206 24.12 -16.62 11.24
N SER A 207 23.10 -16.51 10.39
CA SER A 207 23.00 -17.42 9.26
C SER A 207 24.15 -17.22 8.28
N LEU A 208 24.52 -15.97 8.01
CA LEU A 208 25.67 -15.72 7.15
C LEU A 208 26.94 -16.32 7.73
N LEU A 209 27.18 -16.11 9.02
CA LEU A 209 28.38 -16.66 9.65
C LEU A 209 28.36 -18.18 9.64
N CYS A 210 27.20 -18.77 9.91
CA CYS A 210 27.11 -20.23 9.92
C CYS A 210 27.36 -20.81 8.55
N TYR A 211 26.84 -20.17 7.50
CA TYR A 211 27.10 -20.68 6.17
C TYR A 211 28.54 -20.49 5.73
N ILE A 212 29.18 -19.40 6.16
CA ILE A 212 30.60 -19.24 5.86
C ILE A 212 31.42 -20.31 6.56
N LYS A 213 31.07 -20.61 7.82
CA LYS A 213 31.74 -21.70 8.52
C LYS A 213 31.53 -23.03 7.80
N PHE A 214 30.30 -23.29 7.36
CA PHE A 214 29.98 -24.57 6.72
C PHE A 214 30.69 -24.71 5.38
N TYR A 215 30.74 -23.64 4.58
CA TYR A 215 31.31 -23.73 3.25
C TYR A 215 32.81 -23.99 3.29
N LYS A 216 33.49 -23.48 4.32
CA LYS A 216 34.92 -23.76 4.45
C LYS A 216 35.19 -25.22 4.73
N LEU A 217 34.17 -25.98 5.13
CA LEU A 217 34.31 -27.41 5.39
C LEU A 217 33.95 -28.25 4.18
N ARG A 218 33.89 -27.64 2.99
CA ARG A 218 33.50 -28.37 1.80
C ARG A 218 34.52 -29.43 1.41
N HIS A 219 35.74 -29.34 1.91
CA HIS A 219 36.77 -30.32 1.59
C HIS A 219 36.66 -31.59 2.41
N GLU A 220 35.86 -31.58 3.47
CA GLU A 220 35.59 -32.77 4.29
C GLU A 220 34.08 -32.96 4.43
N PRO A 221 33.44 -33.41 3.35
CA PRO A 221 31.98 -33.54 3.38
C PRO A 221 31.51 -34.63 4.31
N PHE A 222 30.30 -34.44 4.83
CA PHE A 222 29.57 -35.41 5.65
C PHE A 222 30.28 -35.76 6.95
N SER A 223 31.21 -34.92 7.40
CA SER A 223 31.86 -35.14 8.67
C SER A 223 30.97 -34.59 9.80
N ARG A 224 31.46 -34.67 11.04
CA ARG A 224 30.70 -34.15 12.16
C ARG A 224 30.62 -32.64 12.13
N LYS A 225 31.75 -31.98 11.87
CA LYS A 225 31.73 -30.52 11.75
C LYS A 225 30.86 -30.07 10.60
N TRP A 226 30.93 -30.79 9.48
CA TRP A 226 30.12 -30.48 8.31
C TRP A 226 28.63 -30.48 8.64
N TRP A 227 28.15 -31.58 9.22
CA TRP A 227 26.74 -31.69 9.58
C TRP A 227 26.36 -30.68 10.65
N LYS A 228 27.25 -30.47 11.61
CA LYS A 228 26.96 -29.53 12.69
C LYS A 228 26.72 -28.14 12.15
N TRP A 229 27.60 -27.68 11.26
CA TRP A 229 27.42 -26.33 10.73
C TRP A 229 26.27 -26.25 9.74
N LEU A 230 25.98 -27.33 9.02
CA LEU A 230 24.78 -27.36 8.18
C LEU A 230 23.52 -27.17 9.03
N ILE A 231 23.40 -27.94 10.11
CA ILE A 231 22.23 -27.84 10.97
C ILE A 231 22.17 -26.48 11.66
N LEU A 232 23.32 -25.92 12.01
CA LEU A 232 23.35 -24.60 12.64
C LEU A 232 22.90 -23.52 11.67
N THR A 233 23.30 -23.61 10.40
CA THR A 233 22.80 -22.67 9.42
C THR A 233 21.29 -22.79 9.27
N GLY A 234 20.79 -24.02 9.23
CA GLY A 234 19.35 -24.22 9.16
C GLY A 234 18.62 -23.64 10.35
N PHE A 235 19.19 -23.80 11.55
CA PHE A 235 18.56 -23.29 12.76
C PHE A 235 18.57 -21.77 12.81
N ALA A 236 19.66 -21.15 12.36
CA ALA A 236 19.71 -19.69 12.30
C ALA A 236 18.67 -19.16 11.32
N LEU A 237 18.54 -19.81 10.16
CA LEU A 237 17.52 -19.39 9.21
C LEU A 237 16.12 -19.60 9.77
N SER A 238 15.92 -20.69 10.52
CA SER A 238 14.63 -20.95 11.14
C SER A 238 14.26 -19.87 12.13
N CYS A 239 15.22 -19.44 12.96
CA CYS A 239 14.95 -18.35 13.89
C CYS A 239 14.64 -17.07 13.13
N ASP A 240 15.37 -16.83 12.05
CA ASP A 240 15.15 -15.63 11.27
C ASP A 240 13.74 -15.58 10.70
N ILE A 241 13.26 -16.70 10.17
CA ILE A 241 11.91 -16.72 9.60
C ILE A 241 10.83 -16.84 10.68
N SER A 242 11.15 -17.36 11.85
CA SER A 242 10.20 -17.44 12.94
C SER A 242 10.11 -16.15 13.74
N THR A 243 10.98 -15.19 13.49
CA THR A 243 10.79 -13.87 14.07
C THR A 243 9.80 -13.04 13.24
N LYS A 244 10.14 -12.75 11.99
CA LYS A 244 9.25 -12.07 11.07
C LYS A 244 9.26 -12.81 9.75
N TYR A 245 8.17 -12.70 9.00
CA TYR A 245 8.05 -13.43 7.75
C TYR A 245 9.03 -12.94 6.69
N VAL A 246 9.43 -11.66 6.76
CA VAL A 246 10.44 -11.14 5.84
C VAL A 246 11.76 -11.87 5.99
N GLY A 247 11.94 -12.61 7.09
CA GLY A 247 13.12 -13.44 7.23
C GLY A 247 13.27 -14.46 6.12
N LEU A 248 12.18 -14.73 5.39
CA LEU A 248 12.26 -15.58 4.21
C LEU A 248 13.34 -15.12 3.25
N PHE A 249 13.61 -13.81 3.22
CA PHE A 249 14.64 -13.30 2.31
C PHE A 249 16.00 -13.90 2.61
N ALA A 250 16.30 -14.19 3.88
CA ALA A 250 17.55 -14.87 4.18
C ALA A 250 17.60 -16.24 3.52
N PHE A 251 16.46 -16.94 3.51
CA PHE A 251 16.39 -18.22 2.80
C PHE A 251 16.74 -18.06 1.33
N ILE A 252 16.49 -16.88 0.76
CA ILE A 252 16.93 -16.63 -0.61
C ILE A 252 18.45 -16.61 -0.67
N THR A 253 19.08 -15.84 0.22
CA THR A 253 20.54 -15.70 0.20
C THR A 253 21.21 -17.06 0.29
N ILE A 254 21.04 -17.73 1.43
CA ILE A 254 21.60 -19.06 1.60
C ILE A 254 21.08 -20.01 0.54
N GLY A 255 19.89 -19.74 0.00
CA GLY A 255 19.42 -20.53 -1.12
C GLY A 255 20.36 -20.38 -2.30
N SER A 256 20.56 -19.13 -2.72
CA SER A 256 21.36 -18.88 -3.91
C SER A 256 22.78 -19.41 -3.72
N ALA A 257 23.40 -19.11 -2.58
CA ALA A 257 24.74 -19.60 -2.29
C ALA A 257 24.80 -21.12 -2.37
N VAL A 258 23.73 -21.81 -1.97
CA VAL A 258 23.72 -23.26 -2.12
C VAL A 258 23.63 -23.63 -3.58
N CYS A 259 22.73 -22.98 -4.32
CA CYS A 259 22.48 -23.38 -5.70
C CYS A 259 23.76 -23.31 -6.52
N ILE A 260 24.47 -22.19 -6.45
CA ILE A 260 25.74 -22.06 -7.15
C ILE A 260 26.66 -23.20 -6.77
N ASP A 261 26.79 -23.47 -5.47
CA ASP A 261 27.61 -24.59 -5.02
C ASP A 261 27.17 -25.88 -5.67
N LEU A 262 25.86 -26.15 -5.66
CA LEU A 262 25.36 -27.37 -6.29
C LEU A 262 25.71 -27.41 -7.76
N TRP A 263 25.60 -26.26 -8.45
CA TRP A 263 26.02 -26.20 -9.84
C TRP A 263 27.49 -26.59 -9.98
N ASP A 264 28.33 -26.04 -9.11
CA ASP A 264 29.74 -26.42 -9.11
C ASP A 264 29.91 -27.90 -8.79
N LEU A 265 29.05 -28.43 -7.93
CA LEU A 265 29.11 -29.85 -7.60
C LEU A 265 28.52 -30.73 -8.68
N LEU A 266 27.82 -30.16 -9.66
CA LEU A 266 27.20 -30.94 -10.71
C LEU A 266 28.05 -31.03 -11.97
N ASN A 267 29.04 -30.15 -12.11
CA ASN A 267 29.89 -30.16 -13.29
C ASN A 267 30.59 -31.51 -13.44
N ILE A 268 30.39 -32.14 -14.60
CA ILE A 268 31.06 -33.40 -14.87
C ILE A 268 32.54 -33.19 -15.11
N ASN A 269 32.93 -31.99 -15.54
CA ASN A 269 34.33 -31.66 -15.79
C ASN A 269 34.69 -30.52 -14.85
N ARG A 270 35.12 -30.86 -13.64
CA ARG A 270 35.54 -29.86 -12.68
C ARG A 270 36.88 -30.27 -12.10
N PRO A 271 37.71 -29.30 -11.71
CA PRO A 271 39.08 -29.63 -11.28
C PRO A 271 39.14 -30.61 -10.13
N LYS A 272 38.25 -30.49 -9.16
CA LYS A 272 38.29 -31.32 -7.95
C LYS A 272 37.47 -32.61 -8.18
N GLY A 273 37.96 -33.41 -9.12
CA GLY A 273 37.33 -34.68 -9.37
C GLY A 273 35.99 -34.56 -10.08
N ALA A 274 35.17 -35.58 -9.90
CA ALA A 274 33.82 -35.61 -10.46
C ALA A 274 32.94 -36.45 -9.56
N LEU A 275 31.67 -36.05 -9.45
CA LEU A 275 30.71 -36.72 -8.59
C LEU A 275 29.75 -37.52 -9.46
N THR A 276 29.57 -38.79 -9.13
CA THR A 276 28.51 -39.54 -9.78
C THR A 276 27.16 -39.02 -9.33
N LEU A 277 26.12 -39.39 -10.08
CA LEU A 277 24.80 -38.86 -9.77
C LEU A 277 24.33 -39.24 -8.36
N PRO A 278 24.52 -40.48 -7.87
CA PRO A 278 24.16 -40.75 -6.47
C PRO A 278 24.88 -39.87 -5.45
N GLN A 279 26.14 -39.53 -5.68
CA GLN A 279 26.85 -38.68 -4.74
C GLN A 279 26.28 -37.27 -4.74
N PHE A 280 25.98 -36.72 -5.92
CA PHE A 280 25.31 -35.43 -5.98
C PHE A 280 23.92 -35.52 -5.36
N GLY A 281 23.26 -36.66 -5.50
CA GLY A 281 21.99 -36.85 -4.83
C GLY A 281 22.12 -36.80 -3.32
N LYS A 282 23.16 -37.42 -2.79
CA LYS A 282 23.41 -37.33 -1.35
C LYS A 282 23.68 -35.90 -0.92
N HIS A 283 24.47 -35.16 -1.70
CA HIS A 283 24.74 -33.77 -1.39
C HIS A 283 23.46 -32.94 -1.38
N PHE A 284 22.62 -33.11 -2.42
CA PHE A 284 21.37 -32.36 -2.49
C PHE A 284 20.43 -32.73 -1.36
N ALA A 285 20.37 -34.02 -1.01
CA ALA A 285 19.53 -34.44 0.10
C ALA A 285 20.01 -33.83 1.40
N ALA A 286 21.33 -33.79 1.62
CA ALA A 286 21.85 -33.15 2.82
C ALA A 286 21.49 -31.68 2.87
N ARG A 287 21.64 -30.97 1.75
CA ARG A 287 21.28 -29.56 1.73
C ARG A 287 19.80 -29.36 2.00
N ALA A 288 18.93 -30.16 1.38
CA ALA A 288 17.50 -30.02 1.59
C ALA A 288 17.12 -30.34 3.03
N PHE A 289 17.74 -31.36 3.62
CA PHE A 289 17.39 -31.72 4.98
C PHE A 289 17.86 -30.68 5.98
N GLY A 290 19.06 -30.13 5.78
CA GLY A 290 19.58 -29.17 6.73
C GLY A 290 19.11 -27.75 6.54
N LEU A 291 18.62 -27.41 5.35
CA LEU A 291 18.26 -26.04 5.03
C LEU A 291 16.77 -25.83 4.80
N ILE A 292 16.01 -26.90 4.61
CA ILE A 292 14.58 -26.81 4.35
C ILE A 292 13.78 -27.53 5.44
N PHE A 293 14.15 -28.76 5.75
CA PHE A 293 13.30 -29.58 6.62
C PHE A 293 13.50 -29.24 8.10
N MET A 294 14.75 -29.16 8.55
CA MET A 294 15.00 -28.67 9.92
C MET A 294 14.47 -27.28 10.19
N PRO A 295 14.63 -26.28 9.31
CA PRO A 295 13.98 -25.00 9.60
C PRO A 295 12.48 -25.12 9.77
N PHE A 296 11.82 -25.95 8.95
CA PHE A 296 10.38 -26.13 9.10
C PHE A 296 10.05 -26.82 10.41
N MET A 297 10.88 -27.77 10.84
CA MET A 297 10.63 -28.43 12.12
C MET A 297 10.78 -27.46 13.28
N PHE A 298 11.80 -26.59 13.24
CA PHE A 298 11.95 -25.61 14.31
C PHE A 298 10.81 -24.60 14.32
N TYR A 299 10.37 -24.15 13.15
CA TYR A 299 9.22 -23.28 13.03
C TYR A 299 7.98 -23.92 13.66
N LEU A 300 7.73 -25.18 13.32
CA LEU A 300 6.61 -25.91 13.89
C LEU A 300 6.77 -26.06 15.39
N PHE A 301 7.99 -26.27 15.86
CA PHE A 301 8.22 -26.39 17.29
C PHE A 301 7.88 -25.10 18.02
N TRP A 302 8.20 -23.96 17.41
CA TRP A 302 7.87 -22.69 18.05
C TRP A 302 6.37 -22.48 18.13
N PHE A 303 5.63 -22.85 17.07
CA PHE A 303 4.17 -22.86 17.24
C PHE A 303 3.69 -23.88 18.26
N GLN A 304 4.37 -25.01 18.40
CA GLN A 304 3.95 -25.94 19.44
C GLN A 304 4.11 -25.34 20.83
N VAL A 305 5.22 -24.65 21.06
CA VAL A 305 5.43 -23.94 22.33
C VAL A 305 4.38 -22.86 22.51
N HIS A 306 4.09 -22.11 21.45
CA HIS A 306 3.09 -21.06 21.52
C HIS A 306 1.73 -21.61 21.92
N PHE A 307 1.34 -22.73 21.32
CA PHE A 307 0.05 -23.34 21.65
C PHE A 307 0.05 -23.91 23.08
N SER A 308 1.17 -24.47 23.52
CA SER A 308 1.19 -25.07 24.86
C SER A 308 1.16 -24.01 25.94
N ILE A 309 1.79 -22.87 25.72
CA ILE A 309 1.79 -21.81 26.73
C ILE A 309 0.41 -21.19 26.86
N LEU A 310 -0.32 -21.07 25.76
CA LEU A 310 -1.59 -20.36 25.73
C LEU A 310 -2.72 -21.36 25.88
N THR A 311 -3.24 -21.48 27.10
CA THR A 311 -4.33 -22.39 27.41
C THR A 311 -5.42 -21.69 28.21
N ARG A 312 -5.61 -20.39 27.97
CA ARG A 312 -6.66 -19.65 28.63
C ARG A 312 -7.30 -18.71 27.63
N SER A 313 -8.58 -18.41 27.84
CA SER A 313 -9.30 -17.51 26.96
C SER A 313 -8.73 -16.10 27.05
N GLY A 314 -8.69 -15.42 25.91
CA GLY A 314 -8.18 -14.07 25.87
C GLY A 314 -8.58 -13.34 24.60
N PRO A 315 -8.09 -12.13 24.43
CA PRO A 315 -8.44 -11.36 23.24
C PRO A 315 -7.79 -11.94 21.99
N GLY A 316 -8.60 -12.55 21.13
CA GLY A 316 -8.09 -13.20 19.95
C GLY A 316 -8.63 -14.60 19.81
N ASP A 317 -9.56 -14.98 20.70
CA ASP A 317 -10.18 -16.29 20.58
C ASP A 317 -11.20 -16.31 19.44
N ASP A 318 -11.83 -15.17 19.17
CA ASP A 318 -12.89 -15.10 18.17
C ASP A 318 -12.38 -15.26 16.74
N PHE A 319 -11.07 -15.13 16.51
CA PHE A 319 -10.56 -15.37 15.16
C PHE A 319 -10.57 -16.85 14.79
N MET A 320 -10.84 -17.73 15.74
CA MET A 320 -10.80 -19.16 15.50
C MET A 320 -12.19 -19.77 15.38
N THR A 321 -12.24 -20.95 14.79
CA THR A 321 -13.49 -21.68 14.67
C THR A 321 -13.88 -22.26 16.02
N PRO A 322 -15.19 -22.40 16.28
CA PRO A 322 -15.67 -22.72 17.63
C PRO A 322 -14.98 -23.90 18.31
N GLU A 323 -14.55 -24.92 17.63
CA GLU A 323 -13.79 -26.02 18.20
C GLU A 323 -12.56 -25.51 18.93
N PHE A 324 -11.89 -24.46 18.32
CA PHE A 324 -10.73 -23.90 19.02
C PHE A 324 -11.15 -23.16 20.28
N GLN A 325 -12.26 -22.42 20.23
CA GLN A 325 -12.80 -21.88 21.48
C GLN A 325 -13.07 -23.00 22.48
N GLU A 326 -13.43 -24.18 21.99
CA GLU A 326 -13.63 -25.31 22.89
C GLU A 326 -12.32 -25.83 23.44
N THR A 327 -11.20 -25.45 22.84
CA THR A 327 -9.95 -25.98 23.42
C THR A 327 -9.18 -24.94 24.21
N LEU A 328 -9.64 -23.70 24.28
CA LEU A 328 -8.78 -22.71 24.98
C LEU A 328 -9.10 -22.68 26.47
N SER A 329 -9.94 -23.60 26.93
CA SER A 329 -10.26 -23.67 28.38
C SER A 329 -10.67 -22.30 28.93
N ASP A 330 -11.67 -21.64 28.36
CA ASP A 330 -12.08 -20.26 28.75
C ASP A 330 -11.97 -20.52 30.25
N ASN A 331 -11.15 -19.71 30.91
CA ASN A 331 -11.05 -19.65 32.40
C ASN A 331 -10.45 -18.37 32.94
N ILE A 332 -10.42 -18.38 34.29
CA ILE A 332 -9.92 -17.41 35.33
C ILE A 332 -10.73 -16.11 35.44
N MET A 333 -10.77 -15.26 34.41
CA MET A 333 -11.57 -14.02 34.55
C MET A 333 -13.07 -14.34 34.63
N LEU A 334 -13.49 -15.33 33.85
CA LEU A 334 -14.87 -15.86 33.70
C LEU A 334 -15.57 -15.93 35.07
N ALA A 335 -14.83 -16.43 36.06
CA ALA A 335 -15.37 -16.56 37.41
C ALA A 335 -15.53 -15.18 38.01
N ASN A 336 -14.51 -14.34 37.85
CA ASN A 336 -14.51 -12.99 38.49
C ASN A 336 -15.49 -12.03 37.83
N ALA A 337 -15.97 -12.27 36.60
CA ALA A 337 -16.85 -11.19 36.07
C ALA A 337 -18.31 -11.63 35.90
N VAL A 338 -19.23 -11.03 36.64
CA VAL A 338 -20.63 -11.40 36.51
C VAL A 338 -21.37 -10.21 35.91
N THR A 339 -22.26 -10.49 34.97
CA THR A 339 -23.08 -9.42 34.42
C THR A 339 -23.91 -8.75 35.49
N ILE A 340 -23.89 -7.43 35.50
CA ILE A 340 -24.59 -6.58 36.44
C ILE A 340 -25.97 -6.30 35.88
N ASP A 341 -26.97 -6.41 36.74
CA ASP A 341 -28.36 -6.14 36.40
C ASP A 341 -28.87 -4.90 37.13
N TYR A 342 -29.82 -4.22 36.50
CA TYR A 342 -30.52 -3.15 37.20
C TYR A 342 -31.10 -3.69 38.50
N TRP A 343 -31.06 -2.84 39.51
CA TRP A 343 -31.49 -3.09 40.90
C TRP A 343 -30.41 -3.81 41.72
N ASP A 344 -29.31 -4.23 41.11
CA ASP A 344 -28.19 -4.74 41.91
C ASP A 344 -27.58 -3.61 42.73
N THR A 345 -27.01 -3.98 43.87
CA THR A 345 -26.18 -3.08 44.66
C THR A 345 -24.72 -3.48 44.45
N ILE A 346 -23.89 -2.46 44.17
CA ILE A 346 -22.52 -2.66 43.71
C ILE A 346 -21.56 -1.71 44.43
N THR A 347 -20.27 -2.07 44.40
CA THR A 347 -19.20 -1.16 44.77
C THR A 347 -18.45 -0.74 43.52
N ILE A 348 -18.01 0.50 43.52
CA ILE A 348 -17.41 1.15 42.34
C ILE A 348 -16.03 1.66 42.77
N LYS A 349 -14.99 1.12 42.17
CA LYS A 349 -13.63 1.31 42.63
C LYS A 349 -12.80 1.98 41.54
N HIS A 350 -12.02 2.99 41.94
CA HIS A 350 -11.19 3.72 41.01
C HIS A 350 -9.98 2.88 40.65
N LYS A 351 -9.72 2.70 39.36
CA LYS A 351 -8.66 1.79 38.96
C LYS A 351 -7.30 2.24 39.50
N GLU A 352 -6.98 3.52 39.36
CA GLU A 352 -5.63 3.97 39.70
C GLU A 352 -5.41 4.21 41.19
N THR A 353 -6.35 4.88 41.89
CA THR A 353 -6.14 5.16 43.31
C THR A 353 -6.70 4.08 44.23
N LYS A 354 -7.52 3.17 43.71
CA LYS A 354 -8.14 2.11 44.47
C LYS A 354 -9.20 2.60 45.44
N ALA A 355 -9.61 3.86 45.36
CA ALA A 355 -10.64 4.38 46.25
C ALA A 355 -12.02 3.94 45.78
N TYR A 356 -12.91 3.72 46.75
CA TYR A 356 -14.30 3.37 46.45
C TYR A 356 -15.16 4.63 46.40
N LEU A 357 -16.04 4.71 45.42
CA LEU A 357 -17.04 5.76 45.40
C LEU A 357 -17.88 5.66 46.68
N HIS A 358 -18.06 6.79 47.36
CA HIS A 358 -18.52 6.79 48.74
C HIS A 358 -19.37 8.02 48.99
N SER A 359 -20.27 7.91 49.95
CA SER A 359 -20.99 9.09 50.42
C SER A 359 -21.33 8.90 51.89
N HIS A 360 -21.82 9.96 52.50
CA HIS A 360 -22.13 10.03 53.92
C HIS A 360 -22.92 11.31 54.14
N PRO A 361 -23.51 11.52 55.31
CA PRO A 361 -24.42 12.67 55.46
C PRO A 361 -23.77 14.04 55.40
N ASP A 362 -22.48 14.16 55.67
CA ASP A 362 -21.85 15.46 55.73
CA ASP A 362 -21.87 15.47 55.73
C ASP A 362 -21.96 16.19 54.38
N ARG A 363 -22.04 17.51 54.45
CA ARG A 363 -22.29 18.36 53.31
CA ARG A 363 -22.28 18.35 53.29
C ARG A 363 -21.07 19.19 52.94
N TYR A 364 -21.04 19.66 51.69
CA TYR A 364 -19.98 20.59 51.30
C TYR A 364 -20.15 21.90 52.08
N PRO A 365 -19.04 22.55 52.45
CA PRO A 365 -19.14 23.84 53.12
C PRO A 365 -19.69 24.89 52.17
N LEU A 366 -20.37 25.89 52.74
CA LEU A 366 -20.89 26.99 51.93
C LEU A 366 -19.78 27.64 51.10
N ARG A 367 -18.65 27.95 51.73
CA ARG A 367 -17.55 28.62 51.05
C ARG A 367 -16.29 27.77 51.08
N TYR A 368 -15.56 27.78 49.98
CA TYR A 368 -14.22 27.22 49.93
C TYR A 368 -13.20 28.32 50.26
N ASP A 369 -11.95 27.91 50.46
CA ASP A 369 -10.92 28.86 50.89
C ASP A 369 -10.74 30.01 49.90
N ASP A 370 -10.97 29.77 48.61
CA ASP A 370 -10.80 30.82 47.61
C ASP A 370 -12.04 31.70 47.45
N GLY A 371 -13.07 31.50 48.29
CA GLY A 371 -14.27 32.30 48.24
C GLY A 371 -15.40 31.74 47.40
N ARG A 372 -15.14 30.67 46.65
CA ARG A 372 -16.21 30.11 45.84
C ARG A 372 -17.31 29.53 46.73
N VAL A 373 -18.51 29.41 46.14
CA VAL A 373 -19.70 28.94 46.83
C VAL A 373 -20.04 27.55 46.30
N SER A 374 -20.30 26.61 47.21
CA SER A 374 -20.70 25.28 46.80
C SER A 374 -22.21 25.16 46.81
N SER A 375 -22.73 23.99 46.38
CA SER A 375 -24.15 23.73 46.50
C SER A 375 -24.59 23.34 47.92
N GLN A 376 -23.63 23.13 48.82
CA GLN A 376 -23.90 22.64 50.17
C GLN A 376 -24.61 21.28 50.15
N GLY A 377 -24.49 20.57 49.05
CA GLY A 377 -25.07 19.26 48.97
C GLY A 377 -24.28 18.21 49.73
N GLN A 378 -24.87 17.02 49.81
CA GLN A 378 -24.18 15.90 50.41
C GLN A 378 -22.87 15.60 49.69
N GLN A 379 -21.81 15.34 50.45
CA GLN A 379 -20.51 15.02 49.88
C GLN A 379 -20.51 13.67 49.19
N VAL A 380 -19.74 13.58 48.10
CA VAL A 380 -19.44 12.34 47.42
C VAL A 380 -17.92 12.28 47.37
N THR A 381 -17.35 11.16 47.82
CA THR A 381 -15.91 11.08 48.06
C THR A 381 -15.38 9.74 47.55
N GLY A 382 -14.06 9.62 47.59
CA GLY A 382 -13.38 8.35 47.40
C GLY A 382 -12.78 7.90 48.72
N TYR A 383 -13.10 6.66 49.09
CA TYR A 383 -12.76 6.12 50.40
C TYR A 383 -11.96 4.82 50.25
N PRO A 384 -10.89 4.66 51.01
CA PRO A 384 -10.00 3.51 50.74
C PRO A 384 -10.45 2.19 51.33
N PHE A 385 -11.33 2.19 52.31
CA PHE A 385 -11.65 1.01 53.10
C PHE A 385 -13.04 0.50 52.72
N ASN A 386 -13.37 -0.67 53.24
CA ASN A 386 -14.66 -1.29 52.96
C ASN A 386 -15.64 -0.92 54.06
N ASP A 387 -16.75 -0.29 53.70
CA ASP A 387 -17.88 -0.12 54.60
C ASP A 387 -19.17 0.08 53.81
N THR A 388 -20.29 0.09 54.52
CA THR A 388 -21.58 0.13 53.86
C THR A 388 -21.81 1.42 53.08
N ASN A 389 -21.06 2.48 53.39
CA ASN A 389 -21.21 3.73 52.66
C ASN A 389 -20.60 3.67 51.27
N ASN A 390 -19.99 2.54 50.89
CA ASN A 390 -19.53 2.30 49.53
C ASN A 390 -20.61 1.68 48.64
N TRP A 391 -21.80 1.41 49.16
CA TRP A 391 -22.79 0.62 48.43
C TRP A 391 -23.74 1.51 47.63
N TRP A 392 -23.86 1.21 46.33
CA TRP A 392 -24.72 1.95 45.43
C TRP A 392 -25.61 0.99 44.66
N GLN A 393 -26.89 1.32 44.55
CA GLN A 393 -27.83 0.53 43.76
C GLN A 393 -27.94 1.15 42.38
N ILE A 394 -27.71 0.35 41.35
CA ILE A 394 -27.74 0.83 39.97
C ILE A 394 -29.17 0.67 39.44
N LEU A 395 -29.72 1.74 38.90
CA LEU A 395 -31.13 1.83 38.59
C LEU A 395 -31.34 2.40 37.19
N PRO A 396 -32.51 2.13 36.59
CA PRO A 396 -32.76 2.64 35.25
C PRO A 396 -32.90 4.16 35.21
N ALA A 397 -32.65 4.69 34.02
CA ALA A 397 -33.06 6.04 33.67
C ALA A 397 -34.57 6.01 33.45
N GLY A 398 -35.16 7.19 33.36
CA GLY A 398 -36.58 7.25 33.14
C GLY A 398 -37.39 7.12 34.40
N PRO A 399 -38.71 6.97 34.25
CA PRO A 399 -39.59 7.07 35.40
C PRO A 399 -39.43 5.90 36.36
N PHE A 400 -39.85 6.14 37.59
CA PHE A 400 -39.82 5.08 38.59
C PHE A 400 -40.62 3.87 38.14
N GLU A 401 -40.08 2.69 38.43
CA GLU A 401 -40.80 1.43 38.22
C GLU A 401 -40.41 0.47 39.32
N GLU A 402 -41.30 -0.47 39.61
CA GLU A 402 -41.03 -1.46 40.64
C GLU A 402 -39.92 -2.41 40.16
N PRO A 403 -39.15 -2.98 41.09
CA PRO A 403 -38.00 -3.80 40.68
C PRO A 403 -38.37 -4.96 39.77
N LYS A 404 -37.49 -5.21 38.82
CA LYS A 404 -37.57 -6.34 37.90
C LYS A 404 -36.25 -7.09 37.97
N LEU A 405 -36.30 -8.40 37.73
CA LEU A 405 -35.11 -9.22 37.74
C LEU A 405 -34.61 -9.46 36.32
N GLY A 406 -33.29 -9.59 36.19
CA GLY A 406 -32.70 -10.07 34.96
C GLY A 406 -32.50 -9.06 33.87
N ARG A 407 -32.62 -7.77 34.14
CA ARG A 407 -32.41 -6.74 33.13
C ARG A 407 -30.94 -6.33 33.19
N HIS A 408 -30.17 -6.82 32.22
CA HIS A 408 -28.73 -6.54 32.23
C HIS A 408 -28.47 -5.08 31.91
N VAL A 409 -27.49 -4.51 32.61
CA VAL A 409 -26.93 -3.23 32.21
C VAL A 409 -25.98 -3.46 31.05
N LYS A 410 -26.02 -2.56 30.05
CA LYS A 410 -25.22 -2.71 28.84
C LYS A 410 -24.41 -1.44 28.57
N HIS A 411 -23.39 -1.62 27.75
CA HIS A 411 -22.53 -0.52 27.33
C HIS A 411 -23.35 0.66 26.84
N ARG A 412 -23.02 1.84 27.37
CA ARG A 412 -23.62 3.13 27.06
C ARG A 412 -25.05 3.30 27.56
N ASP A 413 -25.54 2.38 28.39
CA ASP A 413 -26.80 2.64 29.03
C ASP A 413 -26.69 3.86 29.94
N LEU A 414 -27.79 4.59 30.06
CA LEU A 414 -27.95 5.62 31.07
C LEU A 414 -28.50 4.99 32.35
N VAL A 415 -27.92 5.37 33.48
CA VAL A 415 -28.28 4.79 34.76
C VAL A 415 -28.35 5.88 35.81
N ARG A 416 -29.02 5.56 36.91
CA ARG A 416 -28.90 6.27 38.16
C ARG A 416 -28.14 5.40 39.16
N LEU A 417 -27.55 6.05 40.16
CA LEU A 417 -26.87 5.35 41.25
C LEU A 417 -27.43 5.86 42.56
N ARG A 418 -28.04 4.95 43.35
CA ARG A 418 -28.65 5.29 44.62
C ARG A 418 -27.71 4.88 45.75
N HIS A 419 -27.30 5.85 46.56
CA HIS A 419 -26.50 5.57 47.73
C HIS A 419 -27.35 4.88 48.78
N VAL A 420 -27.03 3.63 49.10
CA VAL A 420 -27.91 2.84 49.95
C VAL A 420 -27.98 3.41 51.36
N GLY A 421 -26.85 3.83 51.91
CA GLY A 421 -26.82 4.25 53.30
C GLY A 421 -27.56 5.54 53.60
N THR A 422 -27.78 6.38 52.60
CA THR A 422 -28.51 7.62 52.79
C THR A 422 -29.79 7.72 51.96
N ASP A 423 -30.05 6.73 51.11
CA ASP A 423 -31.21 6.74 50.21
C ASP A 423 -31.29 8.04 49.40
N THR A 424 -30.17 8.39 48.75
CA THR A 424 -30.06 9.54 47.89
C THR A 424 -29.45 9.10 46.57
N TYR A 425 -29.51 9.99 45.58
CA TYR A 425 -29.20 9.65 44.19
C TYR A 425 -28.06 10.52 43.70
N LEU A 426 -27.06 9.89 43.08
CA LEU A 426 -25.91 10.62 42.58
C LEU A 426 -26.33 11.68 41.56
N LEU A 427 -25.69 12.84 41.63
CA LEU A 427 -26.01 13.97 40.77
C LEU A 427 -24.73 14.75 40.50
N SER A 428 -24.60 15.26 39.28
CA SER A 428 -23.59 16.28 39.00
C SER A 428 -24.30 17.46 38.35
N HIS A 429 -23.65 18.61 38.40
CA HIS A 429 -24.20 19.84 37.86
C HIS A 429 -23.08 20.84 37.72
N ASP A 430 -23.36 21.93 37.00
CA ASP A 430 -22.35 22.94 36.69
C ASP A 430 -22.16 23.93 37.84
N VAL A 431 -21.75 23.36 38.97
CA VAL A 431 -21.27 24.08 40.14
C VAL A 431 -19.84 23.60 40.36
N ALA A 432 -18.93 24.54 40.57
CA ALA A 432 -17.53 24.16 40.65
C ALA A 432 -17.22 23.34 41.90
N SER A 433 -16.36 22.34 41.72
CA SER A 433 -15.98 21.36 42.73
C SER A 433 -15.06 21.93 43.78
N PRO A 434 -14.82 21.19 44.87
CA PRO A 434 -13.96 21.71 45.94
C PRO A 434 -12.59 22.19 45.52
N TYR A 435 -11.85 21.41 44.75
CA TYR A 435 -10.48 21.77 44.44
C TYR A 435 -10.26 22.23 43.01
N TYR A 436 -11.21 21.98 42.11
CA TYR A 436 -11.04 22.25 40.69
C TYR A 436 -12.14 23.18 40.19
N PRO A 437 -11.86 24.48 40.08
CA PRO A 437 -12.86 25.40 39.54
C PRO A 437 -13.40 25.02 38.18
N THR A 438 -12.65 24.25 37.39
CA THR A 438 -13.09 23.84 36.08
C THR A 438 -13.96 22.58 36.07
N ASN A 439 -14.04 21.85 37.18
CA ASN A 439 -14.67 20.55 37.20
C ASN A 439 -15.97 20.61 37.98
N GLN A 440 -16.95 19.80 37.57
CA GLN A 440 -18.26 19.82 38.20
C GLN A 440 -18.29 19.12 39.54
N GLU A 441 -19.02 19.71 40.47
CA GLU A 441 -19.32 19.08 41.74
C GLU A 441 -20.14 17.81 41.52
N PHE A 442 -19.87 16.79 42.33
CA PHE A 442 -20.71 15.60 42.45
C PHE A 442 -21.35 15.62 43.84
N THR A 443 -22.64 15.32 43.89
CA THR A 443 -23.39 15.34 45.15
C THR A 443 -24.48 14.28 45.05
N THR A 444 -25.43 14.33 45.96
CA THR A 444 -26.59 13.45 45.86
C THR A 444 -27.86 14.25 46.13
N VAL A 445 -28.99 13.72 45.67
CA VAL A 445 -30.29 14.35 45.84
C VAL A 445 -31.35 13.33 46.27
N SER A 446 -32.51 13.88 46.67
CA SER A 446 -33.62 13.07 47.13
C SER A 446 -34.29 12.32 45.98
N PHE A 447 -35.08 11.31 46.35
CA PHE A 447 -35.93 10.64 45.36
C PHE A 447 -36.80 11.64 44.61
N ASN A 448 -37.43 12.56 45.32
CA ASN A 448 -38.33 13.50 44.66
CA ASN A 448 -38.33 13.51 44.67
C ASN A 448 -37.58 14.38 43.67
N GLU A 449 -36.34 14.74 43.97
CA GLU A 449 -35.55 15.51 43.02
C GLU A 449 -35.10 14.65 41.84
N ALA A 450 -34.69 13.41 42.12
CA ALA A 450 -34.11 12.56 41.09
C ALA A 450 -35.14 12.11 40.06
N TYR A 451 -36.40 11.99 40.46
CA TYR A 451 -37.48 11.63 39.55
C TYR A 451 -38.37 12.83 39.24
N GLY A 452 -37.91 14.03 39.60
CA GLY A 452 -38.63 15.26 39.34
C GLY A 452 -37.77 16.26 38.60
N ASP A 453 -37.68 17.47 39.14
CA ASP A 453 -37.11 18.57 38.38
C ASP A 453 -35.60 18.42 38.14
N ARG A 454 -34.90 17.61 38.92
CA ARG A 454 -33.47 17.44 38.73
C ARG A 454 -33.12 16.12 38.07
N ALA A 455 -34.10 15.45 37.46
CA ALA A 455 -33.87 14.09 36.97
C ALA A 455 -32.72 14.03 35.97
N ALA A 456 -32.66 14.97 35.02
CA ALA A 456 -31.66 14.87 33.96
C ALA A 456 -30.25 14.85 34.54
N ASP A 457 -30.04 15.57 35.64
CA ASP A 457 -28.72 15.68 36.24
C ASP A 457 -28.32 14.44 37.03
N THR A 458 -29.24 13.48 37.21
CA THR A 458 -28.95 12.23 37.88
C THR A 458 -28.61 11.09 36.92
N LEU A 459 -28.56 11.34 35.63
CA LEU A 459 -28.34 10.29 34.64
C LEU A 459 -26.87 10.25 34.21
N PHE A 460 -26.29 9.05 34.26
CA PHE A 460 -24.90 8.82 33.92
C PHE A 460 -24.81 7.67 32.94
N GLU A 461 -23.94 7.84 31.94
CA GLU A 461 -23.68 6.80 30.96
C GLU A 461 -22.55 5.90 31.43
N VAL A 462 -22.78 4.59 31.38
CA VAL A 462 -21.76 3.59 31.69
C VAL A 462 -21.03 3.28 30.38
N ARG A 463 -19.85 3.84 30.20
CA ARG A 463 -19.10 3.70 28.96
C ARG A 463 -17.97 2.69 29.20
N ILE A 464 -18.17 1.47 28.73
CA ILE A 464 -17.20 0.41 28.98
C ILE A 464 -15.98 0.64 28.10
N GLU A 465 -14.79 0.56 28.71
CA GLU A 465 -13.56 0.63 27.93
C GLU A 465 -13.54 -0.48 26.90
N HIS A 466 -13.28 -0.10 25.65
CA HIS A 466 -13.29 -1.03 24.51
C HIS A 466 -14.65 -1.69 24.30
N GLY A 467 -15.71 -1.05 24.78
CA GLY A 467 -17.02 -1.66 24.72
C GLY A 467 -17.56 -1.72 23.29
N LYS A 468 -18.40 -2.71 23.06
CA LYS A 468 -19.09 -2.84 21.79
C LYS A 468 -20.59 -2.76 22.01
N PRO A 469 -21.35 -2.42 20.97
CA PRO A 469 -22.80 -2.27 21.15
C PRO A 469 -23.40 -3.54 21.69
N GLY A 470 -24.25 -3.38 22.71
CA GLY A 470 -24.94 -4.46 23.36
C GLY A 470 -24.12 -5.23 24.37
N GLN A 471 -22.86 -4.87 24.57
CA GLN A 471 -22.03 -5.61 25.50
C GLN A 471 -22.55 -5.48 26.92
N GLU A 472 -22.59 -6.60 27.63
CA GLU A 472 -23.05 -6.61 29.01
C GLU A 472 -21.99 -6.02 29.94
N PHE A 473 -22.45 -5.21 30.89
CA PHE A 473 -21.60 -4.60 31.91
C PHE A 473 -21.37 -5.66 32.99
N LYS A 474 -20.10 -5.97 33.26
CA LYS A 474 -19.74 -7.03 34.19
C LYS A 474 -18.88 -6.50 35.34
N SER A 475 -19.09 -7.06 36.52
CA SER A 475 -18.15 -6.82 37.60
C SER A 475 -16.76 -7.28 37.20
N ILE A 476 -15.76 -6.59 37.74
CA ILE A 476 -14.33 -6.88 37.59
C ILE A 476 -13.82 -6.60 36.18
N SER A 477 -14.41 -7.22 35.15
CA SER A 477 -13.79 -7.14 33.83
C SER A 477 -14.17 -5.89 33.04
N SER A 478 -15.31 -5.26 33.33
CA SER A 478 -15.70 -4.07 32.58
C SER A 478 -15.11 -2.82 33.23
N HIS A 479 -13.91 -2.44 32.82
CA HIS A 479 -13.40 -1.13 33.20
C HIS A 479 -14.26 -0.13 32.45
N PHE A 480 -14.59 0.98 33.10
CA PHE A 480 -15.55 1.90 32.52
C PHE A 480 -15.28 3.32 32.96
N LYS A 481 -15.84 4.26 32.19
CA LYS A 481 -15.92 5.67 32.56
C LYS A 481 -17.39 5.99 32.76
N LEU A 482 -17.69 6.81 33.75
CA LEU A 482 -19.06 7.18 34.11
C LEU A 482 -19.26 8.63 33.66
N ILE A 483 -20.07 8.83 32.62
CA ILE A 483 -20.18 10.10 31.91
C ILE A 483 -21.50 10.75 32.28
N HIS A 484 -21.42 11.93 32.86
CA HIS A 484 -22.63 12.67 33.20
C HIS A 484 -23.37 13.04 31.93
N ASN A 485 -24.65 12.69 31.87
CA ASN A 485 -25.32 12.78 30.58
C ASN A 485 -25.52 14.22 30.09
N PRO A 486 -25.93 15.16 30.94
CA PRO A 486 -26.11 16.54 30.44
C PRO A 486 -24.83 17.19 29.94
N SER A 487 -23.73 17.00 30.64
CA SER A 487 -22.53 17.78 30.46
C SER A 487 -21.39 17.04 29.79
N LYS A 488 -21.44 15.71 29.78
CA LYS A 488 -20.40 14.84 29.27
C LYS A 488 -19.12 14.91 30.08
N VAL A 489 -19.16 15.36 31.35
CA VAL A 489 -17.99 15.24 32.22
C VAL A 489 -17.86 13.80 32.67
N ALA A 490 -16.62 13.37 32.94
CA ALA A 490 -16.34 12.04 33.44
C ALA A 490 -16.10 12.07 34.94
N MET A 491 -16.69 11.11 35.66
CA MET A 491 -16.45 11.04 37.09
C MET A 491 -14.99 10.73 37.34
N TRP A 492 -14.35 11.56 38.17
CA TRP A 492 -12.91 11.56 38.32
C TRP A 492 -12.53 11.69 39.80
N THR A 493 -11.34 11.20 40.14
CA THR A 493 -10.77 11.42 41.45
C THR A 493 -9.26 11.52 41.29
N HIS A 494 -8.60 11.82 42.41
CA HIS A 494 -7.16 12.07 42.44
C HIS A 494 -6.71 11.91 43.87
N PRO A 495 -5.40 11.85 44.12
CA PRO A 495 -4.93 11.47 45.46
C PRO A 495 -4.96 12.52 46.55
N THR A 496 -4.84 13.79 46.27
CA THR A 496 -4.69 14.77 47.36
C THR A 496 -5.96 14.84 48.17
N PRO A 497 -5.92 14.53 49.47
CA PRO A 497 -7.18 14.44 50.22
C PRO A 497 -7.88 15.79 50.36
N LEU A 498 -9.22 15.70 50.51
CA LEU A 498 -10.02 16.83 50.94
C LEU A 498 -9.57 17.30 52.33
N PRO A 499 -9.99 18.50 52.72
CA PRO A 499 -9.74 18.95 54.10
C PRO A 499 -10.50 18.14 55.14
N ASP A 500 -10.33 18.53 56.40
CA ASP A 500 -11.01 17.83 57.50
C ASP A 500 -12.53 17.80 57.31
N TRP A 501 -13.11 18.83 56.69
CA TRP A 501 -14.56 18.83 56.51
C TRP A 501 -15.02 17.67 55.65
N GLY A 502 -14.15 17.15 54.78
CA GLY A 502 -14.43 16.00 53.95
C GLY A 502 -13.76 14.73 54.46
N HIS A 503 -13.42 14.72 55.74
CA HIS A 503 -12.89 13.53 56.41
C HIS A 503 -11.56 13.11 55.82
N ARG A 504 -10.86 14.01 55.14
CA ARG A 504 -9.59 13.64 54.51
C ARG A 504 -9.75 12.54 53.46
N GLN A 505 -10.95 12.42 52.88
CA GLN A 505 -11.23 11.45 51.82
C GLN A 505 -10.88 12.09 50.48
N GLN A 506 -10.93 11.30 49.41
CA GLN A 506 -10.63 11.85 48.09
C GLN A 506 -11.84 12.62 47.55
N GLU A 507 -11.52 13.67 46.78
CA GLU A 507 -12.53 14.42 46.04
C GLU A 507 -13.05 13.60 44.86
N ILE A 508 -14.35 13.75 44.58
CA ILE A 508 -14.97 13.22 43.36
C ILE A 508 -15.50 14.42 42.59
N ASN A 509 -15.11 14.56 41.32
CA ASN A 509 -15.64 15.66 40.52
C ASN A 509 -15.69 15.27 39.05
N GLY A 510 -16.21 16.18 38.23
CA GLY A 510 -16.43 15.91 36.83
C GLY A 510 -15.34 16.49 35.97
N ASN A 511 -14.54 15.61 35.36
CA ASN A 511 -13.45 15.97 34.48
C ASN A 511 -14.00 16.32 33.10
N LYS A 512 -13.59 17.46 32.57
CA LYS A 512 -14.05 17.84 31.25
C LYS A 512 -13.41 17.00 30.15
N GLN A 513 -12.24 16.43 30.40
CA GLN A 513 -11.58 15.56 29.43
C GLN A 513 -11.93 14.12 29.77
N ILE A 514 -12.40 13.37 28.78
CA ILE A 514 -12.78 11.98 28.98
C ILE A 514 -11.60 11.03 28.76
N ALA A 515 -10.66 11.39 27.89
CA ALA A 515 -9.60 10.46 27.51
C ALA A 515 -8.73 9.95 28.66
N PRO A 516 -8.44 10.69 29.72
CA PRO A 516 -7.49 10.21 30.71
C PRO A 516 -7.83 8.86 31.35
N SER A 517 -6.77 8.08 31.58
CA SER A 517 -6.88 6.81 32.29
C SER A 517 -7.34 6.98 33.72
N SER A 518 -7.14 8.16 34.30
CA SER A 518 -7.63 8.42 35.65
C SER A 518 -9.14 8.55 35.71
N ASN A 519 -9.84 8.46 34.59
CA ASN A 519 -11.30 8.42 34.61
C ASN A 519 -11.84 7.00 34.71
N VAL A 520 -10.97 5.98 34.80
CA VAL A 520 -11.41 4.59 34.74
C VAL A 520 -11.76 4.06 36.13
N TRP A 521 -12.93 3.42 36.22
CA TRP A 521 -13.46 2.74 37.38
C TRP A 521 -13.75 1.28 37.02
N LEU A 522 -14.03 0.48 38.04
CA LEU A 522 -14.50 -0.88 37.84
C LEU A 522 -15.44 -1.22 38.98
N VAL A 523 -16.32 -2.19 38.75
CA VAL A 523 -17.21 -2.67 39.81
C VAL A 523 -16.52 -3.84 40.48
N GLU A 524 -16.24 -3.69 41.78
CA GLU A 524 -15.49 -4.75 42.47
C GLU A 524 -16.41 -5.87 42.93
N ASP A 525 -17.59 -5.55 43.45
CA ASP A 525 -18.46 -6.55 44.05
C ASP A 525 -19.91 -6.22 43.72
N ILE A 526 -20.67 -7.26 43.40
CA ILE A 526 -22.14 -7.16 43.36
C ILE A 526 -22.58 -7.58 44.75
N VAL A 527 -22.72 -6.59 45.63
CA VAL A 527 -22.96 -6.84 47.05
C VAL A 527 -24.27 -7.58 47.27
N SER A 528 -25.30 -7.24 46.51
CA SER A 528 -26.63 -7.80 46.72
C SER A 528 -26.78 -9.22 46.21
N LEU A 529 -25.84 -9.71 45.42
CA LEU A 529 -26.03 -10.98 44.74
C LEU A 529 -25.41 -12.09 45.57
N PRO A 530 -26.20 -12.98 46.15
CA PRO A 530 -25.62 -13.96 47.09
C PRO A 530 -24.62 -14.90 46.44
N ALA A 531 -23.76 -15.47 47.29
CA ALA A 531 -22.68 -16.33 46.80
C ALA A 531 -23.21 -17.58 46.11
N ASP A 532 -24.40 -18.04 46.48
CA ASP A 532 -24.97 -19.25 45.91
C ASP A 532 -25.95 -18.99 44.78
N HIS A 533 -26.02 -17.78 44.27
CA HIS A 533 -27.03 -17.47 43.26
C HIS A 533 -26.66 -18.08 41.92
N LYS A 534 -27.69 -18.48 41.16
CA LYS A 534 -27.49 -19.04 39.83
CA LYS A 534 -27.49 -19.04 39.83
C LYS A 534 -26.68 -18.13 38.93
N ARG A 535 -26.80 -16.80 39.11
CA ARG A 535 -26.08 -15.89 38.24
C ARG A 535 -24.57 -16.04 38.38
N ARG A 536 -24.13 -16.77 39.41
CA ARG A 536 -22.67 -16.96 39.67
C ARG A 536 -22.27 -18.44 39.51
N GLU A 537 -23.23 -19.35 39.36
CA GLU A 537 -22.91 -20.79 39.32
C GLU A 537 -23.41 -21.46 38.04
N LYS A 538 -23.08 -20.90 36.87
CA LYS A 538 -23.45 -21.54 35.59
C LYS A 538 -22.24 -21.49 34.64
N PRO A 539 -21.06 -22.05 35.03
CA PRO A 539 -19.87 -22.00 34.18
C PRO A 539 -19.99 -22.82 32.88
N GLU A 540 -20.51 -24.06 32.97
CA GLU A 540 -20.65 -24.96 31.80
C GLU A 540 -19.29 -25.03 31.07
N ARG A 541 -18.23 -25.34 31.82
CA ARG A 541 -16.86 -25.30 31.25
C ARG A 541 -16.24 -26.69 31.02
N LYS A 542 -16.04 -27.01 29.74
CA LYS A 542 -15.34 -28.20 29.26
C LYS A 542 -14.35 -27.80 28.19
N VAL A 543 -13.22 -28.50 28.15
CA VAL A 543 -12.11 -28.16 27.26
C VAL A 543 -11.64 -29.44 26.56
N LYS A 544 -11.70 -29.45 25.23
CA LYS A 544 -11.25 -30.61 24.49
C LYS A 544 -9.81 -30.40 23.99
N THR A 545 -9.27 -31.42 23.34
CA THR A 545 -7.91 -31.39 22.84
C THR A 545 -7.92 -31.71 21.35
N LEU A 546 -7.16 -30.91 20.54
CA LEU A 546 -7.05 -31.07 19.10
C LEU A 546 -5.63 -31.49 18.74
N PRO A 547 -5.45 -32.19 17.62
CA PRO A 547 -4.09 -32.50 17.19
C PRO A 547 -3.36 -31.21 16.84
N PHE A 548 -2.04 -31.24 17.02
CA PHE A 548 -1.27 -30.00 16.85
C PHE A 548 -1.33 -29.51 15.41
N LEU A 549 -1.28 -30.42 14.44
CA LEU A 549 -1.25 -30.00 13.04
C LEU A 549 -2.51 -29.27 12.65
N ARG A 550 -3.67 -29.72 13.13
CA ARG A 550 -4.92 -29.05 12.79
C ARG A 550 -4.92 -27.62 13.33
N LYS A 551 -4.54 -27.44 14.60
CA LYS A 551 -4.50 -26.11 15.18
C LYS A 551 -3.50 -25.22 14.44
N TRP A 552 -2.32 -25.77 14.12
CA TRP A 552 -1.32 -24.99 13.41
C TRP A 552 -1.83 -24.55 12.05
N PHE A 553 -2.47 -25.45 11.32
CA PHE A 553 -2.96 -25.10 9.99
C PHE A 553 -4.03 -24.03 10.06
N GLU A 554 -4.97 -24.16 11.00
CA GLU A 554 -6.00 -23.14 11.14
C GLU A 554 -5.38 -21.79 11.48
N LEU A 555 -4.47 -21.77 12.45
CA LEU A 555 -3.84 -20.52 12.84
C LEU A 555 -3.02 -19.92 11.72
N GLN A 556 -2.29 -20.74 10.97
CA GLN A 556 -1.48 -20.23 9.88
C GLN A 556 -2.33 -19.62 8.78
N ARG A 557 -3.41 -20.29 8.40
CA ARG A 557 -4.29 -19.73 7.38
C ARG A 557 -4.90 -18.43 7.85
N SER A 558 -5.37 -18.38 9.10
CA SER A 558 -5.97 -17.16 9.61
C SER A 558 -4.96 -16.03 9.68
N MET A 559 -3.73 -16.33 10.10
CA MET A 559 -2.70 -15.30 10.18
C MET A 559 -2.36 -14.76 8.80
N PHE A 560 -2.24 -15.63 7.81
CA PHE A 560 -1.96 -15.17 6.46
C PHE A 560 -3.08 -14.30 5.92
N TRP A 561 -4.33 -14.72 6.15
CA TRP A 561 -5.47 -13.95 5.64
C TRP A 561 -5.57 -12.58 6.32
N HIS A 562 -5.36 -12.53 7.63
CA HIS A 562 -5.42 -11.24 8.31
C HIS A 562 -4.25 -10.34 7.92
N ASN A 563 -3.06 -10.91 7.71
CA ASN A 563 -1.97 -10.09 7.19
C ASN A 563 -2.24 -9.63 5.78
N ASN A 564 -3.04 -10.41 5.02
CA ASN A 564 -3.46 -9.99 3.69
C ASN A 564 -4.52 -8.90 3.70
N GLN A 565 -5.31 -8.76 4.78
CA GLN A 565 -6.29 -7.69 4.78
C GLN A 565 -6.21 -6.70 5.92
N LEU A 566 -5.63 -7.07 7.07
CA LEU A 566 -5.71 -6.20 8.26
C LEU A 566 -4.47 -5.31 8.31
N THR A 567 -4.55 -4.20 7.59
CA THR A 567 -3.46 -3.22 7.54
C THR A 567 -3.94 -1.91 8.15
N ALA A 568 -3.12 -1.36 9.04
CA ALA A 568 -3.38 -0.08 9.69
C ALA A 568 -2.42 0.96 9.12
N SER A 569 -2.98 2.09 8.71
CA SER A 569 -2.19 3.12 8.05
C SER A 569 -1.23 3.78 9.04
N HIS A 570 -0.04 4.13 8.55
CA HIS A 570 0.95 4.85 9.31
C HIS A 570 1.49 6.01 8.47
N PRO A 571 1.68 7.18 9.07
CA PRO A 571 2.12 8.34 8.28
C PRO A 571 3.56 8.28 7.82
N TYR A 572 4.38 7.37 8.35
CA TYR A 572 5.80 7.32 8.04
C TYR A 572 6.19 6.11 7.21
N ALA A 573 5.24 5.52 6.49
CA ALA A 573 5.59 4.41 5.60
C ALA A 573 6.51 4.92 4.50
N SER A 574 7.52 4.12 4.18
CA SER A 574 8.53 4.50 3.21
C SER A 574 8.49 3.52 2.04
N LEU A 575 9.25 3.85 1.00
CA LEU A 575 9.40 2.99 -0.16
C LEU A 575 10.83 2.50 -0.27
N PRO A 576 11.04 1.32 -0.87
CA PRO A 576 12.41 0.76 -0.91
C PRO A 576 13.42 1.66 -1.58
N TYR A 577 13.03 2.51 -2.52
CA TYR A 577 14.01 3.34 -3.20
C TYR A 577 14.58 4.43 -2.31
N GLN A 578 13.93 4.73 -1.19
CA GLN A 578 14.41 5.76 -0.29
C GLN A 578 15.37 5.26 0.77
N TRP A 579 15.56 3.96 0.88
CA TRP A 579 16.30 3.41 2.01
C TRP A 579 17.82 3.54 1.87
N PRO A 580 18.43 3.13 0.76
CA PRO A 580 19.90 3.08 0.73
C PRO A 580 20.58 4.40 0.96
N PHE A 581 19.91 5.52 0.71
CA PHE A 581 20.53 6.84 0.86
C PHE A 581 19.82 7.70 1.88
N LEU A 582 18.89 7.14 2.66
CA LEU A 582 18.28 7.82 3.79
C LEU A 582 17.60 9.13 3.37
N LEU A 583 16.58 9.00 2.53
CA LEU A 583 15.85 10.17 2.09
C LEU A 583 14.79 10.63 3.08
N ARG A 584 14.45 9.79 4.06
CA ARG A 584 13.38 10.11 5.01
C ARG A 584 13.47 9.16 6.18
N GLY A 585 13.13 9.66 7.36
CA GLY A 585 13.18 8.87 8.57
C GLY A 585 11.86 8.92 9.32
N VAL A 586 11.70 7.94 10.20
CA VAL A 586 10.48 7.76 10.99
C VAL A 586 10.70 8.28 12.40
N SER A 587 9.64 8.82 13.00
CA SER A 587 9.65 9.30 14.38
C SER A 587 8.87 8.34 15.26
N PHE A 588 9.45 7.97 16.39
CA PHE A 588 8.86 7.01 17.31
C PHE A 588 8.12 7.65 18.47
N TRP A 589 8.77 8.59 19.16
CA TRP A 589 8.24 9.14 20.40
C TRP A 589 8.74 10.56 20.56
N THR A 590 7.90 11.41 21.16
CA THR A 590 8.28 12.78 21.41
C THR A 590 7.37 13.38 22.47
N ASN A 591 7.95 14.20 23.34
CA ASN A 591 7.18 15.02 24.26
C ASN A 591 7.63 16.46 24.14
N SER A 592 6.68 17.38 24.26
CA SER A 592 6.91 18.79 23.97
C SER A 592 7.46 19.58 25.15
N GLU A 593 7.34 19.07 26.38
CA GLU A 593 7.78 19.84 27.53
C GLU A 593 9.30 19.83 27.67
N THR A 594 9.94 18.70 27.38
CA THR A 594 11.38 18.57 27.48
C THR A 594 12.08 18.77 26.14
N ARG A 595 11.33 18.89 25.06
CA ARG A 595 11.87 19.03 23.70
C ARG A 595 12.82 17.88 23.38
N GLN A 596 12.28 16.67 23.49
CA GLN A 596 13.05 15.46 23.29
C GLN A 596 12.35 14.61 22.23
N GLN A 597 13.05 14.33 21.15
CA GLN A 597 12.57 13.51 20.05
C GLN A 597 13.46 12.29 19.91
N ILE A 598 12.88 11.20 19.39
CA ILE A 598 13.62 9.96 19.20
C ILE A 598 13.53 9.53 17.74
N TYR A 599 13.46 10.52 16.85
CA TYR A 599 13.37 10.33 15.41
C TYR A 599 14.36 9.28 14.93
N PHE A 600 13.84 8.22 14.32
CA PHE A 600 14.62 7.06 13.94
C PHE A 600 15.15 7.22 12.53
N LEU A 601 16.48 7.24 12.37
CA LEU A 601 17.10 7.26 11.07
C LEU A 601 18.49 6.67 11.20
N GLY A 602 19.03 6.24 10.07
CA GLY A 602 20.36 5.68 10.04
C GLY A 602 21.42 6.76 10.19
N ASN A 603 22.66 6.33 10.12
CA ASN A 603 23.79 7.26 10.14
C ASN A 603 24.02 7.73 8.72
N PRO A 604 23.72 8.99 8.38
CA PRO A 604 23.77 9.40 6.97
C PRO A 604 25.14 9.20 6.33
N VAL A 605 26.23 9.50 7.04
CA VAL A 605 27.54 9.32 6.43
C VAL A 605 27.83 7.85 6.20
N GLY A 606 27.52 7.00 7.19
CA GLY A 606 27.79 5.58 7.04
C GLY A 606 26.95 4.94 5.95
N TRP A 607 25.67 5.28 5.89
CA TRP A 607 24.80 4.70 4.87
C TRP A 607 25.20 5.16 3.47
N TRP A 608 25.51 6.45 3.31
CA TRP A 608 25.92 6.93 2.00
C TRP A 608 27.21 6.27 1.54
N ILE A 609 28.19 6.14 2.44
CA ILE A 609 29.44 5.48 2.07
C ILE A 609 29.20 4.02 1.73
N ALA A 610 28.37 3.33 2.51
CA ALA A 610 28.12 1.92 2.24
C ALA A 610 27.44 1.72 0.89
N SER A 611 26.44 2.55 0.57
CA SER A 611 25.76 2.44 -0.72
C SER A 611 26.69 2.81 -1.86
N SER A 612 27.51 3.84 -1.68
CA SER A 612 28.46 4.23 -2.70
C SER A 612 29.45 3.10 -2.97
N VAL A 613 29.90 2.41 -1.92
CA VAL A 613 30.81 1.29 -2.11
C VAL A 613 30.09 0.13 -2.78
N LEU A 614 28.80 -0.05 -2.52
CA LEU A 614 28.03 -1.03 -3.29
C LEU A 614 28.10 -0.72 -4.78
N ALA A 615 27.88 0.54 -5.13
CA ALA A 615 27.97 0.94 -6.53
C ALA A 615 29.37 0.74 -7.10
N ILE A 616 30.40 1.06 -6.32
CA ILE A 616 31.77 0.88 -6.75
C ILE A 616 32.07 -0.59 -6.98
N TYR A 617 31.55 -1.46 -6.12
CA TYR A 617 31.75 -2.89 -6.32
C TYR A 617 31.07 -3.37 -7.59
N VAL A 618 29.87 -2.87 -7.86
CA VAL A 618 29.20 -3.21 -9.11
C VAL A 618 30.06 -2.80 -10.30
N GLY A 619 30.59 -1.58 -10.26
CA GLY A 619 31.44 -1.11 -11.34
C GLY A 619 32.71 -1.92 -11.49
N ILE A 620 33.31 -2.33 -10.37
CA ILE A 620 34.53 -3.13 -10.42
C ILE A 620 34.27 -4.49 -11.05
N VAL A 621 33.16 -5.14 -10.67
CA VAL A 621 32.82 -6.41 -11.27
C VAL A 621 32.56 -6.26 -12.77
N LEU A 622 31.83 -5.21 -13.15
CA LEU A 622 31.58 -4.99 -14.57
C LEU A 622 32.86 -4.77 -15.35
N ALA A 623 33.78 -3.97 -14.81
CA ALA A 623 35.04 -3.71 -15.50
C ALA A 623 35.88 -4.97 -15.61
N ASP A 624 35.92 -5.78 -14.54
CA ASP A 624 36.68 -7.01 -14.59
C ASP A 624 36.12 -7.97 -15.63
N GLN A 625 34.80 -8.10 -15.69
CA GLN A 625 34.20 -8.97 -16.69
C GLN A 625 34.45 -8.46 -18.10
N PHE A 626 34.37 -7.14 -18.30
CA PHE A 626 34.61 -6.57 -19.62
C PHE A 626 36.06 -6.77 -20.05
N SER A 627 37.01 -6.62 -19.12
CA SER A 627 38.41 -6.87 -19.45
C SER A 627 38.67 -8.33 -19.72
N LEU A 628 37.97 -9.23 -19.02
CA LEU A 628 38.10 -10.65 -19.29
C LEU A 628 37.53 -11.02 -20.66
N ARG A 629 36.50 -10.31 -21.11
CA ARG A 629 35.93 -10.62 -22.42
C ARG A 629 36.92 -10.30 -23.54
N ARG A 630 37.70 -9.23 -23.36
CA ARG A 630 38.83 -8.89 -24.22
C ARG A 630 40.01 -9.83 -24.07
N GLY A 631 39.99 -10.72 -23.10
CA GLY A 631 41.10 -11.63 -22.89
C GLY A 631 42.19 -11.12 -21.99
N ILE A 632 41.91 -10.12 -21.15
CA ILE A 632 42.87 -9.56 -20.21
C ILE A 632 42.43 -9.96 -18.81
N ASP A 633 43.36 -10.51 -18.03
CA ASP A 633 43.02 -10.98 -16.69
C ASP A 633 42.94 -9.82 -15.69
N ALA A 634 44.05 -9.10 -15.51
CA ALA A 634 44.14 -7.92 -14.67
C ALA A 634 43.89 -8.19 -13.19
N LEU A 635 43.69 -9.45 -12.81
CA LEU A 635 43.45 -9.80 -11.42
C LEU A 635 44.16 -11.10 -11.09
N ASP A 636 44.79 -11.14 -9.92
CA ASP A 636 45.41 -12.36 -9.42
C ASP A 636 44.34 -13.40 -9.12
N HIS A 637 44.76 -14.65 -9.03
CA HIS A 637 43.80 -15.73 -8.78
C HIS A 637 43.18 -15.53 -7.41
N ARG A 638 44.00 -15.23 -6.41
CA ARG A 638 43.52 -15.07 -5.05
C ARG A 638 42.61 -13.87 -4.94
N THR A 639 42.97 -12.75 -5.58
CA THR A 639 42.18 -11.54 -5.49
C THR A 639 40.92 -11.61 -6.34
N ARG A 640 40.92 -12.43 -7.39
CA ARG A 640 39.70 -12.63 -8.15
C ARG A 640 38.69 -13.44 -7.36
N SER A 641 39.10 -14.66 -6.96
CA SER A 641 38.19 -15.56 -6.27
C SER A 641 37.52 -14.91 -5.07
N ARG A 642 38.31 -14.28 -4.21
CA ARG A 642 37.73 -13.57 -3.08
C ARG A 642 36.67 -12.58 -3.54
N LEU A 643 37.03 -11.71 -4.49
CA LEU A 643 36.09 -10.70 -4.95
C LEU A 643 34.83 -11.30 -5.54
N TYR A 644 34.88 -12.55 -5.98
CA TYR A 644 33.67 -13.19 -6.48
C TYR A 644 33.08 -14.18 -5.50
N ASN A 645 33.84 -14.67 -4.54
CA ASN A 645 33.34 -15.71 -3.64
C ASN A 645 32.97 -15.18 -2.28
N SER A 646 33.81 -14.34 -1.68
CA SER A 646 33.48 -13.78 -0.38
C SER A 646 32.73 -12.46 -0.55
N THR A 647 33.37 -11.46 -1.14
CA THR A 647 32.72 -10.16 -1.29
C THR A 647 31.44 -10.29 -2.09
N GLY A 648 31.49 -11.02 -3.20
CA GLY A 648 30.29 -11.25 -3.97
C GLY A 648 29.18 -11.84 -3.14
N PHE A 649 29.51 -12.83 -2.29
CA PHE A 649 28.52 -13.40 -1.39
C PHE A 649 27.84 -12.31 -0.58
N PHE A 650 28.63 -11.40 0.00
CA PHE A 650 28.05 -10.30 0.74
C PHE A 650 27.15 -9.46 -0.14
N PHE A 651 27.62 -9.13 -1.35
CA PHE A 651 26.76 -8.38 -2.26
C PHE A 651 25.51 -9.16 -2.62
N LEU A 652 25.59 -10.49 -2.61
CA LEU A 652 24.37 -11.27 -2.79
C LEU A 652 23.39 -10.96 -1.68
N ALA A 653 23.84 -11.03 -0.43
CA ALA A 653 22.93 -10.88 0.70
C ALA A 653 22.17 -9.58 0.60
N TRP A 654 22.89 -8.47 0.47
CA TRP A 654 22.26 -7.16 0.27
C TRP A 654 21.17 -7.23 -0.79
N ALA A 655 21.52 -7.72 -1.98
CA ALA A 655 20.52 -7.79 -3.04
C ALA A 655 19.31 -8.60 -2.61
N THR A 656 19.56 -9.80 -2.08
CA THR A 656 18.46 -10.67 -1.71
C THR A 656 17.67 -10.15 -0.53
N HIS A 657 18.15 -9.13 0.17
CA HIS A 657 17.41 -8.53 1.25
C HIS A 657 16.88 -7.15 0.92
N TYR A 658 17.13 -6.67 -0.30
CA TYR A 658 16.66 -5.35 -0.70
C TYR A 658 15.66 -5.43 -1.85
N PHE A 659 16.03 -6.06 -2.95
CA PHE A 659 15.16 -6.11 -4.12
C PHE A 659 13.81 -6.75 -3.85
N PRO A 660 13.69 -7.85 -3.09
CA PRO A 660 12.35 -8.43 -2.87
C PRO A 660 11.37 -7.50 -2.18
N PHE A 661 11.80 -6.33 -1.72
CA PHE A 661 10.88 -5.37 -1.16
C PHE A 661 10.14 -4.57 -2.22
N PHE A 662 10.63 -4.58 -3.46
CA PHE A 662 9.89 -3.94 -4.54
C PHE A 662 8.71 -4.78 -4.98
N VAL A 663 8.84 -6.11 -4.92
CA VAL A 663 7.76 -7.00 -5.29
C VAL A 663 6.60 -6.89 -4.32
N MET A 664 6.90 -6.68 -3.04
CA MET A 664 5.85 -6.54 -2.03
C MET A 664 5.34 -5.10 -2.00
N GLY A 665 4.02 -4.96 -2.03
CA GLY A 665 3.43 -3.64 -2.14
C GLY A 665 2.61 -3.21 -0.95
N ARG A 666 2.89 -3.76 0.22
CA ARG A 666 2.22 -3.34 1.44
C ARG A 666 3.06 -2.24 2.10
N GLN A 667 2.72 -1.86 3.32
CA GLN A 667 3.45 -0.81 4.01
C GLN A 667 4.83 -1.31 4.43
N LEU A 668 5.85 -0.51 4.14
CA LEU A 668 7.22 -0.84 4.52
C LEU A 668 7.86 0.38 5.17
N PHE A 669 8.70 0.14 6.16
CA PHE A 669 9.37 1.20 6.90
C PHE A 669 10.88 1.08 6.74
N LEU A 670 11.59 2.11 7.20
CA LEU A 670 13.03 2.15 7.01
C LEU A 670 13.72 0.99 7.71
N HIS A 671 13.21 0.56 8.86
CA HIS A 671 13.86 -0.52 9.58
C HIS A 671 13.86 -1.82 8.78
N HIS A 672 12.98 -1.97 7.80
CA HIS A 672 13.02 -3.14 6.94
C HIS A 672 14.31 -3.24 6.15
N TYR A 673 15.02 -2.14 5.98
CA TYR A 673 16.31 -2.16 5.31
C TYR A 673 17.46 -2.46 6.26
N LEU A 674 17.21 -2.59 7.56
CA LEU A 674 18.28 -2.89 8.49
C LEU A 674 19.05 -4.17 8.18
N PRO A 675 18.40 -5.30 7.83
CA PRO A 675 19.21 -6.47 7.42
C PRO A 675 20.08 -6.21 6.21
N ALA A 676 19.50 -5.71 5.11
CA ALA A 676 20.27 -5.51 3.90
C ALA A 676 21.42 -4.54 4.12
N HIS A 677 21.16 -3.43 4.81
CA HIS A 677 22.24 -2.49 5.10
C HIS A 677 23.39 -3.18 5.82
N LEU A 678 23.07 -4.16 6.67
CA LEU A 678 24.12 -4.94 7.33
C LEU A 678 25.09 -5.52 6.32
N ALA A 679 24.57 -6.20 5.29
CA ALA A 679 25.44 -6.74 4.27
C ALA A 679 26.19 -5.63 3.54
N SER A 680 25.55 -4.47 3.38
CA SER A 680 26.24 -3.34 2.78
C SER A 680 27.48 -2.95 3.58
N THR A 681 27.44 -3.11 4.90
CA THR A 681 28.60 -2.78 5.71
C THR A 681 29.72 -3.79 5.53
N LEU A 682 29.41 -4.97 5.01
CA LEU A 682 30.45 -5.98 4.81
C LEU A 682 31.25 -5.66 3.56
N VAL A 683 30.56 -5.51 2.42
CA VAL A 683 31.27 -5.28 1.17
C VAL A 683 32.18 -4.07 1.30
N THR A 684 31.71 -3.01 1.99
CA THR A 684 32.52 -1.83 2.22
C THR A 684 33.88 -2.23 2.77
N GLY A 685 33.88 -2.98 3.87
CA GLY A 685 35.14 -3.43 4.43
C GLY A 685 35.99 -4.19 3.43
N ALA A 686 35.36 -5.11 2.70
CA ALA A 686 36.10 -5.86 1.69
C ALA A 686 36.71 -4.91 0.66
N LEU A 687 35.94 -3.93 0.19
CA LEU A 687 36.47 -3.03 -0.82
C LEU A 687 37.57 -2.14 -0.29
N VAL A 688 37.67 -1.97 1.03
CA VAL A 688 38.82 -1.23 1.54
C VAL A 688 40.05 -2.11 1.56
N GLU A 689 39.89 -3.41 1.78
CA GLU A 689 41.03 -4.30 1.64
C GLU A 689 41.43 -4.44 0.19
N PHE A 690 40.46 -4.34 -0.72
CA PHE A 690 40.71 -4.61 -2.13
C PHE A 690 41.51 -3.49 -2.79
N ILE A 691 40.95 -2.27 -2.81
CA ILE A 691 41.56 -1.23 -3.62
C ILE A 691 42.88 -0.76 -3.03
N PHE A 692 43.04 -0.82 -1.70
CA PHE A 692 44.27 -0.42 -1.04
C PHE A 692 45.18 -1.60 -0.74
N SER A 693 45.14 -2.64 -1.57
CA SER A 693 46.00 -3.80 -1.36
C SER A 693 47.21 -3.71 -2.26
N PRO A 694 48.43 -3.66 -1.71
CA PRO A 694 49.67 -3.64 -2.49
C PRO A 694 49.95 -4.99 -3.14
N PHE A 729 48.37 -14.55 1.79
CA PHE A 729 48.60 -13.87 3.07
C PHE A 729 49.30 -12.54 2.84
N ALA A 730 49.73 -12.29 1.59
CA ALA A 730 50.52 -11.10 1.30
C ALA A 730 49.77 -9.84 1.71
N GLY A 731 50.24 -9.18 2.76
CA GLY A 731 49.61 -7.98 3.27
C GLY A 731 50.61 -6.96 3.78
N GLN A 732 51.83 -6.97 3.25
CA GLN A 732 52.83 -6.01 3.66
C GLN A 732 52.39 -4.58 3.40
N SER A 733 52.57 -3.73 4.42
CA SER A 733 52.23 -2.32 4.37
C SER A 733 50.72 -2.12 4.17
N LEU A 734 49.96 -2.61 5.14
CA LEU A 734 48.53 -2.32 5.16
C LEU A 734 48.25 -0.90 5.50
N MET A 735 49.29 -0.07 5.60
CA MET A 735 49.14 1.31 6.05
C MET A 735 48.07 2.03 5.23
N GLY A 736 47.99 1.73 3.94
CA GLY A 736 46.98 2.36 3.11
C GLY A 736 45.58 2.06 3.60
N SER A 737 45.26 0.78 3.77
CA SER A 737 43.95 0.40 4.28
C SER A 737 43.74 0.87 5.70
N TRP A 738 44.80 0.94 6.50
CA TRP A 738 44.68 1.44 7.86
C TRP A 738 44.24 2.90 7.88
N ILE A 739 44.89 3.72 7.06
CA ILE A 739 44.50 5.13 6.98
C ILE A 739 43.10 5.27 6.40
N ALA A 740 42.78 4.45 5.40
CA ALA A 740 41.45 4.51 4.80
C ALA A 740 40.37 4.23 5.83
N THR A 741 40.51 3.12 6.56
CA THR A 741 39.51 2.77 7.56
C THR A 741 39.51 3.75 8.71
N ALA A 742 40.67 4.28 9.10
CA ALA A 742 40.71 5.27 10.16
C ALA A 742 39.94 6.52 9.77
N VAL A 743 40.16 7.01 8.56
CA VAL A 743 39.46 8.22 8.11
C VAL A 743 37.97 7.98 7.98
N ILE A 744 37.58 6.87 7.34
CA ILE A 744 36.15 6.60 7.16
C ILE A 744 35.46 6.44 8.50
N LEU A 745 36.08 5.71 9.43
CA LEU A 745 35.45 5.49 10.72
C LEU A 745 35.44 6.75 11.57
N ALA A 746 36.45 7.61 11.46
CA ALA A 746 36.41 8.88 12.19
C ALA A 746 35.28 9.78 11.68
N LEU A 747 35.11 9.83 10.35
CA LEU A 747 34.03 10.62 9.77
C LEU A 747 32.67 10.07 10.16
N VAL A 748 32.51 8.74 10.12
CA VAL A 748 31.24 8.13 10.53
C VAL A 748 31.01 8.35 12.02
N ALA A 749 32.08 8.35 12.82
CA ALA A 749 31.94 8.61 14.25
C ALA A 749 31.48 10.04 14.50
N TRP A 750 32.02 11.00 13.75
CA TRP A 750 31.54 12.37 13.88
C TRP A 750 30.06 12.46 13.50
N SER A 751 29.68 11.78 12.42
CA SER A 751 28.27 11.80 12.00
C SER A 751 27.36 11.13 13.02
N TRP A 752 27.84 10.07 13.67
CA TRP A 752 27.04 9.41 14.71
C TRP A 752 26.92 10.29 15.94
N TRP A 753 27.99 10.99 16.30
CA TRP A 753 27.94 11.93 17.41
C TRP A 753 26.97 13.07 17.12
N PHE A 754 26.91 13.51 15.87
CA PHE A 754 26.01 14.60 15.51
C PHE A 754 24.55 14.22 15.72
N PHE A 755 24.18 13.01 15.33
CA PHE A 755 22.78 12.58 15.38
C PHE A 755 22.46 11.77 16.62
N LEU A 756 23.40 11.67 17.56
CA LEU A 756 23.18 10.86 18.76
C LEU A 756 22.00 11.32 19.60
N PRO A 757 21.79 12.61 19.88
CA PRO A 757 20.57 13.00 20.62
C PRO A 757 19.28 12.51 19.99
N LEU A 758 19.15 12.67 18.68
CA LEU A 758 17.96 12.19 17.98
C LEU A 758 17.80 10.68 18.11
N THR A 759 18.90 9.95 18.34
CA THR A 759 18.81 8.52 18.59
C THR A 759 18.36 8.22 20.00
N TYR A 760 18.77 9.03 20.98
CA TYR A 760 18.50 8.74 22.38
C TYR A 760 17.35 9.58 22.93
N GLY A 761 17.34 10.88 22.62
CA GLY A 761 16.33 11.76 23.15
C GLY A 761 16.54 12.20 24.58
N TYR A 762 17.73 11.97 25.14
CA TYR A 762 17.97 12.40 26.51
C TYR A 762 18.22 13.90 26.58
N PRO A 763 19.16 14.46 25.82
CA PRO A 763 19.41 15.91 25.95
C PRO A 763 18.40 16.69 25.12
N GLY A 764 17.69 17.61 25.76
CA GLY A 764 16.81 18.51 25.04
C GLY A 764 17.63 19.44 24.16
N MET A 765 17.31 19.47 22.88
CA MET A 765 18.06 20.25 21.91
C MET A 765 17.32 21.54 21.54
N SER A 766 18.10 22.59 21.30
CA SER A 766 17.54 23.88 20.96
C SER A 766 16.99 23.88 19.54
N VAL A 767 16.20 24.91 19.22
CA VAL A 767 15.54 24.99 17.92
C VAL A 767 16.58 25.08 16.80
N GLN A 768 17.59 25.93 16.97
CA GLN A 768 18.60 26.05 15.94
C GLN A 768 19.40 24.76 15.78
N GLN A 769 19.55 24.00 16.87
CA GLN A 769 20.20 22.70 16.77
C GLN A 769 19.35 21.71 16.00
N VAL A 770 18.03 21.81 16.12
CA VAL A 770 17.15 20.97 15.32
C VAL A 770 17.31 21.28 13.83
N LEU A 771 17.52 22.55 13.50
CA LEU A 771 17.68 22.94 12.10
C LEU A 771 18.91 22.31 11.48
N ARG A 772 19.99 22.18 12.25
CA ARG A 772 21.23 21.65 11.70
C ARG A 772 21.08 20.19 11.27
N ARG A 773 20.12 19.46 11.83
CA ARG A 773 19.89 18.07 11.46
C ARG A 773 18.96 17.92 10.27
N LYS A 774 18.40 19.02 9.76
CA LYS A 774 17.50 19.00 8.60
C LYS A 774 18.34 18.92 7.32
N TRP A 775 18.91 17.74 7.08
CA TRP A 775 19.80 17.59 5.93
C TRP A 775 19.02 17.28 4.65
N LEU A 776 18.32 16.15 4.62
CA LEU A 776 17.61 15.71 3.43
C LEU A 776 16.11 15.74 3.64
N GLY A 777 15.62 16.75 4.33
CA GLY A 777 14.20 16.87 4.56
C GLY A 777 13.69 15.86 5.57
N TYR A 778 14.15 15.98 6.81
CA TYR A 778 13.72 15.11 7.90
C TYR A 778 12.68 15.87 8.71
N ASP A 779 11.51 15.27 8.87
CA ASP A 779 10.41 15.91 9.60
C ASP A 779 10.67 15.77 11.08
N LEU A 780 11.37 16.75 11.65
CA LEU A 780 11.66 16.76 13.07
C LEU A 780 10.62 17.49 13.89
N HIS A 781 9.78 18.32 13.26
CA HIS A 781 8.65 19.00 13.90
C HIS A 781 9.03 19.70 15.22
N PHE A 782 10.29 20.05 15.40
CA PHE A 782 10.74 20.90 16.50
C PHE A 782 11.52 22.08 15.95
N ALA A 783 11.08 22.61 14.82
CA ALA A 783 11.75 23.72 14.17
C ALA A 783 10.88 24.97 14.20
N PRO B 49 -1.05 -32.70 -44.86
CA PRO B 49 -0.89 -31.75 -45.96
C PRO B 49 0.54 -31.71 -46.51
N ALA B 50 1.03 -30.51 -46.80
CA ALA B 50 2.38 -30.33 -47.33
C ALA B 50 2.92 -28.99 -46.87
N GLY B 51 4.12 -28.67 -47.34
CA GLY B 51 4.77 -27.41 -47.01
C GLY B 51 5.49 -26.79 -48.18
N SER B 52 5.19 -25.51 -48.46
CA SER B 52 5.79 -24.78 -49.56
C SER B 52 5.45 -23.31 -49.39
N GLU B 53 6.14 -22.46 -50.15
CA GLU B 53 5.91 -21.02 -50.05
C GLU B 53 4.48 -20.66 -50.46
N ARG B 54 3.95 -21.36 -51.46
CA ARG B 54 2.56 -21.11 -51.84
C ARG B 54 1.61 -21.45 -50.71
N ASP B 55 1.85 -22.55 -50.00
CA ASP B 55 1.01 -22.89 -48.85
C ASP B 55 1.17 -21.87 -47.74
N TYR B 56 2.39 -21.37 -47.51
CA TYR B 56 2.58 -20.30 -46.55
C TYR B 56 1.76 -19.07 -46.91
N LYS B 57 1.80 -18.67 -48.18
CA LYS B 57 1.06 -17.50 -48.61
C LYS B 57 -0.45 -17.70 -48.48
N ILE B 58 -0.93 -18.89 -48.84
CA ILE B 58 -2.36 -19.17 -48.72
C ILE B 58 -2.80 -19.10 -47.27
N ALA B 59 -2.01 -19.71 -46.38
CA ALA B 59 -2.35 -19.68 -44.96
C ALA B 59 -2.31 -18.25 -44.42
N PHE B 60 -1.32 -17.47 -44.84
CA PHE B 60 -1.24 -16.07 -44.39
C PHE B 60 -2.45 -15.26 -44.85
N ALA B 61 -2.85 -15.44 -46.12
CA ALA B 61 -4.01 -14.71 -46.63
C ALA B 61 -5.28 -15.11 -45.90
N ILE B 62 -5.47 -16.40 -45.66
CA ILE B 62 -6.67 -16.85 -44.94
C ILE B 62 -6.67 -16.33 -43.52
N ILE B 63 -5.51 -16.37 -42.85
CA ILE B 63 -5.43 -15.88 -41.47
C ILE B 63 -5.75 -14.40 -41.41
N THR B 64 -5.21 -13.61 -42.34
CA THR B 64 -5.49 -12.18 -42.36
C THR B 64 -6.96 -11.91 -42.64
N ALA B 65 -7.56 -12.66 -43.56
CA ALA B 65 -8.98 -12.46 -43.87
C ALA B 65 -9.85 -12.77 -42.67
N LEU B 66 -9.58 -13.89 -41.97
CA LEU B 66 -10.35 -14.22 -40.78
C LEU B 66 -10.09 -13.23 -39.65
N ALA B 67 -8.89 -12.66 -39.56
CA ALA B 67 -8.64 -11.64 -38.56
C ALA B 67 -9.49 -10.41 -38.82
N PHE B 68 -9.50 -9.94 -40.06
CA PHE B 68 -10.33 -8.79 -40.40
C PHE B 68 -11.81 -9.08 -40.21
N LEU B 69 -12.22 -10.33 -40.44
CA LEU B 69 -13.61 -10.70 -40.20
C LEU B 69 -13.96 -10.64 -38.73
N THR B 70 -13.14 -11.27 -37.88
CA THR B 70 -13.48 -11.37 -36.47
C THR B 70 -13.38 -10.03 -35.76
N ARG B 71 -12.39 -9.20 -36.12
CA ARG B 71 -12.26 -7.92 -35.44
C ARG B 71 -13.35 -6.93 -35.85
N PHE B 72 -13.86 -7.03 -37.07
CA PHE B 72 -14.81 -6.06 -37.57
C PHE B 72 -16.26 -6.51 -37.47
N TRP B 73 -16.52 -7.79 -37.22
CA TRP B 73 -17.88 -8.28 -37.18
C TRP B 73 -18.63 -7.69 -35.99
N GLY B 74 -19.73 -7.01 -36.27
CA GLY B 74 -20.52 -6.41 -35.20
C GLY B 74 -19.77 -5.36 -34.41
N ILE B 75 -18.98 -4.54 -35.08
CA ILE B 75 -18.17 -3.54 -34.39
C ILE B 75 -19.01 -2.42 -33.82
N SER B 76 -20.19 -2.17 -34.37
CA SER B 76 -21.02 -1.05 -33.96
C SER B 76 -22.15 -1.48 -33.03
N HIS B 77 -22.17 -2.73 -32.58
CA HIS B 77 -23.29 -3.20 -31.76
C HIS B 77 -23.42 -2.47 -30.44
N PRO B 78 -22.37 -2.31 -29.62
CA PRO B 78 -22.59 -1.67 -28.32
C PRO B 78 -23.14 -0.26 -28.43
N ASP B 79 -22.86 0.42 -29.54
CA ASP B 79 -23.40 1.72 -29.95
C ASP B 79 -23.71 2.62 -28.76
N GLN B 80 -22.75 2.71 -27.85
CA GLN B 80 -22.89 3.45 -26.61
C GLN B 80 -21.49 3.63 -26.05
N VAL B 81 -21.31 4.66 -25.23
CA VAL B 81 -20.00 4.91 -24.63
C VAL B 81 -19.73 3.85 -23.58
N VAL B 82 -18.53 3.28 -23.59
CA VAL B 82 -18.25 2.06 -22.86
C VAL B 82 -17.09 2.37 -21.92
N PHE B 83 -16.59 1.36 -21.20
CA PHE B 83 -15.72 1.45 -20.03
C PHE B 83 -14.73 2.61 -20.03
N ASP B 84 -13.85 2.72 -21.03
CA ASP B 84 -12.93 3.84 -21.09
C ASP B 84 -12.97 4.57 -22.42
N GLU B 85 -14.03 4.38 -23.20
CA GLU B 85 -14.17 5.21 -24.39
C GLU B 85 -14.39 6.67 -24.04
N VAL B 86 -14.79 6.95 -22.80
CA VAL B 86 -15.09 8.32 -22.39
C VAL B 86 -13.86 9.21 -22.56
N HIS B 87 -12.79 8.89 -21.84
CA HIS B 87 -11.62 9.76 -21.79
C HIS B 87 -10.98 9.90 -23.16
N PHE B 88 -10.76 8.78 -23.85
CA PHE B 88 -10.05 8.83 -25.11
C PHE B 88 -10.89 9.49 -26.19
N GLY B 89 -12.20 9.28 -26.19
CA GLY B 89 -13.05 10.02 -27.11
C GLY B 89 -13.06 11.51 -26.81
N LYS B 90 -13.08 11.88 -25.53
CA LYS B 90 -12.98 13.28 -25.15
C LYS B 90 -11.71 13.90 -25.72
N PHE B 91 -10.59 13.22 -25.56
CA PHE B 91 -9.31 13.78 -25.99
C PHE B 91 -9.20 13.82 -27.51
N ALA B 92 -9.72 12.81 -28.21
CA ALA B 92 -9.74 12.87 -29.66
C ALA B 92 -10.58 14.03 -30.16
N SER B 93 -11.72 14.26 -29.52
CA SER B 93 -12.55 15.40 -29.90
C SER B 93 -11.84 16.70 -29.61
N TYR B 94 -11.19 16.81 -28.45
CA TYR B 94 -10.48 18.05 -28.15
C TYR B 94 -9.37 18.30 -29.15
N TYR B 95 -8.71 17.24 -29.64
CA TYR B 95 -7.79 17.39 -30.75
C TYR B 95 -8.48 17.97 -31.97
N LEU B 96 -9.73 17.59 -32.19
CA LEU B 96 -10.41 18.04 -33.40
C LEU B 96 -10.78 19.52 -33.34
N GLN B 97 -11.15 20.02 -32.16
CA GLN B 97 -11.46 21.43 -32.00
C GLN B 97 -10.26 22.26 -31.58
N ARG B 98 -9.08 21.66 -31.50
CA ARG B 98 -7.81 22.34 -31.24
C ARG B 98 -7.76 22.98 -29.87
N THR B 99 -8.69 22.63 -28.98
CA THR B 99 -8.70 23.17 -27.62
C THR B 99 -7.73 22.39 -26.76
N TYR B 100 -6.93 23.10 -25.98
CA TYR B 100 -5.91 22.46 -25.17
C TYR B 100 -6.53 21.64 -24.06
N PHE B 101 -5.89 20.53 -23.73
CA PHE B 101 -6.31 19.71 -22.61
C PHE B 101 -5.08 19.05 -22.00
N PHE B 102 -5.30 18.29 -20.94
CA PHE B 102 -4.22 17.64 -20.20
C PHE B 102 -4.56 16.16 -20.03
N ASP B 103 -3.58 15.31 -20.28
CA ASP B 103 -3.72 13.88 -20.08
C ASP B 103 -2.41 13.32 -19.54
N VAL B 104 -2.51 12.16 -18.90
CA VAL B 104 -1.32 11.51 -18.36
C VAL B 104 -0.66 10.57 -19.34
N HIS B 105 -1.31 10.26 -20.44
CA HIS B 105 -0.76 9.34 -21.42
C HIS B 105 -0.04 10.09 -22.53
N PRO B 106 0.95 9.45 -23.16
CA PRO B 106 1.59 10.06 -24.31
C PRO B 106 0.59 10.19 -25.45
N PRO B 107 0.78 11.17 -26.32
CA PRO B 107 -0.34 11.60 -27.18
C PRO B 107 -0.63 10.71 -28.38
N LEU B 108 0.27 9.83 -28.79
CA LEU B 108 0.18 9.26 -30.13
C LEU B 108 -1.13 8.52 -30.37
N GLY B 109 -1.62 7.78 -29.38
CA GLY B 109 -2.88 7.07 -29.56
C GLY B 109 -4.04 8.00 -29.84
N LYS B 110 -4.15 9.07 -29.05
CA LYS B 110 -5.22 10.03 -29.28
C LYS B 110 -5.01 10.80 -30.59
N LEU B 111 -3.76 11.01 -31.00
CA LEU B 111 -3.52 11.55 -32.33
C LEU B 111 -4.07 10.63 -33.42
N LEU B 112 -3.87 9.31 -33.26
CA LEU B 112 -4.40 8.39 -34.26
C LEU B 112 -5.92 8.42 -34.29
N PHE B 113 -6.55 8.46 -33.11
CA PHE B 113 -8.01 8.53 -33.08
C PHE B 113 -8.50 9.83 -33.71
N ALA B 114 -7.84 10.95 -33.42
CA ALA B 114 -8.23 12.22 -34.01
C ALA B 114 -8.00 12.24 -35.51
N PHE B 115 -6.96 11.58 -35.99
CA PHE B 115 -6.75 11.47 -37.43
C PHE B 115 -7.86 10.67 -38.08
N MET B 116 -8.27 9.56 -37.46
CA MET B 116 -9.38 8.80 -38.01
C MET B 116 -10.65 9.63 -38.04
N GLY B 117 -10.92 10.37 -36.98
CA GLY B 117 -12.09 11.24 -36.96
C GLY B 117 -12.01 12.33 -38.01
N TRP B 118 -10.84 12.94 -38.17
CA TRP B 118 -10.67 14.02 -39.13
C TRP B 118 -10.79 13.51 -40.56
N LEU B 119 -10.41 12.27 -40.81
CA LEU B 119 -10.49 11.72 -42.15
C LEU B 119 -11.93 11.68 -42.65
N VAL B 120 -12.86 11.29 -41.78
CA VAL B 120 -14.27 11.31 -42.13
C VAL B 120 -14.76 12.73 -42.33
N GLY B 121 -14.24 13.69 -41.58
CA GLY B 121 -14.69 15.06 -41.65
C GLY B 121 -15.41 15.54 -40.42
N TYR B 122 -15.63 14.67 -39.44
CA TYR B 122 -16.31 15.05 -38.22
C TYR B 122 -15.48 16.02 -37.40
N ASP B 123 -16.09 17.15 -37.04
CA ASP B 123 -15.54 18.03 -36.02
C ASP B 123 -16.47 18.09 -34.80
N GLY B 124 -17.72 18.49 -35.01
CA GLY B 124 -18.75 18.44 -34.00
C GLY B 124 -18.43 19.10 -32.68
N HIS B 125 -19.26 18.84 -31.67
CA HIS B 125 -18.98 19.29 -30.31
C HIS B 125 -19.43 18.25 -29.29
N PHE B 126 -19.42 16.98 -29.67
CA PHE B 126 -19.88 15.91 -28.78
C PHE B 126 -18.70 15.34 -28.00
N HIS B 127 -18.20 16.17 -27.08
CA HIS B 127 -17.21 15.70 -26.13
C HIS B 127 -17.92 14.83 -25.11
N PHE B 128 -17.46 13.59 -24.96
CA PHE B 128 -18.17 12.60 -24.18
C PHE B 128 -18.20 12.99 -22.70
N ASP B 129 -19.26 12.60 -22.03
CA ASP B 129 -19.39 13.05 -20.64
C ASP B 129 -19.64 11.92 -19.65
N ASN B 130 -20.42 10.90 -20.03
CA ASN B 130 -20.75 9.83 -19.10
C ASN B 130 -20.77 8.49 -19.83
N ILE B 131 -20.52 7.43 -19.08
CA ILE B 131 -20.67 6.08 -19.62
C ILE B 131 -22.15 5.78 -19.80
N GLY B 132 -22.53 5.41 -21.02
CA GLY B 132 -23.90 5.01 -21.25
C GLY B 132 -24.75 6.04 -21.95
N ASP B 133 -24.22 6.68 -22.98
CA ASP B 133 -25.03 7.57 -23.77
C ASP B 133 -24.92 7.17 -25.23
N PRO B 134 -26.00 7.34 -26.01
CA PRO B 134 -26.01 6.80 -27.38
C PRO B 134 -25.21 7.67 -28.33
N TYR B 135 -24.34 7.02 -29.12
CA TYR B 135 -23.58 7.73 -30.13
C TYR B 135 -24.47 8.12 -31.30
N VAL B 136 -25.39 7.24 -31.68
CA VAL B 136 -26.12 7.41 -32.94
C VAL B 136 -27.08 8.59 -32.88
N ILE B 137 -27.52 8.99 -31.69
CA ILE B 137 -28.49 10.07 -31.58
C ILE B 137 -27.74 11.37 -31.38
N ASN B 138 -26.42 11.35 -31.64
CA ASN B 138 -25.60 12.53 -31.45
C ASN B 138 -24.74 12.85 -32.67
N LYS B 139 -25.01 12.19 -33.81
CA LYS B 139 -24.36 12.52 -35.08
C LYS B 139 -22.84 12.41 -34.99
N VAL B 140 -22.36 11.40 -34.28
CA VAL B 140 -20.92 11.17 -34.10
C VAL B 140 -20.53 9.86 -34.77
N PRO B 141 -19.40 9.81 -35.50
CA PRO B 141 -18.95 8.56 -36.12
C PRO B 141 -18.08 7.69 -35.21
N TYR B 142 -18.73 6.98 -34.30
CA TYR B 142 -18.00 6.09 -33.40
C TYR B 142 -17.44 4.88 -34.14
N VAL B 143 -18.08 4.46 -35.23
CA VAL B 143 -17.56 3.33 -36.00
C VAL B 143 -16.23 3.69 -36.64
N ALA B 144 -16.09 4.92 -37.11
CA ALA B 144 -14.82 5.37 -37.65
C ALA B 144 -13.74 5.38 -36.57
N PHE B 145 -14.09 5.79 -35.36
CA PHE B 145 -13.15 5.75 -34.25
C PHE B 145 -12.73 4.33 -33.93
N ARG B 146 -13.68 3.40 -33.94
CA ARG B 146 -13.41 2.02 -33.56
C ARG B 146 -12.78 1.21 -34.68
N ALA B 147 -12.79 1.71 -35.91
CA ALA B 147 -12.19 0.96 -37.01
C ALA B 147 -10.67 0.94 -36.92
N LEU B 148 -10.05 1.97 -36.33
CA LEU B 148 -8.60 1.98 -36.22
C LEU B 148 -8.08 0.85 -35.32
N PRO B 149 -8.57 0.66 -34.09
CA PRO B 149 -8.07 -0.47 -33.30
C PRO B 149 -8.38 -1.81 -33.94
N ALA B 150 -9.50 -1.94 -34.65
CA ALA B 150 -9.79 -3.19 -35.34
C ALA B 150 -8.79 -3.46 -36.45
N ILE B 151 -8.43 -2.44 -37.22
CA ILE B 151 -7.40 -2.59 -38.24
C ILE B 151 -6.08 -2.99 -37.60
N LEU B 152 -5.73 -2.36 -36.48
CA LEU B 152 -4.48 -2.69 -35.81
C LEU B 152 -4.49 -4.10 -35.24
N GLY B 153 -5.64 -4.58 -34.75
CA GLY B 153 -5.69 -5.96 -34.28
C GLY B 153 -5.56 -6.98 -35.40
N SER B 154 -6.22 -6.72 -36.52
CA SER B 154 -6.05 -7.60 -37.67
C SER B 154 -4.60 -7.63 -38.15
N LEU B 155 -3.98 -6.45 -38.20
CA LEU B 155 -2.57 -6.37 -38.56
C LEU B 155 -1.69 -7.03 -37.50
N THR B 156 -2.13 -7.05 -36.24
CA THR B 156 -1.38 -7.75 -35.20
C THR B 156 -1.37 -9.25 -35.46
N VAL B 157 -2.52 -9.82 -35.84
CA VAL B 157 -2.54 -11.24 -36.17
C VAL B 157 -1.64 -11.52 -37.37
N SER B 158 -1.70 -10.66 -38.38
CA SER B 158 -0.84 -10.84 -39.55
C SER B 158 0.63 -10.73 -39.18
N VAL B 159 0.97 -9.81 -38.28
CA VAL B 159 2.36 -9.64 -37.86
C VAL B 159 2.83 -10.83 -37.04
N VAL B 160 1.94 -11.45 -36.26
CA VAL B 160 2.32 -12.66 -35.54
C VAL B 160 2.67 -13.77 -36.53
N PHE B 161 1.83 -13.95 -37.55
CA PHE B 161 2.17 -14.92 -38.59
C PHE B 161 3.49 -14.59 -39.26
N LEU B 162 3.73 -13.30 -39.51
CA LEU B 162 4.98 -12.89 -40.15
C LEU B 162 6.19 -13.15 -39.25
N ILE B 163 6.04 -12.95 -37.94
CA ILE B 163 7.13 -13.22 -37.02
C ILE B 163 7.48 -14.70 -37.03
N MET B 164 6.46 -15.55 -36.98
CA MET B 164 6.74 -16.99 -37.00
C MET B 164 7.30 -17.43 -38.34
N TRP B 165 6.84 -16.82 -39.43
CA TRP B 165 7.33 -17.18 -40.76
C TRP B 165 8.79 -16.75 -40.94
N GLU B 166 9.13 -15.54 -40.50
CA GLU B 166 10.46 -15.03 -40.72
C GLU B 166 11.49 -15.75 -39.86
N SER B 167 11.09 -16.20 -38.67
CA SER B 167 12.01 -16.90 -37.78
C SER B 167 12.45 -18.24 -38.34
N GLY B 168 11.69 -18.82 -39.27
CA GLY B 168 12.05 -20.07 -39.89
C GLY B 168 11.26 -21.27 -39.45
N TYR B 169 10.18 -21.08 -38.69
CA TYR B 169 9.41 -22.23 -38.24
C TYR B 169 8.60 -22.81 -39.39
N SER B 170 8.04 -23.98 -39.14
CA SER B 170 7.23 -24.65 -40.15
C SER B 170 5.83 -24.05 -40.17
N LEU B 171 5.07 -24.42 -41.21
CA LEU B 171 3.72 -23.89 -41.36
C LEU B 171 2.82 -24.16 -40.17
N PRO B 172 2.75 -25.37 -39.60
CA PRO B 172 1.85 -25.58 -38.46
C PRO B 172 2.16 -24.68 -37.27
N ALA B 173 3.43 -24.36 -37.03
CA ALA B 173 3.78 -23.50 -35.90
C ALA B 173 3.29 -22.06 -36.12
N CYS B 174 3.52 -21.53 -37.33
CA CYS B 174 3.04 -20.19 -37.64
C CYS B 174 1.52 -20.12 -37.56
N ILE B 175 0.86 -21.15 -38.11
CA ILE B 175 -0.60 -21.19 -38.06
C ILE B 175 -1.08 -21.25 -36.62
N LEU B 176 -0.42 -22.05 -35.79
CA LEU B 176 -0.85 -22.16 -34.39
C LEU B 176 -0.71 -20.83 -33.65
N ALA B 177 0.43 -20.15 -33.80
CA ALA B 177 0.61 -18.87 -33.11
C ALA B 177 -0.41 -17.85 -33.59
N SER B 178 -0.57 -17.75 -34.92
CA SER B 178 -1.50 -16.78 -35.48
C SER B 178 -2.94 -17.11 -35.13
N GLY B 179 -3.28 -18.38 -34.97
CA GLY B 179 -4.62 -18.78 -34.60
C GLY B 179 -4.91 -18.55 -33.14
N LEU B 180 -3.91 -18.78 -32.29
CA LEU B 180 -4.08 -18.47 -30.86
C LEU B 180 -4.31 -16.99 -30.66
N VAL B 181 -3.59 -16.15 -31.40
CA VAL B 181 -3.87 -14.71 -31.36
C VAL B 181 -5.21 -14.40 -32.02
N LEU B 182 -5.56 -15.13 -33.07
CA LEU B 182 -6.80 -14.88 -33.80
C LEU B 182 -8.02 -15.23 -32.98
N LEU B 183 -8.03 -16.41 -32.38
CA LEU B 183 -9.18 -16.91 -31.66
C LEU B 183 -9.19 -16.50 -30.20
N ASP B 184 -8.51 -15.40 -29.87
CA ASP B 184 -8.45 -14.92 -28.50
C ASP B 184 -9.51 -13.86 -28.25
N ASN B 185 -10.32 -14.09 -27.21
CA ASN B 185 -11.41 -13.16 -26.92
C ASN B 185 -10.90 -11.84 -26.35
N ALA B 186 -9.79 -11.86 -25.62
CA ALA B 186 -9.29 -10.62 -25.04
C ALA B 186 -8.74 -9.68 -26.10
N HIS B 187 -7.97 -10.22 -27.06
CA HIS B 187 -7.46 -9.39 -28.14
C HIS B 187 -8.59 -8.84 -28.98
N ILE B 188 -9.61 -9.65 -29.24
CA ILE B 188 -10.77 -9.18 -29.99
C ILE B 188 -11.48 -8.08 -29.22
N GLY B 189 -11.69 -8.28 -27.92
CA GLY B 189 -12.40 -7.30 -27.13
C GLY B 189 -11.65 -6.02 -26.90
N GLN B 190 -10.32 -6.04 -27.01
CA GLN B 190 -9.56 -4.82 -26.83
C GLN B 190 -9.52 -4.00 -28.11
N THR B 191 -9.52 -4.64 -29.26
CA THR B 191 -9.49 -3.97 -30.55
C THR B 191 -10.88 -3.60 -31.04
N ARG B 192 -11.84 -3.50 -30.13
CA ARG B 192 -13.23 -3.22 -30.45
C ARG B 192 -13.67 -1.82 -30.09
N LEU B 193 -13.00 -1.19 -29.14
CA LEU B 193 -13.47 0.05 -28.53
C LEU B 193 -12.51 1.19 -28.87
N ILE B 194 -12.78 2.35 -28.29
CA ILE B 194 -11.85 3.48 -28.38
C ILE B 194 -10.89 3.31 -27.21
N LEU B 195 -9.88 2.48 -27.42
CA LEU B 195 -8.88 2.18 -26.39
C LEU B 195 -7.54 2.04 -27.08
N LEU B 196 -6.50 2.60 -26.45
CA LEU B 196 -5.19 2.67 -27.08
C LEU B 196 -4.28 1.50 -26.69
N ASP B 197 -4.86 0.39 -26.22
CA ASP B 197 -4.05 -0.79 -25.94
C ASP B 197 -3.77 -1.62 -27.20
N ALA B 198 -4.70 -1.59 -28.17
CA ALA B 198 -4.47 -2.29 -29.43
C ALA B 198 -3.26 -1.71 -30.15
N THR B 199 -3.11 -0.38 -30.13
CA THR B 199 -1.93 0.23 -30.73
C THR B 199 -0.67 -0.22 -30.03
N LEU B 200 -0.72 -0.35 -28.70
CA LEU B 200 0.42 -0.83 -27.94
C LEU B 200 0.83 -2.24 -28.35
N VAL B 201 -0.16 -3.13 -28.44
CA VAL B 201 0.13 -4.52 -28.81
C VAL B 201 0.67 -4.60 -30.22
N PHE B 202 0.07 -3.85 -31.15
CA PHE B 202 0.53 -3.87 -32.53
C PHE B 202 1.96 -3.34 -32.63
N ALA B 203 2.27 -2.29 -31.89
CA ALA B 203 3.62 -1.74 -31.92
C ALA B 203 4.63 -2.70 -31.31
N MET B 204 4.27 -3.41 -30.24
CA MET B 204 5.20 -4.40 -29.70
C MET B 204 5.47 -5.52 -30.69
N ALA B 205 4.42 -6.04 -31.32
CA ALA B 205 4.61 -7.10 -32.32
C ALA B 205 5.46 -6.60 -33.48
N CYS B 206 5.23 -5.36 -33.91
CA CYS B 206 6.03 -4.80 -34.99
C CYS B 206 7.49 -4.64 -34.59
N SER B 207 7.75 -4.26 -33.33
CA SER B 207 9.13 -4.16 -32.88
C SER B 207 9.80 -5.53 -32.87
N LEU B 208 9.10 -6.56 -32.43
CA LEU B 208 9.66 -7.92 -32.46
C LEU B 208 9.99 -8.32 -33.90
N LEU B 209 9.06 -8.10 -34.83
CA LEU B 209 9.31 -8.47 -36.21
C LEU B 209 10.46 -7.68 -36.80
N CYS B 210 10.52 -6.38 -36.51
CA CYS B 210 11.60 -5.56 -37.03
C CYS B 210 12.94 -6.00 -36.50
N TYR B 211 13.02 -6.36 -35.22
CA TYR B 211 14.29 -6.81 -34.69
C TYR B 211 14.69 -8.17 -35.23
N ILE B 212 13.71 -9.06 -35.48
CA ILE B 212 14.04 -10.34 -36.10
C ILE B 212 14.56 -10.11 -37.52
N LYS B 213 13.95 -9.19 -38.26
CA LYS B 213 14.46 -8.86 -39.58
C LYS B 213 15.87 -8.29 -39.50
N PHE B 214 16.12 -7.41 -38.54
CA PHE B 214 17.42 -6.76 -38.42
C PHE B 214 18.50 -7.76 -38.03
N TYR B 215 18.19 -8.67 -37.11
CA TYR B 215 19.20 -9.59 -36.61
C TYR B 215 19.66 -10.56 -37.68
N LYS B 216 18.76 -10.94 -38.60
CA LYS B 216 19.15 -11.82 -39.68
C LYS B 216 20.14 -11.15 -40.63
N LEU B 217 20.27 -9.84 -40.56
CA LEU B 217 21.21 -9.09 -41.39
C LEU B 217 22.54 -8.88 -40.69
N ARG B 218 22.81 -9.62 -39.62
CA ARG B 218 24.04 -9.42 -38.87
C ARG B 218 25.28 -9.80 -39.67
N HIS B 219 25.12 -10.57 -40.75
CA HIS B 219 26.26 -10.97 -41.56
C HIS B 219 26.67 -9.89 -42.55
N GLU B 220 25.86 -8.87 -42.75
CA GLU B 220 26.19 -7.72 -43.60
C GLU B 220 25.97 -6.43 -42.82
N PRO B 221 26.85 -6.14 -41.88
CA PRO B 221 26.67 -4.96 -41.03
C PRO B 221 26.82 -3.66 -41.81
N PHE B 222 26.13 -2.64 -41.32
CA PHE B 222 26.22 -1.26 -41.80
C PHE B 222 25.79 -1.10 -43.25
N SER B 223 25.04 -2.05 -43.79
CA SER B 223 24.52 -1.92 -45.14
C SER B 223 23.25 -1.10 -45.12
N ARG B 224 22.62 -0.93 -46.28
CA ARG B 224 21.38 -0.16 -46.34
C ARG B 224 20.25 -0.91 -45.67
N LYS B 225 20.12 -2.20 -45.94
CA LYS B 225 19.08 -2.99 -45.28
C LYS B 225 19.31 -3.02 -43.77
N TRP B 226 20.57 -3.15 -43.36
CA TRP B 226 20.92 -3.17 -41.94
C TRP B 226 20.44 -1.91 -41.23
N TRP B 227 20.81 -0.75 -41.76
CA TRP B 227 20.42 0.52 -41.15
C TRP B 227 18.90 0.71 -41.23
N LYS B 228 18.30 0.33 -42.35
CA LYS B 228 16.87 0.48 -42.52
C LYS B 228 16.10 -0.27 -41.44
N TRP B 229 16.47 -1.53 -41.20
CA TRP B 229 15.76 -2.30 -40.20
C TRP B 229 16.11 -1.88 -38.79
N LEU B 230 17.32 -1.38 -38.56
CA LEU B 230 17.64 -0.79 -37.25
C LEU B 230 16.74 0.39 -36.95
N ILE B 231 16.62 1.32 -37.92
CA ILE B 231 15.78 2.50 -37.71
C ILE B 231 14.32 2.11 -37.59
N LEU B 232 13.88 1.09 -38.33
CA LEU B 232 12.50 0.65 -38.24
C LEU B 232 12.20 0.03 -36.87
N THR B 233 13.14 -0.73 -36.32
CA THR B 233 12.96 -1.23 -34.97
C THR B 233 12.86 -0.09 -33.97
N GLY B 234 13.73 0.91 -34.12
CA GLY B 234 13.65 2.07 -33.24
C GLY B 234 12.32 2.80 -33.35
N PHE B 235 11.80 2.94 -34.58
CA PHE B 235 10.53 3.63 -34.78
C PHE B 235 9.35 2.85 -34.21
N ALA B 236 9.38 1.52 -34.36
CA ALA B 236 8.32 0.71 -33.76
C ALA B 236 8.34 0.83 -32.25
N LEU B 237 9.53 0.80 -31.64
CA LEU B 237 9.63 0.98 -30.19
C LEU B 237 9.17 2.37 -29.78
N SER B 238 9.48 3.38 -30.59
CA SER B 238 9.05 4.74 -30.30
C SER B 238 7.54 4.85 -30.30
N CYS B 239 6.87 4.25 -31.29
CA CYS B 239 5.42 4.26 -31.30
C CYS B 239 4.87 3.52 -30.09
N ASP B 240 5.50 2.41 -29.73
CA ASP B 240 5.05 1.64 -28.58
C ASP B 240 5.10 2.45 -27.31
N ILE B 241 6.19 3.19 -27.09
CA ILE B 241 6.31 3.99 -25.88
C ILE B 241 5.53 5.29 -25.96
N SER B 242 5.25 5.80 -27.17
CA SER B 242 4.44 7.00 -27.32
C SER B 242 2.96 6.71 -27.28
N THR B 243 2.55 5.45 -27.28
CA THR B 243 1.15 5.15 -27.02
C THR B 243 0.85 5.14 -25.52
N LYS B 244 1.49 4.23 -24.78
CA LYS B 244 1.38 4.19 -23.32
C LYS B 244 2.78 4.02 -22.75
N TYR B 245 2.95 4.49 -21.52
CA TYR B 245 4.28 4.46 -20.91
C TYR B 245 4.74 3.04 -20.61
N VAL B 246 3.80 2.11 -20.40
CA VAL B 246 4.18 0.72 -20.20
C VAL B 246 4.88 0.16 -21.43
N GLY B 247 4.79 0.84 -22.57
CA GLY B 247 5.56 0.43 -23.73
C GLY B 247 7.04 0.41 -23.50
N LEU B 248 7.50 1.08 -22.43
CA LEU B 248 8.90 0.99 -22.03
C LEU B 248 9.35 -0.46 -21.89
N PHE B 249 8.44 -1.35 -21.51
CA PHE B 249 8.80 -2.76 -21.35
C PHE B 249 9.34 -3.35 -22.63
N ALA B 250 8.81 -2.93 -23.79
CA ALA B 250 9.37 -3.40 -25.05
C ALA B 250 10.83 -2.99 -25.20
N PHE B 251 11.15 -1.77 -24.75
CA PHE B 251 12.54 -1.34 -24.74
C PHE B 251 13.42 -2.27 -23.91
N ILE B 252 12.84 -2.92 -22.91
CA ILE B 252 13.59 -3.93 -22.17
C ILE B 252 13.89 -5.12 -23.07
N THR B 253 12.87 -5.63 -23.76
CA THR B 253 13.05 -6.82 -24.60
C THR B 253 14.14 -6.59 -25.63
N ILE B 254 13.91 -5.65 -26.55
CA ILE B 254 14.91 -5.33 -27.56
C ILE B 254 16.19 -4.86 -26.89
N GLY B 255 16.10 -4.32 -25.68
CA GLY B 255 17.32 -4.00 -24.95
C GLY B 255 18.11 -5.25 -24.69
N SER B 256 17.48 -6.22 -24.03
CA SER B 256 18.18 -7.44 -23.64
C SER B 256 18.73 -8.17 -24.87
N ALA B 257 17.90 -8.32 -25.89
CA ALA B 257 18.35 -8.98 -27.13
C ALA B 257 19.55 -8.28 -27.73
N VAL B 258 19.62 -6.94 -27.60
CA VAL B 258 20.80 -6.24 -28.07
C VAL B 258 22.00 -6.57 -27.19
N CYS B 259 21.80 -6.50 -25.87
CA CYS B 259 22.92 -6.67 -24.94
C CYS B 259 23.61 -8.00 -25.17
N ILE B 260 22.85 -9.09 -25.21
CA ILE B 260 23.43 -10.40 -25.50
C ILE B 260 24.24 -10.36 -26.79
N ASP B 261 23.64 -9.79 -27.84
CA ASP B 261 24.36 -9.66 -29.11
C ASP B 261 25.66 -8.91 -28.91
N LEU B 262 25.62 -7.78 -28.20
CA LEU B 262 26.84 -7.02 -27.95
C LEU B 262 27.86 -7.86 -27.20
N TRP B 263 27.40 -8.64 -26.22
CA TRP B 263 28.30 -9.55 -25.53
C TRP B 263 28.96 -10.51 -26.51
N ASP B 264 28.16 -11.09 -27.41
CA ASP B 264 28.70 -11.95 -28.44
C ASP B 264 29.66 -11.18 -29.35
N LEU B 265 29.35 -9.91 -29.61
CA LEU B 265 30.23 -9.10 -30.42
C LEU B 265 31.47 -8.62 -29.68
N LEU B 266 31.51 -8.78 -28.36
CA LEU B 266 32.65 -8.33 -27.59
C LEU B 266 33.67 -9.43 -27.31
N ASN B 267 33.28 -10.68 -27.48
CA ASN B 267 34.18 -11.80 -27.25
C ASN B 267 35.42 -11.69 -28.12
N ILE B 268 36.60 -11.68 -27.47
CA ILE B 268 37.85 -11.64 -28.21
C ILE B 268 38.11 -12.97 -28.88
N ASN B 269 37.54 -14.05 -28.37
CA ASN B 269 37.71 -15.37 -28.95
C ASN B 269 36.32 -15.85 -29.35
N ARG B 270 35.91 -15.52 -30.56
CA ARG B 270 34.62 -15.97 -31.07
C ARG B 270 34.82 -16.55 -32.47
N PRO B 271 33.99 -17.53 -32.86
CA PRO B 271 34.24 -18.22 -34.13
C PRO B 271 34.26 -17.30 -35.34
N LYS B 272 33.40 -16.29 -35.37
CA LYS B 272 33.28 -15.41 -36.53
C LYS B 272 34.24 -14.23 -36.39
N GLY B 273 35.53 -14.55 -36.37
CA GLY B 273 36.54 -13.51 -36.33
C GLY B 273 36.63 -12.85 -34.96
N ALA B 274 37.15 -11.62 -34.98
CA ALA B 274 37.27 -10.82 -33.77
C ALA B 274 37.17 -9.35 -34.16
N LEU B 275 36.56 -8.56 -33.28
CA LEU B 275 36.36 -7.14 -33.51
C LEU B 275 37.32 -6.36 -32.65
N THR B 276 38.04 -5.43 -33.26
CA THR B 276 38.83 -4.49 -32.47
C THR B 276 37.89 -3.55 -31.72
N LEU B 277 38.44 -2.89 -30.71
CA LEU B 277 37.61 -2.02 -29.88
C LEU B 277 36.93 -0.92 -30.68
N PRO B 278 37.59 -0.23 -31.62
CA PRO B 278 36.85 0.75 -32.44
C PRO B 278 35.68 0.16 -33.21
N GLN B 279 35.81 -1.07 -33.72
CA GLN B 279 34.69 -1.67 -34.45
C GLN B 279 33.51 -1.97 -33.52
N PHE B 280 33.80 -2.50 -32.33
CA PHE B 280 32.73 -2.68 -31.36
C PHE B 280 32.16 -1.35 -30.94
N GLY B 281 32.98 -0.30 -30.88
CA GLY B 281 32.46 1.03 -30.61
C GLY B 281 31.50 1.50 -31.67
N LYS B 282 31.82 1.25 -32.94
CA LYS B 282 30.91 1.59 -34.03
C LYS B 282 29.60 0.82 -33.90
N HIS B 283 29.69 -0.48 -33.58
CA HIS B 283 28.48 -1.28 -33.40
C HIS B 283 27.62 -0.73 -32.26
N PHE B 284 28.24 -0.42 -31.12
CA PHE B 284 27.49 0.10 -29.99
C PHE B 284 26.89 1.46 -30.30
N ALA B 285 27.63 2.30 -31.01
CA ALA B 285 27.09 3.61 -31.39
C ALA B 285 25.91 3.46 -32.33
N ALA B 286 25.98 2.52 -33.28
CA ALA B 286 24.85 2.28 -34.16
C ALA B 286 23.63 1.80 -33.37
N ARG B 287 23.83 0.88 -32.43
CA ARG B 287 22.70 0.41 -31.62
C ARG B 287 22.09 1.53 -30.80
N ALA B 288 22.95 2.35 -30.16
CA ALA B 288 22.43 3.44 -29.35
C ALA B 288 21.71 4.48 -30.19
N PHE B 289 22.22 4.77 -31.39
CA PHE B 289 21.58 5.77 -32.24
C PHE B 289 20.25 5.28 -32.77
N GLY B 290 20.18 4.01 -33.17
CA GLY B 290 18.95 3.49 -33.75
C GLY B 290 17.92 3.04 -32.75
N LEU B 291 18.32 2.75 -31.52
CA LEU B 291 17.40 2.18 -30.54
C LEU B 291 17.12 3.11 -29.36
N ILE B 292 17.91 4.16 -29.18
CA ILE B 292 17.74 5.10 -28.08
C ILE B 292 17.45 6.51 -28.59
N PHE B 293 18.26 7.00 -29.53
CA PHE B 293 18.16 8.40 -29.90
C PHE B 293 17.01 8.67 -30.87
N MET B 294 16.90 7.87 -31.93
CA MET B 294 15.74 7.97 -32.81
C MET B 294 14.41 7.76 -32.09
N PRO B 295 14.23 6.78 -31.21
CA PRO B 295 12.96 6.71 -30.48
C PRO B 295 12.66 7.98 -29.70
N PHE B 296 13.68 8.58 -29.08
CA PHE B 296 13.46 9.82 -28.34
C PHE B 296 13.09 10.96 -29.29
N MET B 297 13.70 10.99 -30.47
CA MET B 297 13.35 12.03 -31.44
C MET B 297 11.92 11.88 -31.92
N PHE B 298 11.48 10.65 -32.18
CA PHE B 298 10.09 10.45 -32.61
C PHE B 298 9.11 10.79 -31.49
N TYR B 299 9.43 10.42 -30.26
CA TYR B 299 8.62 10.80 -29.10
C TYR B 299 8.49 12.32 -29.00
N LEU B 300 9.61 13.02 -29.12
CA LEU B 300 9.59 14.48 -29.08
C LEU B 300 8.79 15.04 -30.25
N PHE B 301 8.87 14.40 -31.42
CA PHE B 301 8.12 14.87 -32.56
C PHE B 301 6.63 14.74 -32.32
N TRP B 302 6.20 13.66 -31.66
CA TRP B 302 4.77 13.51 -31.38
C TRP B 302 4.29 14.57 -30.39
N PHE B 303 5.10 14.90 -29.37
CA PHE B 303 4.72 16.07 -28.58
C PHE B 303 4.76 17.38 -29.36
N GLN B 304 5.65 17.51 -30.34
CA GLN B 304 5.63 18.73 -31.14
C GLN B 304 4.34 18.85 -31.93
N VAL B 305 3.88 17.74 -32.51
CA VAL B 305 2.59 17.72 -33.20
C VAL B 305 1.45 18.03 -32.23
N HIS B 306 1.49 17.43 -31.05
CA HIS B 306 0.47 17.68 -30.04
C HIS B 306 0.39 19.16 -29.68
N PHE B 307 1.54 19.78 -29.47
CA PHE B 307 1.56 21.21 -29.15
C PHE B 307 1.09 22.07 -30.31
N SER B 308 1.45 21.70 -31.55
CA SER B 308 1.07 22.53 -32.68
C SER B 308 -0.42 22.44 -32.97
N ILE B 309 -1.03 21.27 -32.76
CA ILE B 309 -2.47 21.13 -33.01
C ILE B 309 -3.28 21.91 -31.98
N LEU B 310 -2.81 21.95 -30.74
CA LEU B 310 -3.56 22.53 -29.63
C LEU B 310 -3.11 23.97 -29.43
N THR B 311 -3.88 24.91 -29.98
CA THR B 311 -3.59 26.34 -29.86
C THR B 311 -4.82 27.10 -29.42
N ARG B 312 -5.69 26.49 -28.63
CA ARG B 312 -6.87 27.16 -28.11
C ARG B 312 -7.08 26.75 -26.66
N SER B 313 -7.66 27.66 -25.89
CA SER B 313 -7.92 27.38 -24.48
C SER B 313 -8.94 26.26 -24.34
N GLY B 314 -8.74 25.42 -23.33
CA GLY B 314 -9.64 24.32 -23.08
C GLY B 314 -9.46 23.73 -21.70
N PRO B 315 -10.18 22.67 -21.40
CA PRO B 315 -10.08 22.05 -20.08
C PRO B 315 -8.73 21.37 -19.89
N GLY B 316 -7.90 21.95 -19.05
CA GLY B 316 -6.57 21.43 -18.85
C GLY B 316 -5.51 22.51 -18.96
N ASP B 317 -5.96 23.75 -19.13
CA ASP B 317 -5.01 24.86 -19.17
C ASP B 317 -4.47 25.18 -17.79
N ASP B 318 -5.28 24.96 -16.75
CA ASP B 318 -4.91 25.33 -15.39
C ASP B 318 -3.79 24.47 -14.83
N PHE B 319 -3.49 23.31 -15.44
CA PHE B 319 -2.38 22.50 -14.96
C PHE B 319 -1.03 23.12 -15.30
N MET B 320 -1.00 24.17 -16.10
CA MET B 320 0.24 24.78 -16.55
C MET B 320 0.51 26.10 -15.84
N THR B 321 1.77 26.51 -15.88
CA THR B 321 2.16 27.79 -15.32
C THR B 321 1.68 28.93 -16.20
N PRO B 322 1.27 30.14 -15.70
CA PRO B 322 0.61 31.24 -16.42
C PRO B 322 1.28 31.65 -17.72
N GLU B 323 2.58 31.39 -17.88
CA GLU B 323 3.20 31.60 -19.18
C GLU B 323 2.55 30.71 -20.23
N PHE B 324 2.27 29.57 -19.83
CA PHE B 324 1.65 28.67 -20.78
C PHE B 324 0.21 29.09 -21.07
N GLN B 325 -0.52 29.47 -20.08
CA GLN B 325 -1.81 30.09 -20.36
C GLN B 325 -1.64 31.28 -21.30
N GLU B 326 -0.51 31.97 -21.22
CA GLU B 326 -0.27 33.05 -22.14
C GLU B 326 0.02 32.55 -23.55
N THR B 327 0.57 31.33 -23.67
CA THR B 327 0.91 30.86 -25.01
C THR B 327 -0.26 30.19 -25.72
N LEU B 328 -1.39 30.12 -25.02
CA LEU B 328 -2.64 29.54 -25.58
C LEU B 328 -3.59 30.69 -25.79
N SER B 329 -4.22 30.79 -26.95
CA SER B 329 -5.12 31.95 -27.18
C SER B 329 -6.45 31.85 -26.45
N ASP B 330 -7.11 32.97 -26.19
CA ASP B 330 -8.41 32.93 -25.46
C ASP B 330 -9.49 32.61 -26.50
N ASN B 331 -10.11 31.46 -26.41
CA ASN B 331 -10.98 30.92 -27.48
C ASN B 331 -12.48 31.18 -27.27
N ILE B 332 -13.27 30.88 -28.32
CA ILE B 332 -14.76 31.03 -28.29
C ILE B 332 -15.54 29.85 -27.67
N MET B 333 -15.22 28.57 -27.96
CA MET B 333 -16.09 27.46 -27.46
C MET B 333 -16.05 27.44 -25.93
N LEU B 334 -17.23 27.48 -25.29
CA LEU B 334 -17.42 27.53 -23.82
C LEU B 334 -16.49 28.60 -23.23
N ALA B 335 -16.56 29.82 -23.79
CA ALA B 335 -15.71 30.99 -23.49
C ALA B 335 -15.85 31.45 -22.04
N ASN B 336 -17.06 31.31 -21.51
CA ASN B 336 -17.44 31.88 -20.20
C ASN B 336 -16.42 31.58 -19.11
N ALA B 337 -16.02 32.65 -18.42
CA ALA B 337 -15.07 32.66 -17.29
C ALA B 337 -15.06 34.08 -16.74
N VAL B 338 -15.57 34.24 -15.51
CA VAL B 338 -15.76 35.45 -14.66
C VAL B 338 -15.54 35.13 -13.17
N THR B 339 -14.48 35.69 -12.59
CA THR B 339 -14.19 35.60 -11.17
C THR B 339 -15.41 35.93 -10.34
N ILE B 340 -15.67 35.09 -9.36
CA ILE B 340 -16.80 35.18 -8.44
C ILE B 340 -16.35 36.02 -7.26
N ASP B 341 -17.22 36.94 -6.86
CA ASP B 341 -16.99 37.81 -5.72
C ASP B 341 -17.98 37.50 -4.59
N TYR B 342 -17.54 37.75 -3.36
CA TYR B 342 -18.46 37.69 -2.24
C TYR B 342 -19.65 38.59 -2.52
N TRP B 343 -20.82 38.13 -2.07
CA TRP B 343 -22.13 38.74 -2.24
C TRP B 343 -22.74 38.46 -3.61
N ASP B 344 -22.02 37.80 -4.53
CA ASP B 344 -22.66 37.34 -5.76
C ASP B 344 -23.66 36.24 -5.45
N THR B 345 -24.69 36.13 -6.28
CA THR B 345 -25.61 35.00 -6.28
C THR B 345 -25.25 34.11 -7.46
N ILE B 346 -25.16 32.79 -7.18
CA ILE B 346 -24.62 31.82 -8.11
C ILE B 346 -25.47 30.56 -8.13
N THR B 347 -25.31 29.78 -9.21
CA THR B 347 -25.82 28.42 -9.27
C THR B 347 -24.65 27.46 -9.21
N ILE B 348 -24.87 26.33 -8.56
CA ILE B 348 -23.83 25.35 -8.25
C ILE B 348 -24.29 24.02 -8.80
N LYS B 349 -23.55 23.48 -9.77
CA LYS B 349 -23.99 22.36 -10.57
C LYS B 349 -23.02 21.19 -10.38
N HIS B 350 -23.59 20.01 -10.19
CA HIS B 350 -22.78 18.80 -10.00
C HIS B 350 -22.21 18.37 -11.34
N LYS B 351 -20.90 18.15 -11.40
CA LYS B 351 -20.29 17.87 -12.69
C LYS B 351 -20.87 16.59 -13.31
N GLU B 352 -20.97 15.52 -12.53
CA GLU B 352 -21.33 14.23 -13.09
C GLU B 352 -22.83 14.05 -13.32
N THR B 353 -23.68 14.42 -12.35
CA THR B 353 -25.13 14.22 -12.53
C THR B 353 -25.83 15.41 -13.15
N LYS B 354 -25.18 16.57 -13.22
CA LYS B 354 -25.73 17.80 -13.77
C LYS B 354 -26.83 18.40 -12.91
N ALA B 355 -27.01 17.92 -11.68
CA ALA B 355 -28.02 18.47 -10.80
C ALA B 355 -27.54 19.77 -10.17
N TYR B 356 -28.48 20.69 -9.95
CA TYR B 356 -28.17 21.94 -9.27
C TYR B 356 -28.41 21.82 -7.77
N LEU B 357 -27.49 22.36 -6.99
CA LEU B 357 -27.74 22.47 -5.55
C LEU B 357 -28.99 23.30 -5.33
N HIS B 358 -29.89 22.80 -4.48
CA HIS B 358 -31.28 23.29 -4.44
C HIS B 358 -31.79 23.19 -3.02
N SER B 359 -32.75 24.06 -2.70
CA SER B 359 -33.47 23.92 -1.44
C SER B 359 -34.89 24.44 -1.63
N HIS B 360 -35.71 24.21 -0.63
CA HIS B 360 -37.13 24.54 -0.65
C HIS B 360 -37.63 24.39 0.78
N PRO B 361 -38.85 24.80 1.11
CA PRO B 361 -39.26 24.81 2.52
C PRO B 361 -39.44 23.43 3.15
N ASP B 362 -39.68 22.40 2.38
CA ASP B 362 -39.97 21.08 2.94
CA ASP B 362 -39.99 21.10 2.96
C ASP B 362 -38.81 20.60 3.80
N ARG B 363 -39.14 19.83 4.83
CA ARG B 363 -38.20 19.39 5.84
CA ARG B 363 -38.19 19.39 5.83
C ARG B 363 -37.95 17.89 5.75
N TYR B 364 -36.82 17.44 6.31
CA TYR B 364 -36.59 16.00 6.41
C TYR B 364 -37.62 15.39 7.36
N PRO B 365 -38.07 14.16 7.09
CA PRO B 365 -38.99 13.49 8.01
C PRO B 365 -38.29 13.16 9.31
N LEU B 366 -39.08 13.12 10.39
CA LEU B 366 -38.53 12.75 11.69
C LEU B 366 -37.80 11.41 11.63
N ARG B 367 -38.43 10.40 11.03
CA ARG B 367 -37.85 9.08 10.96
C ARG B 367 -37.66 8.63 9.52
N TYR B 368 -36.55 7.95 9.26
CA TYR B 368 -36.35 7.26 8.00
C TYR B 368 -36.84 5.82 8.13
N ASP B 369 -36.91 5.13 6.98
CA ASP B 369 -37.48 3.78 6.97
C ASP B 369 -36.74 2.82 7.89
N ASP B 370 -35.42 3.02 8.09
CA ASP B 370 -34.65 2.13 8.96
C ASP B 370 -34.72 2.54 10.44
N GLY B 371 -35.54 3.54 10.79
CA GLY B 371 -35.71 3.96 12.15
C GLY B 371 -34.81 5.08 12.60
N ARG B 372 -33.87 5.50 11.77
CA ARG B 372 -33.00 6.59 12.17
C ARG B 372 -33.79 7.89 12.27
N VAL B 373 -33.25 8.83 13.04
CA VAL B 373 -33.88 10.12 13.33
C VAL B 373 -33.09 11.19 12.59
N SER B 374 -33.80 12.08 11.88
CA SER B 374 -33.15 13.18 11.21
C SER B 374 -33.20 14.43 12.08
N SER B 375 -32.57 15.52 11.60
CA SER B 375 -32.68 16.80 12.28
C SER B 375 -34.01 17.51 12.01
N GLN B 376 -34.81 17.00 11.09
CA GLN B 376 -36.05 17.64 10.64
C GLN B 376 -35.79 19.03 10.07
N GLY B 377 -34.56 19.29 9.66
CA GLY B 377 -34.24 20.56 9.06
C GLY B 377 -34.75 20.66 7.63
N GLN B 378 -34.62 21.87 7.09
CA GLN B 378 -34.95 22.11 5.70
C GLN B 378 -34.13 21.21 4.78
N GLN B 379 -34.79 20.63 3.78
CA GLN B 379 -34.11 19.77 2.81
C GLN B 379 -33.16 20.56 1.93
N VAL B 380 -32.05 19.91 1.57
CA VAL B 380 -31.12 20.39 0.56
C VAL B 380 -31.00 19.25 -0.44
N THR B 381 -31.19 19.56 -1.72
CA THR B 381 -31.35 18.52 -2.74
C THR B 381 -30.57 18.90 -3.99
N GLY B 382 -30.53 17.95 -4.92
CA GLY B 382 -30.07 18.21 -6.27
C GLY B 382 -31.24 18.16 -7.24
N TYR B 383 -31.37 19.22 -8.04
CA TYR B 383 -32.53 19.42 -8.90
C TYR B 383 -32.08 19.60 -10.34
N PRO B 384 -32.76 18.95 -11.29
CA PRO B 384 -32.23 18.95 -12.66
C PRO B 384 -32.55 20.19 -13.48
N PHE B 385 -33.56 20.97 -13.09
CA PHE B 385 -34.10 22.03 -13.91
C PHE B 385 -33.69 23.38 -13.36
N ASN B 386 -33.97 24.43 -14.12
CA ASN B 386 -33.62 25.79 -13.72
C ASN B 386 -34.82 26.42 -13.02
N ASP B 387 -34.63 26.84 -11.77
CA ASP B 387 -35.60 27.70 -11.10
C ASP B 387 -34.91 28.49 -9.98
N THR B 388 -35.66 29.41 -9.40
CA THR B 388 -35.06 30.33 -8.43
C THR B 388 -34.56 29.62 -7.18
N ASN B 389 -35.06 28.41 -6.90
CA ASN B 389 -34.60 27.66 -5.74
C ASN B 389 -33.20 27.09 -5.93
N ASN B 390 -32.59 27.31 -7.09
CA ASN B 390 -31.18 26.96 -7.33
C ASN B 390 -30.23 28.10 -6.94
N TRP B 391 -30.73 29.24 -6.48
CA TRP B 391 -29.90 30.42 -6.32
C TRP B 391 -29.33 30.53 -4.91
N TRP B 392 -28.00 30.69 -4.83
CA TRP B 392 -27.31 30.79 -3.55
C TRP B 392 -26.39 32.01 -3.57
N GLN B 393 -26.41 32.78 -2.50
CA GLN B 393 -25.51 33.93 -2.35
C GLN B 393 -24.28 33.49 -1.57
N ILE B 394 -23.10 33.72 -2.14
CA ILE B 394 -21.85 33.31 -1.50
C ILE B 394 -21.37 34.46 -0.63
N LEU B 395 -21.07 34.16 0.62
CA LEU B 395 -20.84 35.17 1.65
C LEU B 395 -19.60 34.84 2.46
N PRO B 396 -19.01 35.85 3.09
CA PRO B 396 -17.80 35.60 3.89
C PRO B 396 -18.07 34.75 5.13
N ALA B 397 -17.00 34.11 5.59
CA ALA B 397 -16.93 33.54 6.91
C ALA B 397 -16.78 34.70 7.89
N GLY B 398 -16.96 34.41 9.17
CA GLY B 398 -16.80 35.45 10.16
C GLY B 398 -18.06 36.28 10.35
N PRO B 399 -17.92 37.37 11.10
CA PRO B 399 -19.11 38.11 11.52
C PRO B 399 -19.81 38.81 10.37
N PHE B 400 -21.08 39.11 10.59
CA PHE B 400 -21.85 39.83 9.59
C PHE B 400 -21.19 41.17 9.27
N GLU B 401 -21.22 41.53 7.99
CA GLU B 401 -20.78 42.84 7.54
C GLU B 401 -21.66 43.26 6.36
N GLU B 402 -21.80 44.57 6.17
CA GLU B 402 -22.58 45.07 5.07
C GLU B 402 -21.89 44.77 3.75
N PRO B 403 -22.65 44.63 2.66
CA PRO B 403 -22.05 44.21 1.39
C PRO B 403 -20.93 45.14 0.91
N LYS B 404 -19.91 44.52 0.33
CA LYS B 404 -18.80 45.21 -0.30
C LYS B 404 -18.65 44.67 -1.72
N LEU B 405 -18.17 45.50 -2.62
CA LEU B 405 -17.96 45.08 -4.00
C LEU B 405 -16.50 44.72 -4.24
N GLY B 406 -16.30 43.76 -5.14
CA GLY B 406 -14.97 43.49 -5.67
C GLY B 406 -14.09 42.60 -4.83
N ARG B 407 -14.63 41.91 -3.84
CA ARG B 407 -13.84 41.01 -3.01
C ARG B 407 -13.91 39.62 -3.65
N HIS B 408 -12.83 39.24 -4.33
CA HIS B 408 -12.85 37.96 -5.04
C HIS B 408 -12.82 36.80 -4.04
N VAL B 409 -13.57 35.75 -4.36
CA VAL B 409 -13.42 34.48 -3.67
C VAL B 409 -12.19 33.78 -4.24
N LYS B 410 -11.40 33.15 -3.37
CA LYS B 410 -10.15 32.50 -3.76
C LYS B 410 -10.11 31.06 -3.27
N HIS B 411 -9.23 30.30 -3.91
CA HIS B 411 -9.00 28.91 -3.55
C HIS B 411 -8.79 28.76 -2.06
N ARG B 412 -9.54 27.81 -1.47
CA ARG B 412 -9.51 27.43 -0.06
C ARG B 412 -10.10 28.48 0.88
N ASP B 413 -10.74 29.51 0.35
CA ASP B 413 -11.47 30.40 1.23
C ASP B 413 -12.60 29.63 1.91
N LEU B 414 -12.91 30.03 3.14
CA LEU B 414 -14.11 29.60 3.83
C LEU B 414 -15.25 30.55 3.48
N VAL B 415 -16.42 29.97 3.19
CA VAL B 415 -17.57 30.73 2.76
C VAL B 415 -18.82 30.20 3.44
N ARG B 416 -19.86 31.03 3.42
CA ARG B 416 -21.22 30.61 3.65
C ARG B 416 -22.00 30.67 2.34
N LEU B 417 -23.08 29.91 2.27
CA LEU B 417 -23.97 29.92 1.11
C LEU B 417 -25.39 30.16 1.62
N ARG B 418 -26.00 31.28 1.19
CA ARG B 418 -27.34 31.67 1.60
C ARG B 418 -28.32 31.30 0.49
N HIS B 419 -29.29 30.46 0.81
CA HIS B 419 -30.34 30.12 -0.13
C HIS B 419 -31.28 31.32 -0.28
N VAL B 420 -31.33 31.89 -1.49
CA VAL B 420 -32.03 33.14 -1.68
C VAL B 420 -33.53 32.97 -1.46
N GLY B 421 -34.11 31.89 -1.96
CA GLY B 421 -35.55 31.74 -1.91
C GLY B 421 -36.14 31.52 -0.53
N THR B 422 -35.34 31.07 0.43
CA THR B 422 -35.80 30.88 1.79
C THR B 422 -35.06 31.72 2.81
N ASP B 423 -34.03 32.46 2.40
CA ASP B 423 -33.20 33.26 3.30
C ASP B 423 -32.67 32.44 4.47
N THR B 424 -32.06 31.29 4.13
CA THR B 424 -31.45 30.39 5.10
C THR B 424 -30.05 30.08 4.62
N TYR B 425 -29.25 29.47 5.50
CA TYR B 425 -27.81 29.31 5.30
C TYR B 425 -27.46 27.83 5.33
N LEU B 426 -26.69 27.40 4.32
CA LEU B 426 -26.29 25.99 4.24
C LEU B 426 -25.53 25.57 5.48
N LEU B 427 -25.81 24.34 5.93
CA LEU B 427 -25.19 23.81 7.13
C LEU B 427 -25.04 22.30 6.97
N SER B 428 -23.94 21.76 7.48
CA SER B 428 -23.83 20.32 7.66
C SER B 428 -23.46 20.06 9.12
N HIS B 429 -23.72 18.84 9.57
CA HIS B 429 -23.45 18.45 10.94
C HIS B 429 -23.47 16.92 11.00
N ASP B 430 -23.00 16.39 12.13
CA ASP B 430 -22.85 14.96 12.31
C ASP B 430 -24.17 14.30 12.72
N VAL B 431 -25.15 14.45 11.84
CA VAL B 431 -26.42 13.74 11.86
C VAL B 431 -26.47 12.96 10.56
N ALA B 432 -26.83 11.68 10.65
CA ALA B 432 -26.79 10.84 9.46
C ALA B 432 -27.83 11.25 8.42
N SER B 433 -27.40 11.19 7.15
CA SER B 433 -28.19 11.61 6.00
C SER B 433 -29.30 10.63 5.66
N PRO B 434 -30.20 11.03 4.74
CA PRO B 434 -31.33 10.14 4.40
C PRO B 434 -30.96 8.73 3.97
N TYR B 435 -30.01 8.58 3.05
CA TYR B 435 -29.73 7.27 2.51
C TYR B 435 -28.41 6.67 2.97
N TYR B 436 -27.52 7.48 3.55
CA TYR B 436 -26.17 7.03 3.91
C TYR B 436 -25.92 7.24 5.39
N PRO B 437 -26.06 6.20 6.21
CA PRO B 437 -25.76 6.35 7.64
C PRO B 437 -24.37 6.88 7.94
N THR B 438 -23.42 6.71 7.03
CA THR B 438 -22.06 7.16 7.23
C THR B 438 -21.83 8.62 6.84
N ASN B 439 -22.77 9.25 6.13
CA ASN B 439 -22.55 10.57 5.55
C ASN B 439 -23.39 11.61 6.29
N GLN B 440 -22.87 12.83 6.36
CA GLN B 440 -23.54 13.89 7.11
C GLN B 440 -24.72 14.48 6.35
N GLU B 441 -25.78 14.76 7.09
CA GLU B 441 -26.90 15.53 6.58
C GLU B 441 -26.47 16.93 6.19
N PHE B 442 -27.05 17.44 5.10
CA PHE B 442 -26.96 18.84 4.71
C PHE B 442 -28.35 19.47 4.88
N THR B 443 -28.39 20.65 5.47
CA THR B 443 -29.66 21.34 5.73
C THR B 443 -29.38 22.84 5.64
N THR B 444 -30.33 23.63 6.11
CA THR B 444 -30.09 25.07 6.20
C THR B 444 -30.57 25.57 7.56
N VAL B 445 -30.07 26.73 7.96
CA VAL B 445 -30.41 27.36 9.23
C VAL B 445 -30.67 28.86 9.07
N SER B 446 -31.21 29.45 10.13
CA SER B 446 -31.55 30.86 10.14
C SER B 446 -30.30 31.73 10.21
N PHE B 447 -30.49 33.02 9.90
CA PHE B 447 -29.43 34.00 10.09
C PHE B 447 -28.92 33.98 11.53
N ASN B 448 -29.83 33.95 12.50
CA ASN B 448 -29.41 34.00 13.90
CA ASN B 448 -29.42 33.99 13.91
C ASN B 448 -28.58 32.77 14.27
N GLU B 449 -28.90 31.61 13.69
CA GLU B 449 -28.09 30.42 13.94
C GLU B 449 -26.75 30.50 13.22
N ALA B 450 -26.76 30.98 11.98
CA ALA B 450 -25.55 30.98 11.15
C ALA B 450 -24.50 31.95 11.65
N TYR B 451 -24.92 33.04 12.30
CA TYR B 451 -24.00 34.01 12.88
C TYR B 451 -23.97 33.91 14.39
N GLY B 452 -24.54 32.84 14.95
CA GLY B 452 -24.56 32.60 16.37
C GLY B 452 -24.00 31.25 16.71
N ASP B 453 -24.76 30.47 17.46
CA ASP B 453 -24.23 29.25 18.07
C ASP B 453 -23.90 28.16 17.05
N ARG B 454 -24.48 28.21 15.85
CA ARG B 454 -24.19 27.19 14.84
C ARG B 454 -23.26 27.68 13.75
N ALA B 455 -22.57 28.81 13.97
CA ALA B 455 -21.81 29.44 12.91
C ALA B 455 -20.78 28.49 12.30
N ALA B 456 -20.04 27.77 13.15
CA ALA B 456 -18.94 26.95 12.63
C ALA B 456 -19.45 25.93 11.62
N ASP B 457 -20.65 25.42 11.82
CA ASP B 457 -21.21 24.39 10.97
C ASP B 457 -21.72 24.93 9.63
N THR B 458 -21.75 26.26 9.46
CA THR B 458 -22.15 26.90 8.21
C THR B 458 -20.97 27.24 7.31
N LEU B 459 -19.74 26.93 7.71
CA LEU B 459 -18.56 27.31 6.96
C LEU B 459 -18.07 26.17 6.07
N PHE B 460 -17.85 26.48 4.80
CA PHE B 460 -17.42 25.52 3.79
C PHE B 460 -16.21 26.07 3.04
N GLU B 461 -15.25 25.20 2.81
CA GLU B 461 -14.07 25.56 2.04
C GLU B 461 -14.30 25.30 0.55
N VAL B 462 -14.00 26.29 -0.27
CA VAL B 462 -14.06 26.15 -1.72
C VAL B 462 -12.69 25.66 -2.20
N ARG B 463 -12.59 24.38 -2.48
CA ARG B 463 -11.30 23.77 -2.85
C ARG B 463 -11.29 23.56 -4.35
N ILE B 464 -10.60 24.43 -5.07
CA ILE B 464 -10.59 24.36 -6.52
C ILE B 464 -9.73 23.19 -6.97
N GLU B 465 -10.26 22.38 -7.89
CA GLU B 465 -9.47 21.31 -8.48
C GLU B 465 -8.23 21.90 -9.13
N HIS B 466 -7.08 21.34 -8.71
CA HIS B 466 -5.69 21.68 -9.12
C HIS B 466 -5.38 23.15 -8.76
N GLY B 467 -6.14 23.73 -7.81
CA GLY B 467 -6.00 25.11 -7.43
C GLY B 467 -4.61 25.43 -6.88
N LYS B 468 -4.22 26.68 -7.05
CA LYS B 468 -2.98 27.18 -6.49
C LYS B 468 -3.26 28.30 -5.51
N PRO B 469 -2.35 28.57 -4.59
CA PRO B 469 -2.62 29.61 -3.59
C PRO B 469 -2.92 30.95 -4.26
N GLY B 470 -3.98 31.58 -3.78
CA GLY B 470 -4.42 32.86 -4.27
C GLY B 470 -5.23 32.81 -5.55
N GLN B 471 -5.45 31.63 -6.12
CA GLN B 471 -6.17 31.54 -7.37
C GLN B 471 -7.62 31.99 -7.19
N GLU B 472 -8.08 32.80 -8.14
CA GLU B 472 -9.45 33.29 -8.10
C GLU B 472 -10.43 32.19 -8.49
N PHE B 473 -11.55 32.13 -7.76
CA PHE B 473 -12.64 31.20 -8.04
C PHE B 473 -13.47 31.78 -9.17
N LYS B 474 -13.63 31.02 -10.26
CA LYS B 474 -14.32 31.50 -11.45
C LYS B 474 -15.50 30.61 -11.80
N SER B 475 -16.55 31.24 -12.31
CA SER B 475 -17.62 30.47 -12.91
C SER B 475 -17.08 29.65 -14.07
N ILE B 476 -17.72 28.49 -14.28
CA ILE B 476 -17.45 27.55 -15.37
C ILE B 476 -16.10 26.84 -15.23
N SER B 477 -15.00 27.60 -15.14
CA SER B 477 -13.70 26.94 -15.24
C SER B 477 -13.18 26.37 -13.91
N SER B 478 -13.64 26.88 -12.77
CA SER B 478 -13.16 26.38 -11.49
C SER B 478 -14.02 25.19 -11.04
N HIS B 479 -13.64 23.99 -11.45
CA HIS B 479 -14.26 22.81 -10.85
C HIS B 479 -13.76 22.77 -9.42
N PHE B 480 -14.63 22.40 -8.49
CA PHE B 480 -14.29 22.50 -7.09
C PHE B 480 -14.99 21.44 -6.26
N LYS B 481 -14.44 21.22 -5.06
CA LYS B 481 -15.09 20.42 -4.02
C LYS B 481 -15.42 21.38 -2.88
N LEU B 482 -16.56 21.19 -2.25
CA LEU B 482 -17.04 22.05 -1.17
C LEU B 482 -16.91 21.26 0.13
N ILE B 483 -15.96 21.65 0.97
CA ILE B 483 -15.52 20.86 2.12
C ILE B 483 -16.06 21.53 3.39
N HIS B 484 -16.86 20.78 4.12
CA HIS B 484 -17.40 21.27 5.39
C HIS B 484 -16.26 21.50 6.36
N ASN B 485 -16.18 22.69 6.92
CA ASN B 485 -14.95 23.03 7.64
C ASN B 485 -14.77 22.24 8.94
N PRO B 486 -15.82 22.04 9.75
CA PRO B 486 -15.60 21.28 10.99
C PRO B 486 -15.19 19.83 10.77
N SER B 487 -15.80 19.17 9.80
CA SER B 487 -15.73 17.72 9.66
C SER B 487 -14.87 17.25 8.49
N LYS B 488 -14.60 18.12 7.54
CA LYS B 488 -13.89 17.82 6.30
C LYS B 488 -14.65 16.86 5.40
N VAL B 489 -15.98 16.73 5.55
CA VAL B 489 -16.75 15.99 4.56
C VAL B 489 -16.90 16.83 3.30
N ALA B 490 -17.04 16.17 2.15
CA ALA B 490 -17.25 16.84 0.88
C ALA B 490 -18.72 16.78 0.48
N MET B 491 -19.25 17.90 0.00
CA MET B 491 -20.63 17.91 -0.46
C MET B 491 -20.75 16.99 -1.66
N TRP B 492 -21.70 16.05 -1.59
CA TRP B 492 -21.80 14.95 -2.54
C TRP B 492 -23.25 14.72 -2.94
N THR B 493 -23.43 14.15 -4.12
CA THR B 493 -24.74 13.69 -4.55
C THR B 493 -24.55 12.44 -5.41
N HIS B 494 -25.67 11.85 -5.80
CA HIS B 494 -25.69 10.59 -6.52
C HIS B 494 -27.05 10.48 -7.20
N PRO B 495 -27.22 9.53 -8.12
CA PRO B 495 -28.44 9.54 -8.94
C PRO B 495 -29.73 9.02 -8.32
N THR B 496 -29.69 8.09 -7.39
CA THR B 496 -30.95 7.46 -6.94
C THR B 496 -31.81 8.48 -6.24
N PRO B 497 -33.02 8.77 -6.73
CA PRO B 497 -33.79 9.86 -6.13
C PRO B 497 -34.22 9.58 -4.69
N LEU B 498 -34.41 10.68 -3.95
CA LEU B 498 -35.09 10.63 -2.66
C LEU B 498 -36.52 10.13 -2.84
N PRO B 499 -37.16 9.74 -1.75
CA PRO B 499 -38.59 9.39 -1.80
C PRO B 499 -39.48 10.59 -2.13
N ASP B 500 -40.78 10.34 -2.18
CA ASP B 500 -41.74 11.41 -2.47
C ASP B 500 -41.62 12.57 -1.49
N TRP B 501 -41.24 12.32 -0.24
CA TRP B 501 -41.12 13.43 0.71
C TRP B 501 -40.06 14.44 0.28
N GLY B 502 -39.08 14.00 -0.50
CA GLY B 502 -38.05 14.85 -1.04
C GLY B 502 -38.26 15.18 -2.50
N HIS B 503 -39.50 15.05 -2.96
CA HIS B 503 -39.90 15.45 -4.31
C HIS B 503 -39.17 14.64 -5.37
N ARG B 504 -38.66 13.46 -5.01
CA ARG B 504 -37.92 12.64 -5.98
C ARG B 504 -36.69 13.36 -6.50
N GLN B 505 -36.13 14.31 -5.74
CA GLN B 505 -34.92 15.03 -6.11
C GLN B 505 -33.72 14.23 -5.60
N GLN B 506 -32.52 14.66 -5.98
CA GLN B 506 -31.33 13.96 -5.51
C GLN B 506 -30.99 14.35 -4.07
N GLU B 507 -30.44 13.38 -3.33
CA GLU B 507 -29.91 13.61 -2.00
C GLU B 507 -28.61 14.42 -2.08
N ILE B 508 -28.42 15.30 -1.10
CA ILE B 508 -27.14 15.98 -0.89
C ILE B 508 -26.65 15.57 0.50
N ASN B 509 -25.42 15.06 0.58
CA ASN B 509 -24.87 14.71 1.89
C ASN B 509 -23.36 14.84 1.89
N GLY B 510 -22.77 14.60 3.05
CA GLY B 510 -21.35 14.79 3.23
C GLY B 510 -20.57 13.51 3.15
N ASN B 511 -19.78 13.39 2.09
CA ASN B 511 -18.95 12.23 1.82
C ASN B 511 -17.69 12.31 2.67
N LYS B 512 -17.37 11.23 3.38
CA LYS B 512 -16.16 11.22 4.19
C LYS B 512 -14.90 11.15 3.35
N GLN B 513 -14.98 10.62 2.14
CA GLN B 513 -13.84 10.57 1.24
C GLN B 513 -13.89 11.77 0.31
N ILE B 514 -12.80 12.51 0.23
CA ILE B 514 -12.73 13.69 -0.62
C ILE B 514 -12.28 13.36 -2.04
N ALA B 515 -11.45 12.32 -2.21
CA ALA B 515 -10.86 12.05 -3.52
C ALA B 515 -11.84 11.81 -4.66
N PRO B 516 -13.02 11.22 -4.46
CA PRO B 516 -13.86 10.88 -5.61
C PRO B 516 -14.23 12.05 -6.53
N SER B 517 -14.24 11.75 -7.83
CA SER B 517 -14.69 12.70 -8.83
C SER B 517 -16.15 13.08 -8.68
N SER B 518 -16.94 12.25 -8.02
CA SER B 518 -18.34 12.59 -7.75
C SER B 518 -18.48 13.69 -6.72
N ASN B 519 -17.39 14.17 -6.13
CA ASN B 519 -17.46 15.32 -5.24
C ASN B 519 -17.30 16.65 -6.00
N VAL B 520 -17.16 16.62 -7.32
CA VAL B 520 -16.84 17.83 -8.09
C VAL B 520 -18.10 18.57 -8.51
N TRP B 521 -18.10 19.88 -8.26
CA TRP B 521 -19.13 20.83 -8.66
C TRP B 521 -18.49 21.93 -9.50
N LEU B 522 -19.35 22.74 -10.11
CA LEU B 522 -18.91 23.94 -10.80
C LEU B 522 -19.99 25.00 -10.66
N VAL B 523 -19.60 26.26 -10.80
CA VAL B 523 -20.58 27.35 -10.79
C VAL B 523 -20.98 27.62 -12.23
N GLU B 524 -22.26 27.43 -12.52
CA GLU B 524 -22.69 27.58 -13.91
C GLU B 524 -22.96 29.04 -14.26
N ASP B 525 -23.58 29.80 -13.36
CA ASP B 525 -24.00 31.16 -13.66
C ASP B 525 -23.80 32.04 -12.45
N ILE B 526 -23.31 33.26 -12.68
CA ILE B 526 -23.36 34.31 -11.67
C ILE B 526 -24.64 35.06 -11.96
N VAL B 527 -25.71 34.63 -11.29
CA VAL B 527 -27.07 35.11 -11.57
C VAL B 527 -27.19 36.60 -11.34
N SER B 528 -26.54 37.12 -10.30
CA SER B 528 -26.70 38.51 -9.91
C SER B 528 -25.92 39.48 -10.80
N LEU B 529 -25.00 38.99 -11.62
CA LEU B 529 -24.08 39.86 -12.33
C LEU B 529 -24.67 40.15 -13.71
N PRO B 530 -25.09 41.38 -13.99
CA PRO B 530 -25.79 41.63 -15.25
C PRO B 530 -24.92 41.39 -16.48
N ALA B 531 -25.60 41.17 -17.61
CA ALA B 531 -24.91 40.82 -18.85
C ALA B 531 -24.01 41.94 -19.33
N ASP B 532 -24.32 43.20 -18.99
CA ASP B 532 -23.55 44.35 -19.43
C ASP B 532 -22.53 44.83 -18.41
N HIS B 533 -22.27 44.07 -17.37
CA HIS B 533 -21.39 44.56 -16.32
C HIS B 533 -19.94 44.53 -16.78
N LYS B 534 -19.16 45.50 -16.28
CA LYS B 534 -17.74 45.58 -16.60
CA LYS B 534 -17.73 45.58 -16.59
C LYS B 534 -17.01 44.28 -16.25
N ARG B 535 -17.45 43.57 -15.22
CA ARG B 535 -16.75 42.34 -14.83
C ARG B 535 -16.81 41.29 -15.92
N ARG B 536 -17.72 41.41 -16.88
CA ARG B 536 -17.84 40.45 -17.97
C ARG B 536 -17.01 40.83 -19.19
N GLU B 537 -16.41 42.03 -19.17
CA GLU B 537 -15.52 42.51 -20.25
C GLU B 537 -14.33 41.54 -20.36
N LYS B 538 -13.90 41.20 -21.57
CA LYS B 538 -12.75 40.26 -21.72
C LYS B 538 -11.38 40.86 -22.06
N PRO B 539 -10.38 40.75 -21.15
CA PRO B 539 -9.11 41.50 -21.19
C PRO B 539 -7.78 41.07 -21.87
N GLU B 540 -7.22 42.00 -22.65
CA GLU B 540 -5.90 41.96 -23.36
C GLU B 540 -5.88 40.95 -24.52
N ARG B 541 -6.05 39.67 -24.22
CA ARG B 541 -6.02 38.61 -25.27
C ARG B 541 -4.76 38.69 -26.13
N LYS B 542 -3.56 38.49 -25.55
CA LYS B 542 -2.28 38.51 -26.32
C LYS B 542 -1.52 37.20 -26.11
N VAL B 543 -1.06 36.52 -27.18
CA VAL B 543 -0.55 35.16 -27.16
C VAL B 543 0.94 35.18 -27.48
N LYS B 544 1.76 34.69 -26.57
CA LYS B 544 3.20 34.64 -26.83
C LYS B 544 3.61 33.25 -27.32
N THR B 545 4.89 33.11 -27.63
CA THR B 545 5.45 31.87 -28.15
C THR B 545 6.62 31.44 -27.28
N LEU B 546 6.64 30.14 -26.89
CA LEU B 546 7.67 29.55 -26.06
C LEU B 546 8.49 28.56 -26.89
N PRO B 547 9.75 28.34 -26.54
CA PRO B 547 10.51 27.30 -27.22
C PRO B 547 9.89 25.94 -26.94
N PHE B 548 10.04 25.02 -27.88
CA PHE B 548 9.36 23.74 -27.77
C PHE B 548 9.87 22.95 -26.57
N LEU B 549 11.19 23.00 -26.32
CA LEU B 549 11.75 22.20 -25.23
C LEU B 549 11.20 22.61 -23.88
N ARG B 550 11.04 23.91 -23.66
CA ARG B 550 10.51 24.37 -22.38
C ARG B 550 9.09 23.85 -22.16
N LYS B 551 8.23 23.98 -23.18
CA LYS B 551 6.86 23.48 -23.06
C LYS B 551 6.84 21.98 -22.85
N TRP B 552 7.68 21.25 -23.59
CA TRP B 552 7.71 19.80 -23.42
C TRP B 552 8.15 19.42 -22.03
N PHE B 553 9.16 20.09 -21.49
CA PHE B 553 9.64 19.73 -20.15
C PHE B 553 8.59 20.01 -19.10
N GLU B 554 7.92 21.17 -19.20
CA GLU B 554 6.87 21.47 -18.24
C GLU B 554 5.75 20.44 -18.31
N LEU B 555 5.31 20.13 -19.53
CA LEU B 555 4.22 19.17 -19.69
C LEU B 555 4.63 17.79 -19.20
N GLN B 556 5.85 17.36 -19.49
CA GLN B 556 6.29 16.04 -19.07
C GLN B 556 6.36 15.93 -17.56
N ARG B 557 6.92 16.95 -16.89
CA ARG B 557 6.97 16.90 -15.43
C ARG B 557 5.57 16.88 -14.84
N SER B 558 4.67 17.72 -15.36
CA SER B 558 3.31 17.75 -14.84
C SER B 558 2.61 16.42 -15.07
N MET B 559 2.80 15.82 -16.24
CA MET B 559 2.16 14.54 -16.53
C MET B 559 2.68 13.45 -15.61
N PHE B 560 3.99 13.42 -15.37
CA PHE B 560 4.53 12.41 -14.45
C PHE B 560 4.01 12.61 -13.04
N TRP B 561 3.95 13.86 -12.58
CA TRP B 561 3.47 14.12 -11.22
C TRP B 561 2.00 13.75 -11.06
N HIS B 562 1.16 14.09 -12.05
CA HIS B 562 -0.25 13.74 -11.96
C HIS B 562 -0.46 12.23 -12.06
N ASN B 563 0.33 11.54 -12.89
CA ASN B 563 0.22 10.10 -12.91
C ASN B 563 0.72 9.50 -11.60
N ASN B 564 1.63 10.19 -10.92
CA ASN B 564 2.07 9.76 -9.59
C ASN B 564 1.04 10.00 -8.50
N GLN B 565 0.12 10.96 -8.66
CA GLN B 565 -0.87 11.15 -7.61
C GLN B 565 -2.32 11.03 -8.04
N LEU B 566 -2.66 11.24 -9.32
CA LEU B 566 -4.07 11.33 -9.72
C LEU B 566 -4.55 9.95 -10.18
N THR B 567 -4.95 9.15 -9.20
CA THR B 567 -5.46 7.80 -9.46
C THR B 567 -6.91 7.72 -9.04
N ALA B 568 -7.74 7.17 -9.93
CA ALA B 568 -9.16 6.97 -9.69
C ALA B 568 -9.42 5.49 -9.49
N SER B 569 -10.12 5.15 -8.41
CA SER B 569 -10.35 3.76 -8.06
C SER B 569 -11.28 3.08 -9.06
N HIS B 570 -11.01 1.81 -9.33
CA HIS B 570 -11.86 0.99 -10.18
C HIS B 570 -12.09 -0.35 -9.50
N PRO B 571 -13.32 -0.87 -9.55
CA PRO B 571 -13.64 -2.12 -8.84
C PRO B 571 -13.03 -3.36 -9.46
N TYR B 572 -12.51 -3.29 -10.68
CA TYR B 572 -12.02 -4.47 -11.38
C TYR B 572 -10.51 -4.47 -11.55
N ALA B 573 -9.79 -3.72 -10.72
CA ALA B 573 -8.34 -3.77 -10.79
C ALA B 573 -7.85 -5.17 -10.42
N SER B 574 -6.86 -5.65 -11.17
CA SER B 574 -6.34 -6.99 -11.00
C SER B 574 -4.88 -6.93 -10.58
N LEU B 575 -4.34 -8.09 -10.24
CA LEU B 575 -2.94 -8.21 -9.89
C LEU B 575 -2.23 -9.10 -10.91
N PRO B 576 -0.92 -8.88 -11.12
CA PRO B 576 -0.22 -9.64 -12.17
C PRO B 576 -0.29 -11.14 -12.01
N TYR B 577 -0.41 -11.66 -10.79
CA TYR B 577 -0.43 -13.11 -10.61
C TYR B 577 -1.70 -13.75 -11.13
N GLN B 578 -2.76 -12.96 -11.35
CA GLN B 578 -4.02 -13.50 -11.84
C GLN B 578 -4.13 -13.54 -13.35
N TRP B 579 -3.18 -12.96 -14.07
CA TRP B 579 -3.32 -12.79 -15.50
C TRP B 579 -3.05 -14.07 -16.31
N PRO B 580 -1.93 -14.77 -16.13
CA PRO B 580 -1.60 -15.85 -17.06
C PRO B 580 -2.62 -16.97 -17.09
N PHE B 581 -3.43 -17.14 -16.06
CA PHE B 581 -4.40 -18.22 -16.03
C PHE B 581 -5.84 -17.72 -15.91
N LEU B 582 -6.08 -16.42 -16.08
CA LEU B 582 -7.41 -15.86 -16.18
C LEU B 582 -8.26 -16.19 -14.94
N LEU B 583 -7.82 -15.69 -13.80
CA LEU B 583 -8.58 -15.92 -12.58
C LEU B 583 -9.73 -14.96 -12.39
N ARG B 584 -9.78 -13.87 -13.17
CA ARG B 584 -10.81 -12.85 -13.00
C ARG B 584 -10.81 -11.96 -14.22
N GLY B 585 -12.00 -11.49 -14.59
CA GLY B 585 -12.15 -10.63 -15.76
C GLY B 585 -12.90 -9.37 -15.41
N VAL B 586 -12.75 -8.38 -16.28
CA VAL B 586 -13.33 -7.05 -16.12
C VAL B 586 -14.58 -6.92 -16.99
N SER B 587 -15.55 -6.15 -16.51
CA SER B 587 -16.78 -5.87 -17.25
C SER B 587 -16.75 -4.43 -17.72
N PHE B 588 -17.07 -4.22 -18.99
CA PHE B 588 -17.03 -2.91 -19.62
C PHE B 588 -18.38 -2.22 -19.68
N TRP B 589 -19.40 -2.91 -20.16
CA TRP B 589 -20.70 -2.30 -20.44
C TRP B 589 -21.78 -3.35 -20.30
N THR B 590 -22.95 -2.92 -19.84
CA THR B 590 -24.08 -3.82 -19.69
C THR B 590 -25.36 -3.02 -19.59
N ASN B 591 -26.42 -3.53 -20.21
CA ASN B 591 -27.76 -3.00 -20.02
C ASN B 591 -28.69 -4.14 -19.64
N SER B 592 -29.64 -3.85 -18.75
CA SER B 592 -30.49 -4.88 -18.14
C SER B 592 -31.72 -5.22 -18.96
N GLU B 593 -32.12 -4.38 -19.90
CA GLU B 593 -33.34 -4.66 -20.65
C GLU B 593 -33.14 -5.75 -21.68
N THR B 594 -31.99 -5.74 -22.36
CA THR B 594 -31.69 -6.74 -23.37
C THR B 594 -30.87 -7.90 -22.84
N ARG B 595 -30.41 -7.83 -21.59
CA ARG B 595 -29.58 -8.85 -20.97
C ARG B 595 -28.32 -9.11 -21.81
N GLN B 596 -27.58 -8.03 -22.03
CA GLN B 596 -26.38 -8.07 -22.87
C GLN B 596 -25.22 -7.51 -22.06
N GLN B 597 -24.19 -8.33 -21.89
CA GLN B 597 -22.98 -7.98 -21.18
C GLN B 597 -21.79 -8.08 -22.12
N ILE B 598 -20.76 -7.29 -21.86
CA ILE B 598 -19.56 -7.27 -22.70
C ILE B 598 -18.34 -7.57 -21.83
N TYR B 599 -18.54 -8.39 -20.80
CA TYR B 599 -17.51 -8.81 -19.86
C TYR B 599 -16.23 -9.20 -20.58
N PHE B 600 -15.14 -8.50 -20.27
CA PHE B 600 -13.88 -8.64 -20.97
C PHE B 600 -13.01 -9.69 -20.29
N LEU B 601 -12.69 -10.76 -21.01
CA LEU B 601 -11.77 -11.76 -20.51
C LEU B 601 -11.16 -12.47 -21.71
N GLY B 602 -10.02 -13.10 -21.47
CA GLY B 602 -9.33 -13.83 -22.52
C GLY B 602 -10.03 -15.12 -22.84
N ASN B 603 -9.43 -15.87 -23.75
CA ASN B 603 -9.94 -17.19 -24.09
C ASN B 603 -9.37 -18.19 -23.11
N PRO B 604 -10.16 -18.74 -22.19
CA PRO B 604 -9.58 -19.56 -21.12
C PRO B 604 -8.78 -20.74 -21.62
N VAL B 605 -9.24 -21.44 -22.66
CA VAL B 605 -8.48 -22.59 -23.14
C VAL B 605 -7.17 -22.12 -23.77
N GLY B 606 -7.20 -21.07 -24.57
CA GLY B 606 -5.99 -20.58 -25.21
C GLY B 606 -4.97 -20.06 -24.21
N TRP B 607 -5.43 -19.28 -23.22
CA TRP B 607 -4.51 -18.74 -22.23
C TRP B 607 -3.91 -19.83 -21.36
N TRP B 608 -4.72 -20.81 -20.94
CA TRP B 608 -4.20 -21.90 -20.13
C TRP B 608 -3.17 -22.71 -20.89
N ILE B 609 -3.45 -23.03 -22.16
CA ILE B 609 -2.49 -23.78 -22.96
C ILE B 609 -1.21 -22.98 -23.17
N ALA B 610 -1.33 -21.68 -23.45
CA ALA B 610 -0.14 -20.86 -23.66
C ALA B 610 0.73 -20.79 -22.41
N SER B 611 0.11 -20.59 -21.26
CA SER B 611 0.87 -20.53 -20.01
C SER B 611 1.49 -21.88 -19.67
N SER B 612 0.75 -22.96 -19.90
CA SER B 612 1.28 -24.30 -19.66
C SER B 612 2.48 -24.58 -20.55
N VAL B 613 2.42 -24.13 -21.80
CA VAL B 613 3.56 -24.31 -22.70
C VAL B 613 4.73 -23.43 -22.27
N LEU B 614 4.46 -22.26 -21.70
CA LEU B 614 5.54 -21.48 -21.11
C LEU B 614 6.26 -22.29 -20.03
N ALA B 615 5.48 -22.92 -19.15
CA ALA B 615 6.07 -23.75 -18.10
C ALA B 615 6.84 -24.93 -18.69
N ILE B 616 6.29 -25.56 -19.73
CA ILE B 616 6.97 -26.69 -20.37
C ILE B 616 8.27 -26.24 -21.00
N TYR B 617 8.30 -25.05 -21.59
CA TYR B 617 9.54 -24.54 -22.16
C TYR B 617 10.57 -24.29 -21.07
N VAL B 618 10.14 -23.75 -19.94
CA VAL B 618 11.06 -23.57 -18.81
C VAL B 618 11.66 -24.90 -18.41
N GLY B 619 10.80 -25.91 -18.27
CA GLY B 619 11.29 -27.23 -17.89
C GLY B 619 12.23 -27.84 -18.91
N ILE B 620 11.95 -27.63 -20.20
CA ILE B 620 12.80 -28.16 -21.25
C ILE B 620 14.18 -27.51 -21.20
N VAL B 621 14.23 -26.19 -21.03
CA VAL B 621 15.51 -25.50 -20.92
C VAL B 621 16.28 -25.99 -19.71
N LEU B 622 15.59 -26.14 -18.57
CA LEU B 622 16.26 -26.62 -17.37
C LEU B 622 16.83 -28.02 -17.58
N ALA B 623 16.05 -28.92 -18.18
CA ALA B 623 16.53 -30.27 -18.42
C ALA B 623 17.70 -30.31 -19.37
N ASP B 624 17.66 -29.48 -20.43
CA ASP B 624 18.77 -29.45 -21.38
C ASP B 624 20.03 -28.94 -20.71
N GLN B 625 19.93 -27.89 -19.89
CA GLN B 625 21.10 -27.39 -19.18
C GLN B 625 21.65 -28.42 -18.20
N PHE B 626 20.75 -29.11 -17.49
CA PHE B 626 21.20 -30.12 -16.54
C PHE B 626 21.89 -31.28 -17.23
N SER B 627 21.37 -31.70 -18.39
CA SER B 627 22.02 -32.77 -19.14
C SER B 627 23.36 -32.30 -19.72
N LEU B 628 23.45 -31.04 -20.10
CA LEU B 628 24.72 -30.51 -20.57
C LEU B 628 25.75 -30.44 -19.45
N ARG B 629 25.32 -30.21 -18.21
CA ARG B 629 26.26 -30.13 -17.11
C ARG B 629 26.90 -31.50 -16.85
N ARG B 630 26.13 -32.57 -17.03
CA ARG B 630 26.62 -33.94 -17.02
C ARG B 630 27.46 -34.29 -18.25
N GLY B 631 27.52 -33.42 -19.25
CA GLY B 631 28.28 -33.71 -20.44
C GLY B 631 27.53 -34.45 -21.52
N ILE B 632 26.20 -34.41 -21.50
CA ILE B 632 25.36 -35.04 -22.51
C ILE B 632 24.71 -33.95 -23.34
N ASP B 633 24.81 -34.06 -24.66
CA ASP B 633 24.26 -33.02 -25.53
C ASP B 633 22.74 -33.16 -25.69
N ALA B 634 22.29 -34.30 -26.21
CA ALA B 634 20.88 -34.64 -26.36
C ALA B 634 20.12 -33.73 -27.31
N LEU B 635 20.79 -32.77 -27.93
CA LEU B 635 20.14 -31.84 -28.85
C LEU B 635 21.06 -31.58 -30.03
N ASP B 636 20.46 -31.58 -31.23
CA ASP B 636 21.19 -31.20 -32.44
C ASP B 636 21.58 -29.74 -32.38
N HIS B 637 22.57 -29.37 -33.21
CA HIS B 637 23.03 -27.99 -33.21
C HIS B 637 21.91 -27.07 -33.65
N ARG B 638 21.20 -27.45 -34.72
CA ARG B 638 20.14 -26.63 -35.26
C ARG B 638 18.99 -26.52 -34.28
N THR B 639 18.62 -27.62 -33.64
CA THR B 639 17.50 -27.61 -32.71
C THR B 639 17.86 -26.96 -31.38
N ARG B 640 19.13 -26.96 -31.01
CA ARG B 640 19.53 -26.24 -29.81
C ARG B 640 19.46 -24.74 -30.04
N SER B 641 20.20 -24.26 -31.04
CA SER B 641 20.29 -22.82 -31.29
C SER B 641 18.91 -22.18 -31.42
N ARG B 642 18.04 -22.76 -32.23
CA ARG B 642 16.70 -22.23 -32.35
C ARG B 642 16.04 -22.13 -30.98
N LEU B 643 16.04 -23.23 -30.22
CA LEU B 643 15.39 -23.23 -28.92
C LEU B 643 15.99 -22.21 -27.98
N TYR B 644 17.21 -21.77 -28.21
CA TYR B 644 17.79 -20.72 -27.38
C TYR B 644 17.80 -19.36 -28.05
N ASN B 645 17.72 -19.31 -29.37
CA ASN B 645 17.85 -18.04 -30.07
C ASN B 645 16.52 -17.48 -30.53
N SER B 646 15.67 -18.31 -31.13
CA SER B 646 14.37 -17.83 -31.56
C SER B 646 13.34 -18.01 -30.45
N THR B 647 13.07 -19.25 -30.05
CA THR B 647 12.06 -19.50 -29.03
C THR B 647 12.42 -18.79 -27.74
N GLY B 648 13.69 -18.89 -27.32
CA GLY B 648 14.12 -18.16 -26.15
C GLY B 648 13.84 -16.68 -26.25
N PHE B 649 14.11 -16.09 -27.41
CA PHE B 649 13.79 -14.69 -27.63
C PHE B 649 12.33 -14.41 -27.31
N PHE B 650 11.43 -15.25 -27.82
CA PHE B 650 10.02 -15.08 -27.51
C PHE B 650 9.78 -15.19 -26.01
N PHE B 651 10.37 -16.20 -25.38
CA PHE B 651 10.22 -16.30 -23.92
C PHE B 651 10.79 -15.10 -23.22
N LEU B 652 11.80 -14.46 -23.81
CA LEU B 652 12.29 -13.21 -23.23
C LEU B 652 11.18 -12.18 -23.23
N ALA B 653 10.53 -11.99 -24.38
CA ALA B 653 9.55 -10.92 -24.51
C ALA B 653 8.46 -11.06 -23.43
N TRP B 654 7.85 -12.23 -23.36
CA TRP B 654 6.87 -12.51 -22.31
C TRP B 654 7.38 -12.08 -20.95
N ALA B 655 8.56 -12.56 -20.56
CA ALA B 655 9.09 -12.20 -19.26
C ALA B 655 9.22 -10.70 -19.12
N THR B 656 9.83 -10.05 -20.11
CA THR B 656 10.05 -8.62 -20.02
C THR B 656 8.77 -7.82 -20.10
N HIS B 657 7.66 -8.44 -20.45
CA HIS B 657 6.38 -7.75 -20.48
C HIS B 657 5.46 -8.20 -19.36
N TYR B 658 5.90 -9.12 -18.51
CA TYR B 658 5.07 -9.60 -17.42
C TYR B 658 5.66 -9.28 -16.06
N PHE B 659 6.90 -9.67 -15.81
CA PHE B 659 7.50 -9.44 -14.50
C PHE B 659 7.57 -7.98 -14.09
N PRO B 660 7.90 -7.01 -14.96
CA PRO B 660 7.96 -5.62 -14.50
C PRO B 660 6.64 -5.08 -13.98
N PHE B 661 5.54 -5.83 -14.09
CA PHE B 661 4.29 -5.41 -13.50
C PHE B 661 4.21 -5.70 -12.02
N PHE B 662 5.08 -6.55 -11.49
CA PHE B 662 5.14 -6.75 -10.05
C PHE B 662 5.85 -5.60 -9.34
N VAL B 663 6.83 -5.00 -10.01
CA VAL B 663 7.54 -3.86 -9.43
C VAL B 663 6.62 -2.65 -9.32
N MET B 664 5.72 -2.47 -10.27
CA MET B 664 4.79 -1.35 -10.23
C MET B 664 3.59 -1.69 -9.36
N GLY B 665 3.25 -0.78 -8.45
CA GLY B 665 2.22 -1.06 -7.48
C GLY B 665 0.99 -0.20 -7.59
N ARG B 666 0.73 0.36 -8.77
CA ARG B 666 -0.49 1.12 -9.00
C ARG B 666 -1.57 0.18 -9.52
N GLN B 667 -2.69 0.74 -9.97
CA GLN B 667 -3.78 -0.09 -10.47
C GLN B 667 -3.41 -0.70 -11.81
N LEU B 668 -3.64 -2.01 -11.95
CA LEU B 668 -3.38 -2.72 -13.19
C LEU B 668 -4.59 -3.57 -13.53
N PHE B 669 -4.88 -3.69 -14.81
CA PHE B 669 -6.02 -4.45 -15.31
C PHE B 669 -5.53 -5.59 -16.20
N LEU B 670 -6.47 -6.48 -16.54
CA LEU B 670 -6.12 -7.67 -17.30
C LEU B 670 -5.56 -7.32 -18.67
N HIS B 671 -6.05 -6.23 -19.28
CA HIS B 671 -5.56 -5.87 -20.60
C HIS B 671 -4.08 -5.52 -20.60
N HIS B 672 -3.51 -5.18 -19.44
CA HIS B 672 -2.08 -4.94 -19.36
C HIS B 672 -1.26 -6.18 -19.69
N TYR B 673 -1.86 -7.37 -19.57
CA TYR B 673 -1.19 -8.60 -19.95
C TYR B 673 -1.34 -8.93 -21.42
N LEU B 674 -2.10 -8.15 -22.18
CA LEU B 674 -2.26 -8.43 -23.60
C LEU B 674 -0.95 -8.47 -24.38
N PRO B 675 0.00 -7.55 -24.20
CA PRO B 675 1.28 -7.70 -24.89
C PRO B 675 2.01 -8.98 -24.53
N ALA B 676 2.22 -9.24 -23.24
CA ALA B 676 2.97 -10.42 -22.82
C ALA B 676 2.31 -11.69 -23.30
N HIS B 677 0.98 -11.81 -23.16
CA HIS B 677 0.30 -12.99 -23.67
C HIS B 677 0.59 -13.22 -25.13
N LEU B 678 0.74 -12.13 -25.90
CA LEU B 678 1.11 -12.24 -27.30
C LEU B 678 2.36 -13.09 -27.47
N ALA B 679 3.42 -12.75 -26.73
CA ALA B 679 4.63 -13.55 -26.81
C ALA B 679 4.40 -14.97 -26.35
N SER B 680 3.50 -15.16 -25.38
CA SER B 680 3.14 -16.50 -24.96
C SER B 680 2.59 -17.33 -26.10
N THR B 681 1.86 -16.69 -27.03
CA THR B 681 1.32 -17.41 -28.17
C THR B 681 2.40 -17.80 -29.16
N LEU B 682 3.57 -17.16 -29.09
CA LEU B 682 4.64 -17.51 -30.01
C LEU B 682 5.35 -18.77 -29.55
N VAL B 683 5.81 -18.79 -28.30
CA VAL B 683 6.56 -19.95 -27.81
C VAL B 683 5.73 -21.21 -27.99
N THR B 684 4.41 -21.12 -27.72
CA THR B 684 3.53 -22.25 -27.93
C THR B 684 3.74 -22.86 -29.31
N GLY B 685 3.62 -22.03 -30.34
CA GLY B 685 3.83 -22.53 -31.68
C GLY B 685 5.19 -23.18 -31.84
N ALA B 686 6.23 -22.51 -31.33
CA ALA B 686 7.56 -23.09 -31.42
C ALA B 686 7.62 -24.45 -30.75
N LEU B 687 7.03 -24.56 -29.56
CA LEU B 687 7.07 -25.84 -28.85
C LEU B 687 6.27 -26.92 -29.54
N VAL B 688 5.34 -26.56 -30.41
CA VAL B 688 4.67 -27.60 -31.17
C VAL B 688 5.55 -28.07 -32.31
N GLU B 689 6.36 -27.18 -32.88
CA GLU B 689 7.34 -27.64 -33.86
C GLU B 689 8.43 -28.45 -33.20
N PHE B 690 8.74 -28.14 -31.93
CA PHE B 690 9.87 -28.75 -31.26
C PHE B 690 9.58 -30.20 -30.87
N ILE B 691 8.58 -30.42 -30.02
CA ILE B 691 8.41 -31.75 -29.44
C ILE B 691 7.93 -32.75 -30.48
N PHE B 692 7.18 -32.30 -31.49
CA PHE B 692 6.69 -33.18 -32.54
C PHE B 692 7.56 -33.14 -33.79
N SER B 693 8.86 -32.90 -33.63
CA SER B 693 9.77 -32.86 -34.76
C SER B 693 10.49 -34.19 -34.89
N PRO B 694 10.33 -34.92 -36.01
CA PRO B 694 11.04 -36.17 -36.25
C PRO B 694 12.51 -35.94 -36.54
N PHE B 729 16.36 -27.82 -42.68
CA PHE B 729 15.09 -27.84 -43.38
C PHE B 729 14.36 -29.16 -43.14
N ALA B 730 15.03 -30.11 -42.48
CA ALA B 730 14.46 -31.43 -42.30
C ALA B 730 13.11 -31.36 -41.60
N GLY B 731 12.04 -31.64 -42.34
CA GLY B 731 10.70 -31.57 -41.81
C GLY B 731 9.79 -32.66 -42.36
N GLN B 732 10.36 -33.78 -42.77
CA GLN B 732 9.56 -34.87 -43.30
C GLN B 732 8.55 -35.39 -42.28
N SER B 733 7.32 -35.55 -42.73
CA SER B 733 6.21 -36.04 -41.92
C SER B 733 5.91 -35.10 -40.76
N LEU B 734 5.52 -33.87 -41.12
CA LEU B 734 5.03 -32.93 -40.12
C LEU B 734 3.69 -33.32 -39.62
N MET B 735 3.19 -34.50 -39.99
CA MET B 735 1.85 -34.91 -39.64
C MET B 735 1.62 -34.82 -38.14
N GLY B 736 2.63 -35.11 -37.35
CA GLY B 736 2.49 -35.00 -35.91
C GLY B 736 2.14 -33.60 -35.47
N SER B 737 2.95 -32.62 -35.90
CA SER B 737 2.67 -31.22 -35.57
C SER B 737 1.38 -30.75 -36.21
N TRP B 738 1.03 -31.27 -37.37
CA TRP B 738 -0.23 -30.89 -38.01
C TRP B 738 -1.42 -31.31 -37.16
N ILE B 739 -1.42 -32.55 -36.70
CA ILE B 739 -2.50 -33.03 -35.83
C ILE B 739 -2.49 -32.26 -34.52
N ALA B 740 -1.31 -32.00 -33.96
CA ALA B 740 -1.23 -31.26 -32.71
C ALA B 740 -1.86 -29.88 -32.83
N THR B 741 -1.45 -29.12 -33.85
CA THR B 741 -2.01 -27.79 -34.02
C THR B 741 -3.47 -27.83 -34.41
N ALA B 742 -3.90 -28.84 -35.19
CA ALA B 742 -5.31 -28.95 -35.52
C ALA B 742 -6.15 -29.17 -34.28
N VAL B 743 -5.72 -30.08 -33.41
CA VAL B 743 -6.48 -30.37 -32.19
C VAL B 743 -6.50 -29.15 -31.27
N ILE B 744 -5.33 -28.54 -31.04
CA ILE B 744 -5.27 -27.40 -30.12
C ILE B 744 -6.12 -26.26 -30.66
N LEU B 745 -6.03 -25.98 -31.96
CA LEU B 745 -6.80 -24.87 -32.51
C LEU B 745 -8.29 -25.17 -32.57
N ALA B 746 -8.69 -26.43 -32.78
CA ALA B 746 -10.11 -26.76 -32.73
C ALA B 746 -10.67 -26.57 -31.33
N LEU B 747 -9.91 -27.00 -30.31
CA LEU B 747 -10.34 -26.82 -28.93
C LEU B 747 -10.44 -25.35 -28.56
N VAL B 748 -9.43 -24.57 -28.97
CA VAL B 748 -9.46 -23.13 -28.70
C VAL B 748 -10.60 -22.46 -29.45
N ALA B 749 -10.91 -22.95 -30.66
CA ALA B 749 -12.02 -22.41 -31.41
C ALA B 749 -13.35 -22.71 -30.72
N TRP B 750 -13.51 -23.92 -30.18
CA TRP B 750 -14.71 -24.21 -29.41
C TRP B 750 -14.81 -23.29 -28.19
N SER B 751 -13.70 -23.08 -27.50
CA SER B 751 -13.70 -22.19 -26.34
C SER B 751 -14.02 -20.75 -26.72
N TRP B 752 -13.53 -20.29 -27.87
CA TRP B 752 -13.83 -18.95 -28.33
C TRP B 752 -15.29 -18.81 -28.73
N TRP B 753 -15.84 -19.85 -29.36
CA TRP B 753 -17.27 -19.84 -29.68
C TRP B 753 -18.12 -19.81 -28.44
N PHE B 754 -17.69 -20.51 -27.38
CA PHE B 754 -18.45 -20.52 -26.14
C PHE B 754 -18.56 -19.15 -25.51
N PHE B 755 -17.47 -18.39 -25.50
CA PHE B 755 -17.45 -17.10 -24.84
C PHE B 755 -17.66 -15.94 -25.80
N LEU B 756 -18.00 -16.22 -27.04
CA LEU B 756 -18.19 -15.16 -28.03
C LEU B 756 -19.28 -14.16 -27.66
N PRO B 757 -20.47 -14.56 -27.20
CA PRO B 757 -21.46 -13.55 -26.79
C PRO B 757 -20.93 -12.56 -25.76
N LEU B 758 -20.26 -13.07 -24.73
CA LEU B 758 -19.67 -12.21 -23.71
C LEU B 758 -18.65 -11.25 -24.31
N THR B 759 -18.04 -11.62 -25.43
CA THR B 759 -17.13 -10.71 -26.11
C THR B 759 -17.87 -9.64 -26.89
N TYR B 760 -19.02 -9.98 -27.48
CA TYR B 760 -19.73 -9.07 -28.36
C TYR B 760 -20.92 -8.42 -27.67
N GLY B 761 -21.71 -9.20 -26.95
CA GLY B 761 -22.89 -8.68 -26.31
C GLY B 761 -24.08 -8.49 -27.22
N TYR B 762 -24.05 -9.05 -28.43
CA TYR B 762 -25.18 -8.91 -29.33
C TYR B 762 -26.31 -9.85 -28.93
N PRO B 763 -26.09 -11.16 -28.78
CA PRO B 763 -27.21 -12.04 -28.45
C PRO B 763 -27.48 -12.02 -26.95
N GLY B 764 -28.71 -11.70 -26.58
CA GLY B 764 -29.10 -11.79 -25.18
C GLY B 764 -29.10 -13.23 -24.74
N MET B 765 -28.37 -13.52 -23.65
CA MET B 765 -28.22 -14.88 -23.17
C MET B 765 -29.09 -15.14 -21.95
N SER B 766 -29.60 -16.37 -21.85
CA SER B 766 -30.47 -16.76 -20.76
C SER B 766 -29.67 -16.90 -19.46
N VAL B 767 -30.41 -16.97 -18.35
CA VAL B 767 -29.76 -17.03 -17.03
C VAL B 767 -28.94 -18.31 -16.89
N GLN B 768 -29.51 -19.44 -17.30
CA GLN B 768 -28.76 -20.69 -17.20
C GLN B 768 -27.54 -20.69 -18.11
N GLN B 769 -27.62 -19.97 -19.23
CA GLN B 769 -26.45 -19.83 -20.10
C GLN B 769 -25.37 -18.97 -19.45
N VAL B 770 -25.77 -17.98 -18.65
CA VAL B 770 -24.79 -17.20 -17.90
C VAL B 770 -24.07 -18.08 -16.89
N LEU B 771 -24.78 -19.03 -16.28
CA LEU B 771 -24.17 -19.91 -15.29
C LEU B 771 -23.07 -20.76 -15.91
N ARG B 772 -23.26 -21.21 -17.15
CA ARG B 772 -22.28 -22.08 -17.77
C ARG B 772 -20.94 -21.40 -17.97
N ARG B 773 -20.91 -20.06 -18.04
CA ARG B 773 -19.68 -19.31 -18.21
C ARG B 773 -18.99 -19.01 -16.88
N LYS B 774 -19.60 -19.36 -15.76
CA LYS B 774 -19.02 -19.14 -14.43
C LYS B 774 -18.00 -20.23 -14.13
N TRP B 775 -16.86 -20.16 -14.81
CA TRP B 775 -15.85 -21.21 -14.64
C TRP B 775 -14.97 -20.98 -13.43
N LEU B 776 -14.23 -19.87 -13.43
CA LEU B 776 -13.27 -19.58 -12.36
C LEU B 776 -13.70 -18.38 -11.54
N GLY B 777 -15.00 -18.26 -11.29
CA GLY B 777 -15.49 -17.15 -10.51
C GLY B 777 -15.47 -15.84 -11.26
N TYR B 778 -16.24 -15.76 -12.34
CA TYR B 778 -16.35 -14.55 -13.14
C TYR B 778 -17.62 -13.82 -12.74
N ASP B 779 -17.49 -12.56 -12.35
CA ASP B 779 -18.63 -11.78 -11.88
C ASP B 779 -19.41 -11.30 -13.10
N LEU B 780 -20.38 -12.11 -13.51
CA LEU B 780 -21.23 -11.77 -14.65
C LEU B 780 -22.49 -11.03 -14.25
N HIS B 781 -22.88 -11.09 -12.97
CA HIS B 781 -24.00 -10.33 -12.42
C HIS B 781 -25.28 -10.44 -13.25
N PHE B 782 -25.42 -11.51 -14.03
CA PHE B 782 -26.67 -11.85 -14.70
C PHE B 782 -27.08 -13.27 -14.36
N ALA B 783 -26.85 -13.66 -13.11
CA ALA B 783 -27.16 -15.00 -12.66
C ALA B 783 -28.29 -14.97 -11.63
#